data_5IJC
#
_entry.id   5IJC
#
_cell.length_a   70.752
_cell.length_b   148.559
_cell.length_c   131.720
_cell.angle_alpha   90.000
_cell.angle_beta   98.304
_cell.angle_gamma   90.000
#
_symmetry.space_group_name_H-M   'P 1 21 1'
#
loop_
_entity.id
_entity.type
_entity.pdbx_description
1 polymer 'Toll-like receptor 4,Variable lymphocyte receptor B'
2 polymer 'Lymphocyte antigen 96'
3 branched 2-acetamido-2-deoxy-beta-D-glucopyranose-(1-4)-2-acetamido-2-deoxy-beta-D-glucopyranose
4 non-polymer 2-acetamido-2-deoxy-beta-D-glucopyranose
5 non-polymer 'neoseptin 3'
6 water water
#
loop_
_entity_poly.entity_id
_entity_poly.type
_entity_poly.pdbx_seq_one_letter_code
_entity_poly.pdbx_strand_id
1 'polypeptide(L)'
;MLLVNQSHQGFNKEHTSKMVSAIVLYVLLAAAAHSAFAADPNPCIEVVPNITYQCMDQKLSKVPDDIPSSTKNIDLSFNP
LKILKSYSFSNFSELQWLDLSRCEIETIEDKAWHGLHHLSNLILTGNPIQSFSPGSFSGLTSLENLVAVETKLASLESFP
IGQLITLKKLNVAHNFIHSCKLPAYFSNLTNLVHVDLSYNYIQTITVNDLQFLRENPQVNLSLDMSLNPIDFIQDQAFQG
IKLHELTLRGNFNSSNIMKTCLQNLAGLHVHRLILGEFKDERNLEIFEPSIMEGLCDVTIDEFRLTYTNDFSDDIVKFHC
LANVSAMSLAGVSIKYLEDVPKHFKWQSLSIIRCQLKQFPTLDLPFLKSLTLTMNKGSISFKKVALPSLSYLDLSRNALS
FSGCCSYSDLGTNSLRHLDLSFNGAIIMSANFMGLEELQHLDFQHSTLKRVTEFSAFLSLEKLLYLDISYTNTKIDFDGI
FLGLTSLNTLKMAGNSFKDNTLSNVFANTTNLTFLDLSKCQLEQISWGVFDTLHRLQLLNMSHNNLLFLDSSHYNQLYSL
KELALDTNQLKSVPDGIFDRLTSLQKIWLHTNPWDCSCPRIDYLSRWLNKNSQKEQGSAKCSGSGKPVRSIICPT
;
A,B
2 'polypeptide(L)'
;MLLVNQSHQGFNKEHTSKMVSAIVLYVLLAAAAHSAFAADPEKQQWFCNSSDAIISYSYCDHLKFPISISSEPCIRLRGT
NGFVHVEFIPRGNLKYLYFNLFISVNSIELPKRKEVLCHGHDDDYSFCRALKGETVNTSIPFSFEGILFPKGHYRCVAEA
IAGDTEEKLFCLNFTIIHRRDVNKGENLYFQ
;
C,D
#
# COMPACT_ATOMS: atom_id res chain seq x y z
N PRO A 43 -43.66 -34.68 -0.08
CA PRO A 43 -42.57 -35.54 -0.56
C PRO A 43 -41.38 -34.77 -1.10
N CYS A 44 -41.61 -33.53 -1.53
CA CYS A 44 -40.59 -32.67 -2.09
C CYS A 44 -40.25 -31.56 -1.09
N ILE A 45 -39.74 -30.42 -1.59
CA ILE A 45 -39.34 -29.29 -0.76
C ILE A 45 -39.89 -28.04 -1.46
N GLU A 46 -40.89 -27.40 -0.84
CA GLU A 46 -41.48 -26.20 -1.43
C GLU A 46 -40.53 -25.02 -1.19
N VAL A 47 -40.11 -24.39 -2.29
CA VAL A 47 -39.24 -23.22 -2.20
C VAL A 47 -40.11 -21.97 -2.13
N VAL A 48 -40.96 -21.77 -3.13
CA VAL A 48 -41.90 -20.66 -3.12
C VAL A 48 -43.32 -21.19 -3.07
N ILE A 51 -45.16 -22.51 -6.52
CA ILE A 51 -44.60 -21.85 -7.69
C ILE A 51 -43.26 -22.47 -8.04
N THR A 52 -42.47 -22.81 -7.02
CA THR A 52 -41.16 -23.42 -7.20
C THR A 52 -41.03 -24.59 -6.24
N TYR A 53 -40.76 -25.77 -6.79
CA TYR A 53 -40.65 -26.98 -5.99
C TYR A 53 -39.37 -27.73 -6.34
N GLN A 54 -38.70 -28.24 -5.32
CA GLN A 54 -37.35 -28.80 -5.42
C GLN A 54 -37.40 -30.26 -4.98
N CYS A 55 -37.43 -31.18 -5.95
CA CYS A 55 -37.53 -32.61 -5.69
C CYS A 55 -36.22 -33.34 -6.01
N MET A 56 -35.08 -32.70 -5.77
CA MET A 56 -33.80 -33.28 -6.12
C MET A 56 -33.40 -34.38 -5.14
N ASP A 57 -32.93 -35.51 -5.70
CA ASP A 57 -32.36 -36.60 -4.92
C ASP A 57 -33.32 -37.09 -3.84
N GLN A 58 -34.56 -37.34 -4.25
CA GLN A 58 -35.58 -37.85 -3.34
C GLN A 58 -35.92 -39.31 -3.64
N LYS A 59 -35.08 -40.00 -4.40
CA LYS A 59 -35.26 -41.41 -4.77
C LYS A 59 -36.59 -41.66 -5.47
N LEU A 60 -37.17 -40.63 -6.09
CA LEU A 60 -38.46 -40.75 -6.73
C LEU A 60 -38.38 -41.63 -7.97
N SER A 61 -39.48 -42.33 -8.25
CA SER A 61 -39.60 -43.15 -9.44
C SER A 61 -40.32 -42.44 -10.58
N LYS A 62 -41.22 -41.51 -10.26
CA LYS A 62 -41.90 -40.71 -11.27
C LYS A 62 -42.19 -39.34 -10.67
N VAL A 63 -42.59 -38.42 -11.53
CA VAL A 63 -42.87 -37.03 -11.14
C VAL A 63 -43.88 -36.95 -10.01
N ASP A 65 -46.94 -35.92 -7.83
CA ASP A 65 -48.31 -35.48 -8.09
C ASP A 65 -48.83 -34.61 -6.96
N ASP A 66 -47.98 -34.33 -5.97
CA ASP A 66 -48.31 -33.43 -4.88
C ASP A 66 -47.89 -32.00 -5.15
N ILE A 67 -47.92 -31.56 -6.42
CA ILE A 67 -47.41 -30.27 -6.84
C ILE A 67 -48.56 -29.51 -7.49
N PRO A 68 -48.80 -28.25 -7.13
CA PRO A 68 -49.91 -27.50 -7.72
C PRO A 68 -49.67 -27.24 -9.20
N SER A 69 -50.78 -27.16 -9.94
CA SER A 69 -50.71 -26.92 -11.39
C SER A 69 -50.09 -25.57 -11.73
N SER A 70 -50.06 -24.64 -10.79
CA SER A 70 -49.51 -23.31 -11.02
C SER A 70 -47.99 -23.27 -10.99
N THR A 71 -47.34 -24.40 -10.69
CA THR A 71 -45.89 -24.40 -10.49
C THR A 71 -45.17 -24.03 -11.78
N LYS A 72 -44.17 -23.16 -11.64
CA LYS A 72 -43.42 -22.65 -12.79
C LYS A 72 -41.98 -23.17 -12.84
N ASN A 73 -41.47 -23.76 -11.76
CA ASN A 73 -40.12 -24.31 -11.75
C ASN A 73 -40.12 -25.63 -10.99
N ILE A 74 -39.63 -26.69 -11.62
CA ILE A 74 -39.53 -28.01 -11.01
C ILE A 74 -38.13 -28.56 -11.27
N ASP A 75 -37.38 -28.77 -10.19
CA ASP A 75 -36.09 -29.46 -10.25
C ASP A 75 -36.31 -30.90 -9.79
N LEU A 76 -36.16 -31.84 -10.72
CA LEU A 76 -36.44 -33.25 -10.48
C LEU A 76 -35.18 -34.11 -10.63
N SER A 77 -34.01 -33.48 -10.57
CA SER A 77 -32.77 -34.14 -10.92
C SER A 77 -32.36 -35.16 -9.86
N PHE A 78 -31.45 -36.05 -10.26
CA PHE A 78 -30.84 -37.04 -9.37
C PHE A 78 -31.90 -37.98 -8.76
N ASN A 79 -32.91 -38.33 -9.57
CA ASN A 79 -33.95 -39.28 -9.23
C ASN A 79 -33.99 -40.40 -10.28
N PRO A 80 -34.08 -41.66 -9.86
CA PRO A 80 -34.08 -42.78 -10.83
C PRO A 80 -35.40 -42.92 -11.57
N LEU A 81 -35.65 -41.98 -12.49
CA LEU A 81 -36.93 -41.96 -13.20
C LEU A 81 -36.99 -43.05 -14.27
N LYS A 82 -35.87 -43.26 -14.98
CA LYS A 82 -35.69 -44.36 -15.93
C LYS A 82 -36.56 -44.26 -17.17
N ILE A 83 -37.83 -43.87 -17.03
CA ILE A 83 -38.70 -43.65 -18.18
C ILE A 83 -39.48 -42.35 -17.97
N LEU A 84 -39.62 -41.57 -19.04
CA LEU A 84 -40.51 -40.43 -19.10
C LEU A 84 -41.76 -40.86 -19.86
N LYS A 85 -42.80 -41.25 -19.14
CA LYS A 85 -44.01 -41.73 -19.77
C LYS A 85 -44.89 -40.57 -20.23
N SER A 86 -45.78 -40.86 -21.17
CA SER A 86 -46.61 -39.82 -21.78
C SER A 86 -47.67 -39.32 -20.80
N TYR A 87 -48.30 -38.21 -21.16
CA TYR A 87 -49.34 -37.54 -20.36
C TYR A 87 -48.78 -36.99 -19.05
N SER A 88 -47.48 -37.22 -18.79
CA SER A 88 -46.96 -37.07 -17.43
C SER A 88 -47.05 -35.64 -16.93
N PHE A 89 -46.68 -34.66 -17.76
CA PHE A 89 -46.66 -33.27 -17.36
C PHE A 89 -47.85 -32.48 -17.88
N SER A 90 -48.98 -33.16 -18.13
CA SER A 90 -50.16 -32.47 -18.66
C SER A 90 -50.76 -31.51 -17.64
N ASN A 91 -50.62 -31.81 -16.35
CA ASN A 91 -51.22 -31.02 -15.29
C ASN A 91 -50.35 -29.84 -14.85
N PHE A 92 -49.29 -29.53 -15.59
CA PHE A 92 -48.43 -28.38 -15.30
C PHE A 92 -48.57 -27.36 -16.43
N SER A 93 -49.69 -26.63 -16.42
CA SER A 93 -50.06 -25.81 -17.56
C SER A 93 -49.06 -24.68 -17.81
N GLU A 94 -48.45 -24.15 -16.76
CA GLU A 94 -47.57 -22.99 -16.89
C GLU A 94 -46.15 -23.29 -16.40
N LEU A 95 -45.73 -24.54 -16.46
CA LEU A 95 -44.36 -24.88 -16.06
C LEU A 95 -43.38 -24.25 -17.04
N GLN A 96 -42.38 -23.57 -16.48
CA GLN A 96 -41.39 -22.85 -17.27
C GLN A 96 -40.01 -23.50 -17.26
N TRP A 97 -39.59 -24.02 -16.12
CA TRP A 97 -38.23 -24.53 -15.93
C TRP A 97 -38.33 -25.96 -15.41
N LEU A 98 -37.80 -26.91 -16.18
CA LEU A 98 -37.85 -28.32 -15.83
C LEU A 98 -36.44 -28.89 -15.89
N ASP A 99 -35.92 -29.34 -14.74
CA ASP A 99 -34.57 -29.86 -14.61
C ASP A 99 -34.66 -31.37 -14.36
N LEU A 100 -34.18 -32.15 -15.33
CA LEU A 100 -34.19 -33.60 -15.26
C LEU A 100 -32.77 -34.17 -15.38
N SER A 101 -31.79 -33.43 -14.87
CA SER A 101 -30.41 -33.88 -14.93
C SER A 101 -30.23 -35.17 -14.14
N ARG A 102 -29.38 -36.05 -14.67
CA ARG A 102 -28.96 -37.27 -13.96
C ARG A 102 -30.15 -38.05 -13.41
N CYS A 103 -31.11 -38.35 -14.28
CA CYS A 103 -32.29 -39.09 -13.87
C CYS A 103 -32.31 -40.52 -14.41
N GLU A 104 -31.17 -41.02 -14.88
CA GLU A 104 -31.03 -42.39 -15.37
C GLU A 104 -32.04 -42.72 -16.47
N ILE A 105 -32.61 -41.69 -17.10
CA ILE A 105 -33.59 -41.90 -18.14
C ILE A 105 -32.94 -42.61 -19.31
N GLU A 106 -33.56 -43.71 -19.75
CA GLU A 106 -33.10 -44.44 -20.92
C GLU A 106 -34.09 -44.37 -22.07
N THR A 107 -35.28 -43.80 -21.85
CA THR A 107 -36.34 -43.83 -22.84
C THR A 107 -37.27 -42.64 -22.61
N ILE A 108 -37.50 -41.87 -23.67
CA ILE A 108 -38.47 -40.78 -23.66
C ILE A 108 -39.64 -41.25 -24.52
N GLU A 109 -40.77 -41.52 -23.89
CA GLU A 109 -41.95 -41.94 -24.63
C GLU A 109 -42.45 -40.81 -25.52
N ASP A 110 -43.32 -41.16 -26.46
CA ASP A 110 -43.91 -40.16 -27.35
C ASP A 110 -45.02 -39.41 -26.63
N LYS A 111 -45.10 -38.10 -26.89
CA LYS A 111 -46.00 -37.19 -26.19
C LYS A 111 -45.76 -37.23 -24.68
N ALA A 112 -44.54 -37.59 -24.27
CA ALA A 112 -44.15 -37.53 -22.88
C ALA A 112 -44.08 -36.10 -22.36
N TRP A 113 -44.13 -35.11 -23.24
CA TRP A 113 -44.12 -33.71 -22.87
C TRP A 113 -45.39 -33.01 -23.35
N HIS A 114 -46.52 -33.68 -23.19
CA HIS A 114 -47.81 -33.08 -23.50
C HIS A 114 -48.26 -32.21 -22.34
N GLY A 115 -48.84 -31.05 -22.67
CA GLY A 115 -49.33 -30.11 -21.68
C GLY A 115 -48.36 -29.03 -21.28
N LEU A 116 -47.14 -29.03 -21.79
CA LEU A 116 -46.13 -28.05 -21.40
C LEU A 116 -46.03 -26.93 -22.44
N HIS A 117 -47.13 -26.20 -22.59
CA HIS A 117 -47.22 -25.12 -23.58
C HIS A 117 -46.48 -23.85 -23.15
N HIS A 118 -45.71 -23.90 -22.06
CA HIS A 118 -44.96 -22.74 -21.61
C HIS A 118 -43.53 -23.08 -21.21
N LEU A 119 -43.12 -24.33 -21.25
CA LEU A 119 -41.76 -24.70 -20.87
C LEU A 119 -40.75 -24.05 -21.81
N SER A 120 -39.86 -23.25 -21.25
CA SER A 120 -38.82 -22.56 -22.01
C SER A 120 -37.43 -23.11 -21.77
N ASN A 121 -37.21 -23.85 -20.68
CA ASN A 121 -35.92 -24.45 -20.37
C ASN A 121 -36.12 -25.91 -20.01
N LEU A 122 -35.48 -26.79 -20.78
CA LEU A 122 -35.46 -28.22 -20.52
C LEU A 122 -34.02 -28.68 -20.39
N ILE A 123 -33.71 -29.42 -19.33
CA ILE A 123 -32.35 -29.82 -19.01
C ILE A 123 -32.35 -31.33 -18.77
N LEU A 124 -31.61 -32.06 -19.62
CA LEU A 124 -31.57 -33.51 -19.59
C LEU A 124 -30.13 -34.03 -19.49
N THR A 125 -29.27 -33.28 -18.80
CA THR A 125 -27.86 -33.62 -18.73
C THR A 125 -27.66 -34.99 -18.09
N GLY A 126 -26.81 -35.80 -18.71
CA GLY A 126 -26.38 -37.05 -18.11
C GLY A 126 -27.39 -38.18 -18.17
N ASN A 127 -28.36 -38.12 -19.07
CA ASN A 127 -29.33 -39.21 -19.20
C ASN A 127 -28.97 -40.06 -20.41
N PRO A 128 -28.71 -41.36 -20.24
CA PRO A 128 -28.28 -42.21 -21.36
C PRO A 128 -29.44 -42.64 -22.25
N ILE A 129 -29.99 -41.69 -23.00
CA ILE A 129 -31.15 -41.97 -23.84
C ILE A 129 -30.70 -42.23 -25.27
N GLN A 130 -29.61 -41.58 -25.68
CA GLN A 130 -28.90 -41.91 -26.91
C GLN A 130 -29.74 -41.78 -28.17
N SER A 131 -30.83 -42.55 -28.26
CA SER A 131 -31.66 -42.60 -29.46
C SER A 131 -32.95 -41.83 -29.20
N PHE A 132 -33.05 -40.65 -29.81
CA PHE A 132 -34.23 -39.79 -29.69
C PHE A 132 -35.21 -40.18 -30.79
N SER A 133 -36.36 -40.74 -30.39
CA SER A 133 -37.37 -41.12 -31.37
C SER A 133 -37.90 -39.88 -32.09
N PRO A 134 -38.46 -40.04 -33.28
CA PRO A 134 -39.21 -38.95 -33.88
C PRO A 134 -40.34 -38.50 -32.96
N GLY A 135 -40.58 -37.19 -32.94
CA GLY A 135 -41.61 -36.63 -32.10
C GLY A 135 -41.24 -36.67 -30.63
N SER A 136 -39.96 -36.93 -30.35
CA SER A 136 -39.49 -36.96 -28.97
C SER A 136 -39.74 -35.64 -28.26
N PHE A 137 -39.65 -34.53 -29.00
CA PHE A 137 -39.88 -33.20 -28.44
C PHE A 137 -41.22 -32.62 -28.89
N SER A 138 -42.20 -33.49 -29.16
CA SER A 138 -43.54 -33.01 -29.51
C SER A 138 -44.20 -32.36 -28.30
N GLY A 139 -44.83 -31.20 -28.53
CA GLY A 139 -45.54 -30.48 -27.51
C GLY A 139 -44.76 -29.34 -26.88
N LEU A 140 -43.43 -29.33 -27.00
CA LEU A 140 -42.58 -28.35 -26.33
C LEU A 140 -42.53 -27.07 -27.16
N THR A 141 -43.68 -26.42 -27.27
CA THR A 141 -43.73 -25.11 -27.91
C THR A 141 -43.17 -24.05 -26.97
N SER A 142 -42.72 -22.95 -27.57
CA SER A 142 -42.15 -21.80 -26.86
C SER A 142 -40.87 -22.14 -26.10
N LEU A 143 -40.34 -23.35 -26.25
CA LEU A 143 -39.08 -23.70 -25.61
C LEU A 143 -37.93 -23.06 -26.36
N GLU A 144 -36.99 -22.46 -25.60
CA GLU A 144 -35.89 -21.71 -26.19
C GLU A 144 -34.51 -22.15 -25.72
N ASN A 145 -34.42 -23.11 -24.80
CA ASN A 145 -33.12 -23.57 -24.29
C ASN A 145 -33.20 -25.07 -24.06
N LEU A 146 -32.46 -25.83 -24.88
CA LEU A 146 -32.44 -27.29 -24.80
C LEU A 146 -31.04 -27.73 -24.41
N VAL A 147 -30.92 -28.40 -23.27
CA VAL A 147 -29.64 -28.84 -22.73
C VAL A 147 -29.63 -30.37 -22.81
N ALA A 148 -28.89 -30.90 -23.79
CA ALA A 148 -28.77 -32.33 -24.02
C ALA A 148 -27.35 -32.80 -23.82
N VAL A 149 -26.68 -32.27 -22.79
CA VAL A 149 -25.30 -32.65 -22.51
C VAL A 149 -25.25 -34.10 -22.02
N GLU A 150 -24.28 -34.86 -22.56
CA GLU A 150 -23.98 -36.20 -22.10
C GLU A 150 -25.21 -37.11 -22.16
N THR A 151 -25.90 -37.06 -23.30
CA THR A 151 -27.04 -37.94 -23.55
C THR A 151 -26.72 -38.99 -24.62
N LYS A 152 -25.43 -39.28 -24.82
CA LYS A 152 -24.98 -40.24 -25.82
C LYS A 152 -25.46 -39.89 -27.23
N LEU A 153 -25.76 -38.62 -27.47
CA LEU A 153 -26.18 -38.18 -28.80
C LEU A 153 -25.03 -38.36 -29.79
N ALA A 154 -25.36 -38.86 -30.98
CA ALA A 154 -24.35 -39.25 -31.95
C ALA A 154 -24.27 -38.34 -33.16
N SER A 155 -25.34 -37.62 -33.51
CA SER A 155 -25.30 -36.69 -34.63
C SER A 155 -26.46 -35.70 -34.49
N LEU A 156 -26.33 -34.57 -35.18
CA LEU A 156 -27.40 -33.57 -35.23
C LEU A 156 -28.45 -33.88 -36.28
N GLU A 157 -28.10 -34.65 -37.31
CA GLU A 157 -29.03 -34.88 -38.41
C GLU A 157 -30.26 -35.66 -37.98
N SER A 158 -30.13 -36.53 -36.97
CA SER A 158 -31.24 -37.31 -36.46
C SER A 158 -31.69 -36.84 -35.09
N PHE A 159 -31.52 -35.54 -34.81
CA PHE A 159 -31.99 -34.94 -33.57
C PHE A 159 -33.34 -34.30 -33.84
N PRO A 160 -34.44 -34.84 -33.31
CA PRO A 160 -35.78 -34.42 -33.76
C PRO A 160 -36.20 -33.05 -33.25
N ILE A 161 -35.35 -32.04 -33.42
CA ILE A 161 -35.62 -30.70 -32.92
C ILE A 161 -36.04 -29.74 -34.02
N GLY A 162 -36.31 -30.25 -35.23
CA GLY A 162 -36.59 -29.39 -36.37
C GLY A 162 -37.85 -28.54 -36.24
N GLN A 163 -38.69 -28.82 -35.24
CA GLN A 163 -39.96 -28.11 -35.08
C GLN A 163 -39.97 -27.16 -33.90
N LEU A 164 -38.86 -27.03 -33.16
CA LEU A 164 -38.78 -26.11 -32.03
C LEU A 164 -38.38 -24.73 -32.53
N ILE A 165 -39.34 -24.09 -33.22
CA ILE A 165 -39.07 -22.83 -33.92
C ILE A 165 -38.65 -21.73 -32.95
N THR A 166 -39.08 -21.82 -31.68
CA THR A 166 -38.73 -20.82 -30.69
C THR A 166 -37.33 -21.00 -30.11
N LEU A 167 -36.67 -22.12 -30.39
CA LEU A 167 -35.39 -22.44 -29.76
C LEU A 167 -34.35 -21.36 -30.03
N LYS A 168 -33.61 -21.00 -28.99
CA LYS A 168 -32.53 -20.02 -29.09
C LYS A 168 -31.16 -20.58 -28.76
N LYS A 169 -31.05 -21.42 -27.73
CA LYS A 169 -29.79 -22.03 -27.36
C LYS A 169 -29.89 -23.54 -27.46
N LEU A 170 -28.84 -24.17 -27.98
CA LEU A 170 -28.75 -25.62 -28.10
C LEU A 170 -27.40 -26.05 -27.55
N ASN A 171 -27.41 -26.76 -26.43
CA ASN A 171 -26.21 -27.30 -25.81
C ASN A 171 -26.21 -28.81 -26.01
N VAL A 172 -25.27 -29.30 -26.81
CA VAL A 172 -25.13 -30.73 -27.06
C VAL A 172 -23.68 -31.13 -26.78
N ALA A 173 -23.10 -30.55 -25.74
CA ALA A 173 -21.72 -30.84 -25.38
C ALA A 173 -21.60 -32.21 -24.72
N HIS A 174 -20.38 -32.74 -24.73
CA HIS A 174 -20.04 -34.00 -24.06
C HIS A 174 -20.88 -35.17 -24.60
N ASN A 175 -21.07 -35.19 -25.92
CA ASN A 175 -21.77 -36.28 -26.59
C ASN A 175 -20.78 -37.05 -27.47
N PHE A 176 -21.29 -37.80 -28.44
CA PHE A 176 -20.46 -38.60 -29.34
C PHE A 176 -20.44 -38.03 -30.75
N ILE A 177 -20.83 -36.77 -30.92
CA ILE A 177 -20.94 -36.19 -32.25
C ILE A 177 -19.58 -36.17 -32.93
N HIS A 178 -19.49 -36.81 -34.09
CA HIS A 178 -18.25 -36.88 -34.86
C HIS A 178 -18.20 -35.89 -36.03
N SER A 179 -19.31 -35.23 -36.35
CA SER A 179 -19.40 -34.40 -37.55
C SER A 179 -19.77 -32.96 -37.19
N CYS A 180 -19.22 -32.03 -37.95
CA CYS A 180 -19.49 -30.60 -37.80
C CYS A 180 -20.65 -30.12 -38.67
N LYS A 181 -21.37 -31.03 -39.32
CA LYS A 181 -22.41 -30.66 -40.27
C LYS A 181 -23.54 -29.89 -39.59
N LEU A 182 -23.75 -28.65 -40.04
CA LEU A 182 -24.90 -27.86 -39.62
C LEU A 182 -26.11 -28.31 -40.42
N PRO A 183 -27.08 -28.98 -39.81
CA PRO A 183 -28.09 -29.73 -40.57
C PRO A 183 -29.10 -28.81 -41.26
N ALA A 184 -29.87 -29.42 -42.16
CA ALA A 184 -30.75 -28.65 -43.04
C ALA A 184 -31.89 -28.00 -42.27
N TYR A 185 -32.47 -28.70 -41.30
CA TYR A 185 -33.63 -28.17 -40.59
C TYR A 185 -33.31 -26.93 -39.76
N PHE A 186 -32.04 -26.55 -39.67
CA PHE A 186 -31.66 -25.31 -38.99
C PHE A 186 -32.34 -24.10 -39.60
N SER A 187 -32.87 -24.21 -40.83
CA SER A 187 -33.55 -23.08 -41.46
C SER A 187 -34.92 -22.80 -40.85
N ASN A 188 -35.58 -23.80 -40.27
CA ASN A 188 -36.81 -23.51 -39.53
C ASN A 188 -36.51 -22.88 -38.17
N LEU A 189 -35.38 -23.25 -37.55
CA LEU A 189 -35.01 -22.72 -36.24
C LEU A 189 -34.49 -21.29 -36.37
N THR A 190 -35.37 -20.36 -36.74
CA THR A 190 -34.98 -18.99 -37.06
C THR A 190 -34.50 -18.21 -35.84
N ASN A 191 -34.73 -18.70 -34.62
CA ASN A 191 -34.31 -18.02 -33.41
C ASN A 191 -33.05 -18.60 -32.79
N LEU A 192 -32.51 -19.68 -33.36
CA LEU A 192 -31.31 -20.32 -32.81
C LEU A 192 -30.11 -19.42 -33.04
N VAL A 193 -29.39 -19.09 -31.97
CA VAL A 193 -28.28 -18.15 -32.05
C VAL A 193 -27.02 -18.72 -31.41
N HIS A 194 -27.15 -19.84 -30.69
CA HIS A 194 -25.99 -20.43 -30.04
C HIS A 194 -26.10 -21.96 -30.05
N VAL A 195 -25.04 -22.61 -30.52
CA VAL A 195 -24.92 -24.06 -30.50
C VAL A 195 -23.59 -24.41 -29.84
N ASP A 196 -23.65 -25.22 -28.80
CA ASP A 196 -22.45 -25.65 -28.07
C ASP A 196 -22.14 -27.08 -28.49
N LEU A 197 -21.04 -27.25 -29.22
CA LEU A 197 -20.54 -28.56 -29.63
C LEU A 197 -19.27 -28.95 -28.89
N SER A 198 -19.07 -28.39 -27.70
CA SER A 198 -17.84 -28.63 -26.95
C SER A 198 -17.73 -30.10 -26.55
N TYR A 199 -16.48 -30.55 -26.36
CA TYR A 199 -16.19 -31.86 -25.80
C TYR A 199 -16.86 -32.98 -26.59
N ASN A 200 -16.68 -32.94 -27.92
CA ASN A 200 -17.16 -34.02 -28.77
C ASN A 200 -16.00 -34.64 -29.52
N TYR A 201 -16.28 -35.33 -30.63
CA TYR A 201 -15.25 -36.02 -31.40
C TYR A 201 -15.03 -35.41 -32.78
N ILE A 202 -15.42 -34.15 -32.98
CA ILE A 202 -15.29 -33.53 -34.28
C ILE A 202 -13.81 -33.37 -34.61
N GLN A 203 -13.37 -34.04 -35.69
CA GLN A 203 -12.00 -33.94 -36.18
C GLN A 203 -11.85 -33.05 -37.40
N THR A 204 -12.88 -32.91 -38.21
CA THR A 204 -12.79 -32.27 -39.51
C THR A 204 -13.85 -31.19 -39.64
N ILE A 205 -13.51 -30.14 -40.36
CA ILE A 205 -14.45 -29.12 -40.81
C ILE A 205 -14.32 -29.03 -42.33
N THR A 206 -15.39 -29.36 -43.03
CA THR A 206 -15.42 -29.33 -44.49
C THR A 206 -16.30 -28.19 -44.97
N VAL A 207 -16.26 -27.93 -46.27
CA VAL A 207 -17.08 -26.86 -46.83
C VAL A 207 -18.56 -27.22 -46.73
N ASN A 208 -18.91 -28.50 -46.79
CA ASN A 208 -20.30 -28.90 -46.77
C ASN A 208 -20.87 -28.98 -45.36
N ASP A 209 -20.02 -29.10 -44.35
CA ASP A 209 -20.48 -28.95 -42.97
C ASP A 209 -21.10 -27.57 -42.76
N LEU A 210 -20.39 -26.52 -43.20
CA LEU A 210 -20.84 -25.15 -43.05
C LEU A 210 -21.70 -24.68 -44.21
N GLN A 211 -22.25 -25.61 -45.00
CA GLN A 211 -23.08 -25.24 -46.14
C GLN A 211 -24.29 -24.42 -45.73
N PHE A 212 -24.85 -24.71 -44.55
CA PHE A 212 -26.08 -24.04 -44.13
C PHE A 212 -25.86 -22.54 -43.91
N LEU A 213 -24.68 -22.16 -43.42
CA LEU A 213 -24.42 -20.74 -43.18
C LEU A 213 -24.00 -20.01 -44.45
N ARG A 214 -23.28 -20.68 -45.35
CA ARG A 214 -22.95 -20.08 -46.64
C ARG A 214 -24.21 -19.74 -47.42
N GLU A 215 -25.22 -20.62 -47.35
CA GLU A 215 -26.48 -20.35 -48.01
C GLU A 215 -27.27 -19.24 -47.33
N ASN A 216 -27.14 -19.10 -46.01
CA ASN A 216 -27.96 -18.17 -45.23
C ASN A 216 -27.07 -17.18 -44.50
N PRO A 217 -26.48 -16.20 -45.21
CA PRO A 217 -25.62 -15.22 -44.53
C PRO A 217 -26.37 -14.32 -43.56
N GLN A 218 -27.70 -14.26 -43.64
CA GLN A 218 -28.45 -13.45 -42.69
C GLN A 218 -28.51 -14.07 -41.30
N VAL A 219 -28.10 -15.32 -41.15
CA VAL A 219 -28.19 -16.02 -39.86
C VAL A 219 -27.11 -15.51 -38.93
N ASN A 220 -27.50 -15.24 -37.68
CA ASN A 220 -26.59 -14.83 -36.62
C ASN A 220 -26.36 -16.03 -35.71
N LEU A 221 -25.17 -16.63 -35.80
CA LEU A 221 -24.88 -17.86 -35.09
C LEU A 221 -23.55 -17.76 -34.37
N SER A 222 -23.50 -18.36 -33.19
CA SER A 222 -22.27 -18.55 -32.43
C SER A 222 -22.05 -20.04 -32.22
N LEU A 223 -20.81 -20.49 -32.42
CA LEU A 223 -20.44 -21.89 -32.28
C LEU A 223 -19.37 -22.04 -31.21
N ASP A 224 -19.54 -23.03 -30.34
CA ASP A 224 -18.54 -23.39 -29.33
C ASP A 224 -17.96 -24.74 -29.72
N MET A 225 -16.70 -24.74 -30.14
CA MET A 225 -16.03 -25.93 -30.67
C MET A 225 -15.03 -26.53 -29.68
N SER A 226 -14.98 -26.03 -28.45
CA SER A 226 -13.88 -26.34 -27.54
C SER A 226 -13.78 -27.83 -27.27
N LEU A 227 -12.56 -28.26 -26.91
CA LEU A 227 -12.28 -29.63 -26.52
C LEU A 227 -12.65 -30.63 -27.61
N ASN A 228 -12.54 -30.21 -28.87
CA ASN A 228 -12.71 -31.08 -30.03
C ASN A 228 -11.36 -31.32 -30.68
N PRO A 229 -10.99 -32.56 -30.98
CA PRO A 229 -9.68 -32.84 -31.56
C PRO A 229 -9.61 -32.52 -33.05
N ILE A 230 -9.73 -31.23 -33.38
CA ILE A 230 -9.73 -30.80 -34.78
C ILE A 230 -8.30 -30.85 -35.30
N ASP A 231 -8.12 -31.54 -36.43
CA ASP A 231 -6.83 -31.62 -37.08
C ASP A 231 -6.85 -31.31 -38.57
N PHE A 232 -8.01 -30.98 -39.14
CA PHE A 232 -8.06 -30.63 -40.55
C PHE A 232 -9.29 -29.78 -40.82
N ILE A 233 -9.08 -28.67 -41.52
CA ILE A 233 -10.16 -27.84 -42.06
C ILE A 233 -9.97 -27.78 -43.56
N GLN A 234 -11.02 -28.13 -44.30
CA GLN A 234 -10.91 -28.19 -45.75
C GLN A 234 -10.63 -26.81 -46.33
N ASP A 235 -9.92 -26.78 -47.47
CA ASP A 235 -9.68 -25.53 -48.17
C ASP A 235 -11.02 -24.86 -48.50
N GLN A 236 -11.09 -23.55 -48.24
CA GLN A 236 -12.25 -22.70 -48.48
C GLN A 236 -13.44 -23.03 -47.57
N ALA A 237 -13.28 -23.90 -46.57
CA ALA A 237 -14.40 -24.32 -45.75
C ALA A 237 -15.08 -23.16 -45.03
N PHE A 238 -14.39 -22.04 -44.87
CA PHE A 238 -14.93 -20.89 -44.15
C PHE A 238 -15.13 -19.66 -45.05
N GLN A 239 -15.01 -19.82 -46.37
CA GLN A 239 -15.28 -18.69 -47.26
C GLN A 239 -16.77 -18.41 -47.32
N GLY A 240 -17.12 -17.13 -47.21
CA GLY A 240 -18.51 -16.74 -47.18
C GLY A 240 -19.24 -17.12 -45.91
N ILE A 241 -18.51 -17.29 -44.80
CA ILE A 241 -19.08 -17.74 -43.54
C ILE A 241 -19.00 -16.60 -42.53
N LYS A 242 -20.09 -16.42 -41.80
CA LYS A 242 -20.23 -15.34 -40.82
C LYS A 242 -20.69 -15.95 -39.50
N LEU A 243 -19.96 -15.64 -38.43
CA LEU A 243 -20.28 -16.12 -37.09
C LEU A 243 -20.17 -14.98 -36.10
N HIS A 244 -21.06 -14.98 -35.11
CA HIS A 244 -20.95 -13.97 -34.05
C HIS A 244 -19.78 -14.30 -33.12
N GLU A 245 -19.80 -15.48 -32.52
CA GLU A 245 -18.77 -15.89 -31.57
C GLU A 245 -18.29 -17.29 -31.92
N LEU A 246 -16.98 -17.45 -32.10
CA LEU A 246 -16.36 -18.74 -32.37
C LEU A 246 -15.34 -19.00 -31.27
N THR A 247 -15.56 -20.07 -30.50
CA THR A 247 -14.68 -20.44 -29.41
C THR A 247 -13.89 -21.69 -29.81
N LEU A 248 -12.57 -21.58 -29.81
CA LEU A 248 -11.66 -22.66 -30.17
C LEU A 248 -10.63 -22.84 -29.05
N ARG A 249 -11.07 -23.35 -27.92
CA ARG A 249 -10.21 -23.54 -26.76
C ARG A 249 -9.92 -25.02 -26.57
N GLY A 250 -8.63 -25.34 -26.37
CA GLY A 250 -8.24 -26.71 -26.05
C GLY A 250 -8.43 -27.69 -27.18
N ASN A 251 -8.29 -27.26 -28.43
CA ASN A 251 -8.49 -28.15 -29.56
C ASN A 251 -7.20 -28.81 -30.04
N PHE A 252 -6.07 -28.12 -29.93
CA PHE A 252 -4.87 -28.47 -30.68
C PHE A 252 -3.78 -29.00 -29.76
N ASN A 253 -3.07 -30.04 -30.21
CA ASN A 253 -1.94 -30.57 -29.47
C ASN A 253 -0.60 -30.17 -30.06
N SER A 254 -0.48 -30.06 -31.38
CA SER A 254 0.77 -29.68 -32.02
C SER A 254 0.70 -28.27 -32.58
N SER A 255 1.86 -27.61 -32.62
CA SER A 255 1.92 -26.27 -33.17
C SER A 255 1.50 -26.24 -34.63
N ASN A 256 1.94 -27.23 -35.42
CA ASN A 256 1.76 -27.17 -36.86
C ASN A 256 0.33 -27.53 -37.29
N ILE A 257 -0.36 -28.40 -36.55
CA ILE A 257 -1.75 -28.66 -36.87
C ILE A 257 -2.60 -27.43 -36.62
N MET A 258 -2.27 -26.67 -35.55
CA MET A 258 -3.00 -25.44 -35.27
C MET A 258 -2.74 -24.39 -36.34
N LYS A 259 -1.48 -24.21 -36.74
CA LYS A 259 -1.17 -23.25 -37.80
C LYS A 259 -1.85 -23.63 -39.10
N THR A 260 -1.91 -24.93 -39.42
CA THR A 260 -2.59 -25.37 -40.63
C THR A 260 -4.08 -25.07 -40.57
N CYS A 261 -4.70 -25.31 -39.40
CA CYS A 261 -6.15 -25.14 -39.29
C CYS A 261 -6.54 -23.66 -39.30
N LEU A 262 -5.75 -22.81 -38.62
CA LEU A 262 -6.07 -21.38 -38.63
C LEU A 262 -5.90 -20.77 -40.02
N GLN A 263 -5.01 -21.33 -40.83
CA GLN A 263 -4.89 -20.89 -42.22
C GLN A 263 -6.18 -21.10 -42.97
N ASN A 264 -6.86 -22.23 -42.74
CA ASN A 264 -8.10 -22.56 -43.41
C ASN A 264 -9.32 -21.94 -42.73
N LEU A 265 -9.12 -21.05 -41.76
CA LEU A 265 -10.19 -20.17 -41.30
C LEU A 265 -10.45 -19.04 -42.30
N ALA A 266 -9.61 -18.92 -43.33
CA ALA A 266 -9.66 -17.80 -44.26
C ALA A 266 -11.07 -17.60 -44.82
N GLY A 267 -11.50 -16.34 -44.85
CA GLY A 267 -12.83 -15.97 -45.31
C GLY A 267 -13.85 -15.80 -44.21
N LEU A 268 -13.52 -16.19 -42.98
CA LEU A 268 -14.47 -16.11 -41.89
C LEU A 268 -14.61 -14.68 -41.39
N HIS A 269 -15.84 -14.31 -41.04
CA HIS A 269 -16.13 -13.06 -40.35
C HIS A 269 -16.63 -13.43 -38.96
N VAL A 270 -15.81 -13.16 -37.94
CA VAL A 270 -16.19 -13.36 -36.55
C VAL A 270 -16.29 -12.00 -35.87
N HIS A 271 -17.37 -11.80 -35.12
CA HIS A 271 -17.42 -10.65 -34.22
C HIS A 271 -16.50 -10.85 -33.03
N ARG A 272 -16.40 -12.10 -32.55
CA ARG A 272 -15.57 -12.43 -31.40
C ARG A 272 -14.95 -13.80 -31.61
N LEU A 273 -13.62 -13.85 -31.61
CA LEU A 273 -12.88 -15.09 -31.72
C LEU A 273 -12.13 -15.35 -30.42
N ILE A 274 -12.27 -16.55 -29.86
CA ILE A 274 -11.72 -16.89 -28.56
C ILE A 274 -10.78 -18.08 -28.74
N LEU A 275 -9.51 -17.88 -28.38
CA LEU A 275 -8.46 -18.89 -28.55
C LEU A 275 -7.76 -19.13 -27.23
N GLY A 276 -7.35 -20.37 -27.00
CA GLY A 276 -6.58 -20.70 -25.82
C GLY A 276 -6.62 -22.19 -25.53
N GLU A 277 -6.15 -22.53 -24.33
CA GLU A 277 -6.10 -23.90 -23.86
C GLU A 277 -6.44 -23.90 -22.38
N PHE A 278 -6.39 -25.08 -21.76
CA PHE A 278 -6.71 -25.24 -20.36
C PHE A 278 -5.52 -25.87 -19.63
N LYS A 279 -5.44 -25.60 -18.33
CA LYS A 279 -4.33 -26.13 -17.54
C LYS A 279 -4.43 -27.65 -17.40
N ASP A 280 -5.65 -28.17 -17.31
CA ASP A 280 -5.87 -29.60 -17.07
C ASP A 280 -6.10 -30.37 -18.37
N GLU A 281 -5.51 -29.92 -19.48
CA GLU A 281 -5.79 -30.53 -20.76
C GLU A 281 -4.53 -30.58 -21.61
N ARG A 282 -4.72 -31.03 -22.84
CA ARG A 282 -3.66 -31.02 -23.84
C ARG A 282 -3.23 -29.58 -24.14
N ASN A 283 -1.92 -29.37 -24.23
CA ASN A 283 -1.38 -28.04 -24.48
C ASN A 283 -0.39 -28.09 -25.63
N LEU A 284 -0.14 -26.91 -26.20
CA LEU A 284 0.93 -26.77 -27.17
C LEU A 284 2.28 -26.77 -26.44
N GLU A 285 3.20 -27.61 -26.93
CA GLU A 285 4.56 -27.61 -26.38
C GLU A 285 5.22 -26.24 -26.56
N ILE A 286 4.96 -25.60 -27.69
CA ILE A 286 5.46 -24.25 -27.98
C ILE A 286 4.36 -23.49 -28.71
N PHE A 287 4.31 -22.18 -28.48
CA PHE A 287 3.33 -21.30 -29.11
C PHE A 287 4.09 -20.12 -29.73
N GLU A 288 4.49 -20.29 -30.98
CA GLU A 288 5.14 -19.24 -31.74
C GLU A 288 4.08 -18.33 -32.38
N PRO A 289 4.31 -17.00 -32.41
CA PRO A 289 3.32 -16.09 -32.99
C PRO A 289 2.96 -16.40 -34.43
N SER A 290 3.87 -17.05 -35.16
CA SER A 290 3.60 -17.40 -36.55
C SER A 290 2.47 -18.40 -36.68
N ILE A 291 2.10 -19.10 -35.60
CA ILE A 291 0.97 -20.03 -35.62
C ILE A 291 -0.30 -19.31 -36.04
N MET A 292 -0.40 -18.01 -35.78
CA MET A 292 -1.58 -17.22 -36.06
C MET A 292 -1.54 -16.52 -37.41
N GLU A 293 -0.69 -16.99 -38.34
CA GLU A 293 -0.61 -16.36 -39.67
C GLU A 293 -1.97 -16.38 -40.36
N GLY A 294 -2.69 -17.50 -40.26
CA GLY A 294 -3.97 -17.62 -40.92
C GLY A 294 -4.99 -16.58 -40.52
N LEU A 295 -4.83 -15.96 -39.35
CA LEU A 295 -5.77 -14.94 -38.89
C LEU A 295 -5.73 -13.67 -39.72
N CYS A 296 -4.72 -13.50 -40.58
CA CYS A 296 -4.68 -12.32 -41.44
C CYS A 296 -5.74 -12.36 -42.53
N ASP A 297 -6.22 -13.55 -42.88
CA ASP A 297 -7.32 -13.70 -43.83
C ASP A 297 -8.68 -13.69 -43.15
N VAL A 298 -8.71 -13.75 -41.82
CA VAL A 298 -9.95 -13.66 -41.05
C VAL A 298 -10.17 -12.21 -40.66
N THR A 299 -11.41 -11.74 -40.76
CA THR A 299 -11.78 -10.42 -40.27
C THR A 299 -12.38 -10.57 -38.87
N ILE A 300 -11.69 -10.02 -37.87
CA ILE A 300 -12.03 -10.19 -36.48
C ILE A 300 -12.32 -8.83 -35.87
N ASP A 301 -13.48 -8.71 -35.22
CA ASP A 301 -13.80 -7.48 -34.50
C ASP A 301 -13.22 -7.50 -33.09
N GLU A 302 -13.43 -8.59 -32.36
CA GLU A 302 -12.95 -8.75 -31.00
C GLU A 302 -12.15 -10.04 -30.89
N PHE A 303 -10.94 -9.93 -30.36
CA PHE A 303 -10.06 -11.09 -30.18
C PHE A 303 -9.86 -11.34 -28.68
N ARG A 304 -9.91 -12.60 -28.28
CA ARG A 304 -9.81 -12.95 -26.88
C ARG A 304 -8.87 -14.14 -26.72
N LEU A 305 -7.77 -13.92 -25.99
CA LEU A 305 -6.79 -14.96 -25.71
C LEU A 305 -6.95 -15.40 -24.26
N THR A 306 -7.10 -16.71 -24.04
CA THR A 306 -7.16 -17.27 -22.71
C THR A 306 -5.81 -17.92 -22.38
N TYR A 307 -5.78 -18.79 -21.37
CA TYR A 307 -4.54 -19.40 -20.92
C TYR A 307 -3.86 -20.15 -22.07
N THR A 308 -2.54 -19.99 -22.16
CA THR A 308 -1.69 -20.81 -23.02
C THR A 308 -0.48 -21.24 -22.20
N ASN A 309 -0.14 -22.54 -22.23
CA ASN A 309 0.96 -23.05 -21.42
C ASN A 309 2.28 -22.37 -21.80
N ASP A 310 2.55 -22.24 -23.09
CA ASP A 310 3.67 -21.44 -23.57
C ASP A 310 3.14 -20.08 -24.00
N PHE A 311 3.88 -19.03 -23.65
CA PHE A 311 3.49 -17.69 -24.04
C PHE A 311 4.72 -16.80 -24.16
N SER A 312 4.67 -15.89 -25.13
CA SER A 312 5.65 -14.82 -25.29
C SER A 312 4.89 -13.52 -25.51
N ASP A 313 5.42 -12.42 -24.96
CA ASP A 313 4.73 -11.15 -25.06
C ASP A 313 4.55 -10.69 -26.50
N ASP A 314 5.27 -11.31 -27.45
CA ASP A 314 5.13 -10.94 -28.85
C ASP A 314 3.78 -11.39 -29.42
N ILE A 315 3.17 -12.43 -28.82
CA ILE A 315 1.94 -12.99 -29.37
C ILE A 315 0.85 -11.93 -29.46
N VAL A 316 0.77 -11.05 -28.46
CA VAL A 316 -0.29 -10.06 -28.43
C VAL A 316 -0.04 -8.91 -29.40
N LYS A 317 1.19 -8.75 -29.89
CA LYS A 317 1.51 -7.70 -30.84
C LYS A 317 1.65 -8.20 -32.27
N PHE A 318 1.25 -9.45 -32.52
CA PHE A 318 1.30 -10.02 -33.85
C PHE A 318 0.48 -9.18 -34.82
N HIS A 319 1.00 -9.02 -36.04
CA HIS A 319 0.49 -8.00 -36.95
C HIS A 319 -0.92 -8.29 -37.47
N CYS A 320 -1.36 -9.56 -37.45
CA CYS A 320 -2.73 -9.84 -37.88
C CYS A 320 -3.76 -9.33 -36.90
N LEU A 321 -3.35 -8.90 -35.71
CA LEU A 321 -4.23 -8.31 -34.71
C LEU A 321 -4.32 -6.80 -34.81
N ALA A 322 -3.69 -6.21 -35.82
CA ALA A 322 -3.55 -4.75 -35.88
C ALA A 322 -4.90 -4.05 -36.08
N ASN A 323 -5.83 -4.67 -36.79
CA ASN A 323 -7.11 -4.05 -37.10
C ASN A 323 -8.24 -4.53 -36.20
N VAL A 324 -7.95 -5.37 -35.21
CA VAL A 324 -8.94 -5.71 -34.19
C VAL A 324 -9.38 -4.45 -33.46
N SER A 325 -10.67 -4.37 -33.13
CA SER A 325 -11.23 -3.23 -32.41
C SER A 325 -11.32 -3.45 -30.90
N ALA A 326 -11.39 -4.70 -30.45
CA ALA A 326 -11.41 -5.01 -29.02
C ALA A 326 -10.48 -6.19 -28.75
N MET A 327 -9.44 -5.93 -27.96
CA MET A 327 -8.45 -6.94 -27.60
C MET A 327 -8.62 -7.31 -26.13
N SER A 328 -8.47 -8.59 -25.82
CA SER A 328 -8.74 -9.06 -24.47
C SER A 328 -7.84 -10.25 -24.11
N LEU A 329 -7.23 -10.19 -22.93
CA LEU A 329 -6.43 -11.27 -22.39
C LEU A 329 -7.02 -11.71 -21.05
N ALA A 330 -6.99 -13.01 -20.79
CA ALA A 330 -7.56 -13.54 -19.55
C ALA A 330 -6.81 -14.81 -19.16
N GLY A 331 -6.23 -14.80 -17.97
CA GLY A 331 -5.38 -15.89 -17.53
C GLY A 331 -4.07 -16.03 -18.28
N VAL A 332 -3.69 -15.03 -19.07
CA VAL A 332 -2.48 -15.09 -19.88
C VAL A 332 -1.28 -14.74 -19.01
N SER A 333 -0.23 -15.55 -19.10
CA SER A 333 1.02 -15.31 -18.36
C SER A 333 1.89 -14.23 -18.99
N ILE A 334 1.29 -13.13 -19.43
CA ILE A 334 2.06 -12.03 -20.00
C ILE A 334 2.75 -11.26 -18.89
N LYS A 335 4.01 -10.91 -19.12
CA LYS A 335 4.81 -10.19 -18.13
C LYS A 335 4.99 -8.73 -18.44
N TYR A 336 5.08 -8.36 -19.73
CA TYR A 336 5.25 -6.99 -20.14
C TYR A 336 4.40 -6.72 -21.37
N LEU A 337 3.91 -5.47 -21.47
CA LEU A 337 3.16 -5.01 -22.63
C LEU A 337 3.76 -3.66 -23.04
N GLU A 338 4.77 -3.71 -23.90
CA GLU A 338 5.45 -2.52 -24.38
C GLU A 338 5.55 -2.58 -25.90
N ASP A 339 5.77 -1.41 -26.50
CA ASP A 339 6.04 -1.28 -27.93
C ASP A 339 4.86 -1.79 -28.77
N VAL A 340 3.65 -1.44 -28.38
CA VAL A 340 2.48 -1.75 -29.20
C VAL A 340 2.49 -0.80 -30.40
N PRO A 341 2.53 -1.31 -31.63
CA PRO A 341 2.60 -0.42 -32.79
C PRO A 341 1.49 0.61 -32.80
N LYS A 342 1.85 1.86 -33.12
CA LYS A 342 0.91 2.97 -32.99
C LYS A 342 -0.23 2.90 -34.00
N HIS A 343 -0.10 2.08 -35.04
CA HIS A 343 -1.16 1.95 -36.03
C HIS A 343 -2.19 0.89 -35.68
N PHE A 344 -2.00 0.18 -34.57
CA PHE A 344 -3.04 -0.72 -34.09
C PHE A 344 -4.31 0.07 -33.81
N LYS A 345 -5.45 -0.49 -34.24
CA LYS A 345 -6.73 0.20 -34.21
C LYS A 345 -7.59 -0.20 -33.02
N TRP A 346 -6.97 -0.78 -31.98
CA TRP A 346 -7.71 -1.19 -30.79
C TRP A 346 -8.45 -0.02 -30.18
N GLN A 347 -9.74 -0.21 -29.90
CA GLN A 347 -10.56 0.77 -29.22
C GLN A 347 -10.84 0.42 -27.76
N SER A 348 -10.87 -0.87 -27.42
CA SER A 348 -10.93 -1.31 -26.04
C SER A 348 -9.84 -2.35 -25.82
N LEU A 349 -9.31 -2.37 -24.59
CA LEU A 349 -8.28 -3.31 -24.19
C LEU A 349 -8.58 -3.79 -22.79
N SER A 350 -8.56 -5.10 -22.60
CA SER A 350 -8.97 -5.73 -21.34
C SER A 350 -7.96 -6.78 -20.95
N ILE A 351 -7.40 -6.65 -19.74
CA ILE A 351 -6.37 -7.55 -19.22
C ILE A 351 -6.83 -8.01 -17.85
N ILE A 352 -7.21 -9.29 -17.75
CA ILE A 352 -7.82 -9.84 -16.55
C ILE A 352 -7.01 -11.04 -16.08
N ARG A 353 -6.71 -11.07 -14.78
CA ARG A 353 -6.04 -12.21 -14.13
C ARG A 353 -4.74 -12.59 -14.83
N CYS A 354 -3.99 -11.58 -15.25
CA CYS A 354 -2.71 -11.79 -15.90
C CYS A 354 -1.57 -11.59 -14.91
N GLN A 355 -0.35 -11.45 -15.41
CA GLN A 355 0.85 -11.47 -14.58
C GLN A 355 1.81 -10.35 -14.96
N LEU A 356 1.26 -9.15 -15.18
CA LEU A 356 2.08 -8.00 -15.57
C LEU A 356 3.03 -7.61 -14.45
N LYS A 357 4.34 -7.62 -14.77
CA LYS A 357 5.37 -7.21 -13.83
C LYS A 357 5.55 -5.69 -13.79
N GLN A 358 5.05 -5.00 -14.81
CA GLN A 358 5.23 -3.55 -14.96
C GLN A 358 3.94 -2.97 -15.53
N PHE A 359 3.62 -1.76 -15.12
CA PHE A 359 2.43 -1.12 -15.66
C PHE A 359 2.65 -0.79 -17.13
N PRO A 360 1.71 -1.14 -18.01
CA PRO A 360 1.96 -1.02 -19.45
C PRO A 360 2.18 0.42 -19.88
N THR A 361 3.11 0.60 -20.80
CA THR A 361 3.29 1.86 -21.50
C THR A 361 2.46 1.83 -22.78
N LEU A 362 1.46 2.72 -22.86
CA LEU A 362 0.46 2.65 -23.91
C LEU A 362 0.35 3.98 -24.63
N ASP A 363 0.43 3.93 -25.97
CA ASP A 363 0.29 5.11 -26.81
C ASP A 363 -0.85 5.00 -27.81
N LEU A 364 -1.63 3.92 -27.75
CA LEU A 364 -2.74 3.64 -28.65
C LEU A 364 -3.67 4.86 -28.76
N PRO A 365 -3.65 5.56 -29.89
CA PRO A 365 -4.34 6.85 -29.97
C PRO A 365 -5.85 6.75 -30.14
N PHE A 366 -6.38 5.56 -30.39
CA PHE A 366 -7.81 5.37 -30.52
C PHE A 366 -8.39 4.53 -29.38
N LEU A 367 -7.57 4.13 -28.42
CA LEU A 367 -8.04 3.34 -27.28
C LEU A 367 -9.01 4.17 -26.45
N LYS A 368 -10.26 3.70 -26.36
CA LYS A 368 -11.28 4.41 -25.61
C LYS A 368 -11.59 3.79 -24.25
N SER A 369 -11.17 2.55 -24.03
CA SER A 369 -11.53 1.83 -22.81
C SER A 369 -10.37 0.92 -22.42
N LEU A 370 -9.86 1.11 -21.20
CA LEU A 370 -8.76 0.32 -20.68
C LEU A 370 -9.18 -0.36 -19.39
N THR A 371 -9.04 -1.68 -19.35
CA THR A 371 -9.36 -2.47 -18.16
C THR A 371 -8.15 -3.31 -17.79
N LEU A 372 -7.66 -3.14 -16.56
CA LEU A 372 -6.53 -3.93 -16.04
C LEU A 372 -6.92 -4.32 -14.62
N THR A 373 -7.31 -5.58 -14.42
CA THR A 373 -7.92 -6.00 -13.17
C THR A 373 -7.41 -7.37 -12.75
N MET A 374 -7.45 -7.61 -11.43
CA MET A 374 -7.06 -8.89 -10.83
C MET A 374 -5.66 -9.32 -11.26
N ASN A 375 -4.79 -8.35 -11.48
CA ASN A 375 -3.41 -8.65 -11.86
C ASN A 375 -2.70 -9.31 -10.69
N LYS A 376 -1.91 -10.34 -11.00
CA LYS A 376 -1.18 -11.07 -9.98
C LYS A 376 0.01 -10.25 -9.48
N GLY A 377 0.32 -10.40 -8.19
CA GLY A 377 1.38 -9.62 -7.59
C GLY A 377 0.93 -8.20 -7.29
N SER A 378 1.88 -7.27 -7.38
CA SER A 378 1.60 -5.85 -7.20
C SER A 378 2.43 -5.04 -8.19
N ILE A 379 1.85 -3.93 -8.65
CA ILE A 379 2.51 -3.02 -9.59
C ILE A 379 2.31 -1.60 -9.10
N SER A 380 3.11 -0.69 -9.65
CA SER A 380 3.00 0.73 -9.38
C SER A 380 2.57 1.44 -10.66
N PHE A 381 1.59 2.33 -10.55
CA PHE A 381 1.07 3.02 -11.72
C PHE A 381 2.17 3.80 -12.42
N LYS A 382 2.13 3.77 -13.75
CA LYS A 382 3.04 4.54 -14.59
C LYS A 382 2.20 5.35 -15.57
N LYS A 383 2.66 6.57 -15.88
CA LYS A 383 1.90 7.47 -16.72
C LYS A 383 1.60 6.85 -18.08
N VAL A 384 0.51 7.32 -18.69
CA VAL A 384 0.11 6.93 -20.03
C VAL A 384 -0.30 8.18 -20.80
N ALA A 385 -0.46 8.01 -22.12
CA ALA A 385 -0.88 9.07 -23.02
C ALA A 385 -1.93 8.49 -23.97
N LEU A 386 -3.18 8.43 -23.51
CA LEU A 386 -4.30 7.83 -24.25
C LEU A 386 -5.34 8.91 -24.51
N PRO A 387 -5.18 9.69 -25.60
CA PRO A 387 -6.04 10.87 -25.80
C PRO A 387 -7.50 10.55 -26.08
N SER A 388 -7.86 9.30 -26.35
CA SER A 388 -9.25 8.91 -26.54
C SER A 388 -9.84 8.20 -25.33
N LEU A 389 -9.07 8.03 -24.26
CA LEU A 389 -9.51 7.28 -23.10
C LEU A 389 -10.68 7.96 -22.41
N SER A 390 -11.78 7.22 -22.23
CA SER A 390 -12.94 7.68 -21.49
C SER A 390 -13.38 6.72 -20.40
N TYR A 391 -12.84 5.50 -20.36
CA TYR A 391 -13.18 4.51 -19.34
C TYR A 391 -11.88 3.87 -18.87
N LEU A 392 -11.62 3.94 -17.57
CA LEU A 392 -10.41 3.36 -16.99
C LEU A 392 -10.78 2.58 -15.75
N ASP A 393 -10.55 1.27 -15.80
CA ASP A 393 -10.75 0.36 -14.66
C ASP A 393 -9.40 -0.25 -14.31
N LEU A 394 -8.80 0.21 -13.22
CA LEU A 394 -7.54 -0.32 -12.72
C LEU A 394 -7.71 -0.91 -11.32
N SER A 395 -8.79 -1.66 -11.12
CA SER A 395 -9.14 -2.13 -9.78
C SER A 395 -8.63 -3.55 -9.54
N ARG A 396 -8.46 -3.87 -8.24
CA ARG A 396 -8.12 -5.23 -7.79
CA ARG A 396 -8.13 -5.22 -7.80
C ARG A 396 -6.74 -5.65 -8.28
N ASN A 397 -5.77 -4.75 -8.21
CA ASN A 397 -4.42 -5.06 -8.66
C ASN A 397 -3.38 -4.98 -7.56
N ALA A 398 -3.76 -4.62 -6.33
CA ALA A 398 -2.80 -4.23 -5.30
C ALA A 398 -1.83 -3.19 -5.86
N LEU A 399 -2.41 -2.21 -6.55
CA LEU A 399 -1.68 -1.19 -7.28
C LEU A 399 -1.37 -0.01 -6.38
N SER A 400 -0.16 0.54 -6.53
CA SER A 400 0.23 1.79 -5.88
C SER A 400 0.25 2.89 -6.94
N PHE A 401 -0.31 4.05 -6.57
CA PHE A 401 -0.44 5.21 -7.44
C PHE A 401 0.10 6.42 -6.68
N SER A 402 1.23 6.96 -7.14
CA SER A 402 1.87 8.11 -6.51
C SER A 402 1.76 9.30 -7.45
N GLY A 403 0.84 10.22 -7.14
CA GLY A 403 0.68 11.42 -7.96
C GLY A 403 -0.74 11.67 -8.41
N CYS A 404 -1.68 10.93 -7.86
CA CYS A 404 -3.09 11.05 -8.25
C CYS A 404 -3.66 12.40 -7.81
N CYS A 405 -4.35 13.10 -8.73
CA CYS A 405 -4.52 12.72 -10.14
C CYS A 405 -4.67 13.99 -10.97
N SER A 406 -4.18 13.99 -12.20
CA SER A 406 -4.41 15.12 -13.10
C SER A 406 -4.16 14.66 -14.54
N TYR A 407 -4.24 15.61 -15.47
CA TYR A 407 -4.18 15.29 -16.89
C TYR A 407 -2.89 14.59 -17.26
N SER A 408 -1.76 15.01 -16.68
CA SER A 408 -0.46 14.49 -17.08
C SER A 408 -0.30 13.01 -16.79
N ASP A 409 -1.15 12.44 -15.93
CA ASP A 409 -1.09 11.02 -15.63
C ASP A 409 -1.73 10.16 -16.72
N LEU A 410 -2.61 10.74 -17.54
CA LEU A 410 -3.46 9.95 -18.43
C LEU A 410 -3.43 10.44 -19.86
N GLY A 411 -3.22 11.74 -20.06
CA GLY A 411 -3.19 12.29 -21.39
C GLY A 411 -4.54 12.32 -22.10
N THR A 412 -5.64 12.35 -21.35
CA THR A 412 -6.97 12.42 -21.92
C THR A 412 -7.77 13.54 -21.27
N ASN A 413 -8.63 14.17 -22.06
CA ASN A 413 -9.54 15.19 -21.59
C ASN A 413 -10.98 14.70 -21.49
N SER A 414 -11.23 13.43 -21.82
CA SER A 414 -12.58 12.89 -21.91
C SER A 414 -12.79 11.68 -21.00
N LEU A 415 -11.98 11.53 -19.96
CA LEU A 415 -12.18 10.45 -19.01
C LEU A 415 -13.46 10.68 -18.21
N ARG A 416 -14.30 9.65 -18.14
CA ARG A 416 -15.57 9.74 -17.43
C ARG A 416 -15.72 8.70 -16.33
N HIS A 417 -14.88 7.67 -16.31
CA HIS A 417 -15.02 6.55 -15.38
C HIS A 417 -13.64 6.12 -14.92
N LEU A 418 -13.37 6.33 -13.63
CA LEU A 418 -12.09 5.95 -13.02
C LEU A 418 -12.38 5.05 -11.84
N ASP A 419 -11.98 3.78 -11.94
CA ASP A 419 -12.14 2.80 -10.88
C ASP A 419 -10.75 2.42 -10.39
N LEU A 420 -10.36 2.95 -9.23
CA LEU A 420 -9.11 2.60 -8.57
C LEU A 420 -9.33 1.80 -7.29
N SER A 421 -10.48 1.15 -7.18
CA SER A 421 -10.84 0.46 -5.95
C SER A 421 -9.99 -0.80 -5.77
N PHE A 422 -10.03 -1.31 -4.54
CA PHE A 422 -9.40 -2.59 -4.19
C PHE A 422 -7.93 -2.62 -4.58
N ASN A 423 -7.23 -1.52 -4.34
CA ASN A 423 -5.81 -1.38 -4.68
C ASN A 423 -5.02 -1.05 -3.42
N GLY A 424 -3.74 -0.75 -3.59
CA GLY A 424 -2.88 -0.40 -2.48
C GLY A 424 -2.96 1.08 -2.14
N ALA A 425 -1.81 1.71 -1.94
CA ALA A 425 -1.73 3.09 -1.50
C ALA A 425 -1.86 4.03 -2.69
N ILE A 426 -2.79 4.99 -2.58
CA ILE A 426 -3.03 6.00 -3.60
C ILE A 426 -2.74 7.36 -2.96
N ILE A 427 -1.60 7.94 -3.31
CA ILE A 427 -1.12 9.18 -2.70
C ILE A 427 -1.64 10.36 -3.51
N MET A 428 -2.56 11.13 -2.91
CA MET A 428 -3.15 12.28 -3.58
C MET A 428 -2.16 13.45 -3.59
N SER A 429 -2.00 14.08 -4.77
CA SER A 429 -1.14 15.24 -4.89
C SER A 429 -1.66 16.32 -5.83
N ALA A 430 -2.69 16.04 -6.63
CA ALA A 430 -3.32 17.03 -7.49
C ALA A 430 -4.83 16.90 -7.37
N ASN A 431 -5.55 17.95 -7.79
CA ASN A 431 -7.00 17.93 -7.71
C ASN A 431 -7.65 17.91 -9.08
N PHE A 432 -7.20 16.99 -9.94
CA PHE A 432 -7.91 16.59 -11.14
C PHE A 432 -8.07 17.71 -12.16
N MET A 433 -7.08 18.59 -12.26
CA MET A 433 -7.05 19.51 -13.38
C MET A 433 -6.79 18.73 -14.66
N GLY A 434 -7.52 19.09 -15.72
CA GLY A 434 -7.50 18.33 -16.95
C GLY A 434 -8.53 17.21 -17.00
N LEU A 435 -9.12 16.84 -15.87
CA LEU A 435 -10.02 15.70 -15.77
C LEU A 435 -11.44 16.09 -15.36
N GLU A 436 -11.88 17.29 -15.73
CA GLU A 436 -13.15 17.83 -15.23
C GLU A 436 -14.37 17.12 -15.79
N GLU A 437 -14.23 16.31 -16.84
CA GLU A 437 -15.37 15.57 -17.37
C GLU A 437 -15.70 14.33 -16.54
N LEU A 438 -14.97 14.09 -15.45
CA LEU A 438 -15.11 12.84 -14.70
C LEU A 438 -16.48 12.77 -14.03
N GLN A 439 -17.15 11.63 -14.20
CA GLN A 439 -18.47 11.41 -13.63
C GLN A 439 -18.53 10.28 -12.62
N HIS A 440 -17.58 9.35 -12.65
CA HIS A 440 -17.61 8.18 -11.77
C HIS A 440 -16.21 7.95 -11.22
N LEU A 441 -16.06 8.04 -9.90
CA LEU A 441 -14.76 7.89 -9.24
C LEU A 441 -14.91 6.93 -8.08
N ASP A 442 -14.11 5.87 -8.07
CA ASP A 442 -14.24 4.78 -7.10
C ASP A 442 -12.87 4.51 -6.49
N PHE A 443 -12.76 4.70 -5.17
CA PHE A 443 -11.54 4.40 -4.44
C PHE A 443 -11.71 3.30 -3.41
N GLN A 444 -12.86 2.61 -3.40
CA GLN A 444 -13.23 1.63 -2.38
C GLN A 444 -12.07 0.71 -2.03
N HIS A 445 -11.83 0.54 -0.73
CA HIS A 445 -10.86 -0.43 -0.19
C HIS A 445 -9.43 -0.17 -0.67
N SER A 446 -9.13 1.02 -1.18
CA SER A 446 -7.77 1.45 -1.43
C SER A 446 -7.34 2.39 -0.31
N THR A 447 -6.03 2.44 -0.06
CA THR A 447 -5.50 3.30 0.99
C THR A 447 -5.28 4.68 0.38
N LEU A 448 -6.26 5.57 0.53
CA LEU A 448 -6.07 6.97 0.18
C LEU A 448 -5.16 7.63 1.19
N LYS A 449 -4.22 8.44 0.68
CA LYS A 449 -3.32 9.22 1.53
C LYS A 449 -3.37 10.67 1.09
N ARG A 450 -3.34 11.57 2.08
CA ARG A 450 -3.30 13.02 1.92
C ARG A 450 -4.56 13.60 1.29
N VAL A 451 -5.66 12.84 1.24
CA VAL A 451 -6.91 13.37 0.68
C VAL A 451 -7.55 14.38 1.62
N THR A 452 -7.25 14.32 2.92
CA THR A 452 -7.82 15.26 3.89
C THR A 452 -6.94 16.48 4.11
N GLU A 453 -5.87 16.63 3.33
CA GLU A 453 -4.92 17.73 3.51
C GLU A 453 -5.04 18.79 2.43
N PHE A 454 -6.05 18.70 1.57
CA PHE A 454 -6.44 19.77 0.64
C PHE A 454 -7.74 19.35 -0.02
N SER A 455 -8.27 20.24 -0.87
CA SER A 455 -9.48 19.95 -1.63
C SER A 455 -9.06 19.14 -2.86
N ALA A 456 -8.94 17.83 -2.68
CA ALA A 456 -8.40 16.98 -3.74
C ALA A 456 -9.39 16.77 -4.88
N PHE A 457 -10.66 17.13 -4.71
CA PHE A 457 -11.67 16.93 -5.73
C PHE A 457 -12.21 18.25 -6.28
N LEU A 458 -11.40 19.31 -6.22
CA LEU A 458 -11.89 20.66 -6.50
C LEU A 458 -12.32 20.83 -7.95
N SER A 459 -11.68 20.13 -8.88
CA SER A 459 -12.03 20.29 -10.29
C SER A 459 -13.25 19.48 -10.70
N LEU A 460 -13.63 18.48 -9.91
CA LEU A 460 -14.67 17.52 -10.32
C LEU A 460 -16.07 18.09 -10.12
N GLU A 461 -16.34 19.17 -10.86
CA GLU A 461 -17.64 19.84 -10.74
C GLU A 461 -18.75 19.05 -11.41
N LYS A 462 -18.42 18.05 -12.22
CA LYS A 462 -19.41 17.22 -12.91
C LYS A 462 -19.50 15.82 -12.32
N LEU A 463 -18.78 15.54 -11.24
CA LEU A 463 -18.76 14.21 -10.66
C LEU A 463 -20.13 13.88 -10.06
N LEU A 464 -20.61 12.67 -10.35
CA LEU A 464 -21.90 12.20 -9.86
C LEU A 464 -21.78 11.11 -8.81
N TYR A 465 -20.72 10.31 -8.86
CA TYR A 465 -20.55 9.14 -8.02
C TYR A 465 -19.15 9.16 -7.46
N LEU A 466 -19.02 9.24 -6.13
CA LEU A 466 -17.75 9.13 -5.44
C LEU A 466 -17.86 8.06 -4.37
N ASP A 467 -16.87 7.18 -4.31
CA ASP A 467 -16.82 6.11 -3.31
C ASP A 467 -15.43 6.11 -2.68
N ILE A 468 -15.36 6.61 -1.44
CA ILE A 468 -14.13 6.54 -0.65
C ILE A 468 -14.32 5.60 0.55
N SER A 469 -15.22 4.63 0.44
CA SER A 469 -15.49 3.74 1.56
C SER A 469 -14.27 2.87 1.86
N TYR A 470 -14.05 2.64 3.16
CA TYR A 470 -13.00 1.72 3.63
C TYR A 470 -11.63 2.10 3.06
N THR A 471 -11.36 3.41 2.99
CA THR A 471 -10.09 3.92 2.50
C THR A 471 -9.17 4.38 3.62
N ASN A 472 -9.51 4.08 4.88
CA ASN A 472 -8.67 4.44 6.02
C ASN A 472 -8.47 5.95 6.09
N THR A 473 -9.53 6.71 5.84
CA THR A 473 -9.48 8.17 5.85
C THR A 473 -10.02 8.67 7.18
N LYS A 474 -9.27 9.57 7.82
CA LYS A 474 -9.72 10.25 9.03
C LYS A 474 -9.90 11.72 8.66
N ILE A 475 -11.15 12.16 8.61
CA ILE A 475 -11.49 13.47 8.06
C ILE A 475 -11.28 14.54 9.14
N ASP A 476 -10.37 15.47 8.87
CA ASP A 476 -10.20 16.66 9.70
C ASP A 476 -9.90 17.85 8.79
N PHE A 477 -10.83 18.14 7.89
CA PHE A 477 -10.75 19.30 7.00
C PHE A 477 -12.13 19.50 6.38
N ASP A 478 -12.82 20.56 6.78
CA ASP A 478 -14.18 20.82 6.34
C ASP A 478 -14.30 21.01 4.83
N GLY A 479 -13.20 21.32 4.14
CA GLY A 479 -13.27 21.57 2.72
C GLY A 479 -12.87 20.39 1.87
N ILE A 480 -12.95 19.19 2.46
CA ILE A 480 -12.49 18.00 1.76
C ILE A 480 -13.31 17.73 0.50
N PHE A 481 -14.58 18.13 0.50
CA PHE A 481 -15.48 17.86 -0.61
C PHE A 481 -15.84 19.12 -1.39
N LEU A 482 -14.99 20.15 -1.34
CA LEU A 482 -15.23 21.34 -2.13
C LEU A 482 -15.09 21.03 -3.62
N GLY A 483 -15.96 21.63 -4.43
CA GLY A 483 -16.00 21.41 -5.85
C GLY A 483 -17.02 20.38 -6.30
N LEU A 484 -17.39 19.44 -5.44
CA LEU A 484 -18.32 18.36 -5.79
C LEU A 484 -19.76 18.85 -5.72
N THR A 485 -20.05 19.87 -6.55
CA THR A 485 -21.37 20.49 -6.56
C THR A 485 -22.41 19.69 -7.34
N SER A 486 -22.00 18.72 -8.17
CA SER A 486 -22.93 17.88 -8.90
C SER A 486 -23.13 16.51 -8.27
N LEU A 487 -22.43 16.21 -7.17
CA LEU A 487 -22.39 14.86 -6.63
C LEU A 487 -23.77 14.38 -6.21
N ASN A 488 -24.14 13.18 -6.65
CA ASN A 488 -25.37 12.51 -6.24
C ASN A 488 -25.15 11.43 -5.20
N THR A 489 -24.07 10.65 -5.34
CA THR A 489 -23.82 9.50 -4.49
C THR A 489 -22.46 9.67 -3.81
N LEU A 490 -22.48 9.73 -2.48
CA LEU A 490 -21.26 9.78 -1.67
C LEU A 490 -21.29 8.58 -0.74
N LYS A 491 -20.40 7.61 -1.00
CA LYS A 491 -20.23 6.42 -0.18
C LYS A 491 -18.91 6.56 0.56
N MET A 492 -18.97 6.77 1.86
CA MET A 492 -17.77 6.94 2.68
C MET A 492 -17.86 6.11 3.95
N ALA A 493 -18.41 4.91 3.82
CA ALA A 493 -18.52 3.99 4.95
C ALA A 493 -17.15 3.48 5.37
N GLY A 494 -17.03 3.15 6.64
CA GLY A 494 -15.82 2.50 7.14
C GLY A 494 -14.64 3.41 7.41
N ASN A 495 -14.87 4.72 7.52
CA ASN A 495 -13.78 5.65 7.79
C ASN A 495 -13.88 6.18 9.22
N SER A 496 -13.57 7.45 9.43
CA SER A 496 -13.61 8.04 10.76
C SER A 496 -13.50 9.56 10.62
N PHE A 497 -13.80 10.25 11.73
CA PHE A 497 -13.75 11.70 11.79
C PHE A 497 -12.95 12.14 13.00
N LYS A 498 -12.27 13.27 12.86
CA LYS A 498 -11.55 13.87 13.99
C LYS A 498 -12.50 14.09 15.16
N ASP A 499 -12.10 13.59 16.33
CA ASP A 499 -12.91 13.63 17.55
C ASP A 499 -14.22 12.88 17.40
N ASN A 500 -14.31 11.98 16.42
CA ASN A 500 -15.53 11.19 16.17
C ASN A 500 -16.75 12.09 16.06
N THR A 501 -16.60 13.21 15.37
CA THR A 501 -17.64 14.21 15.22
C THR A 501 -17.87 14.50 13.74
N LEU A 502 -19.13 14.43 13.33
CA LEU A 502 -19.49 14.71 11.94
C LEU A 502 -19.43 16.22 11.71
N SER A 503 -18.47 16.66 10.90
CA SER A 503 -18.22 18.08 10.67
C SER A 503 -18.96 18.56 9.42
N ASN A 504 -18.95 19.89 9.24
CA ASN A 504 -19.70 20.54 8.17
C ASN A 504 -18.97 20.38 6.84
N VAL A 505 -18.98 19.14 6.35
CA VAL A 505 -18.30 18.82 5.09
C VAL A 505 -19.25 18.80 3.90
N PHE A 506 -20.55 18.87 4.12
CA PHE A 506 -21.53 18.76 3.05
C PHE A 506 -22.17 20.09 2.69
N ALA A 507 -21.55 21.20 3.10
CA ALA A 507 -22.16 22.52 2.88
C ALA A 507 -22.33 22.82 1.40
N ASN A 508 -21.45 22.29 0.54
CA ASN A 508 -21.50 22.59 -0.88
C ASN A 508 -21.61 21.32 -1.72
N THR A 509 -22.30 20.31 -1.19
CA THR A 509 -22.73 19.14 -1.96
C THR A 509 -24.26 19.11 -1.93
N THR A 510 -24.85 20.12 -2.57
CA THR A 510 -26.30 20.33 -2.46
C THR A 510 -27.09 19.21 -3.14
N ASN A 511 -26.59 18.66 -4.24
CA ASN A 511 -27.35 17.69 -5.02
C ASN A 511 -27.18 16.25 -4.54
N LEU A 512 -26.74 16.05 -3.30
CA LEU A 512 -26.60 14.70 -2.76
C LEU A 512 -27.96 14.03 -2.64
N THR A 513 -28.06 12.80 -3.17
CA THR A 513 -29.26 11.99 -2.98
C THR A 513 -29.00 10.72 -2.19
N PHE A 514 -27.74 10.32 -2.06
CA PHE A 514 -27.36 9.08 -1.40
C PHE A 514 -26.11 9.36 -0.59
N LEU A 515 -26.20 9.15 0.73
CA LEU A 515 -25.08 9.43 1.63
C LEU A 515 -24.96 8.29 2.62
N ASP A 516 -23.90 7.49 2.50
CA ASP A 516 -23.64 6.36 3.39
C ASP A 516 -22.50 6.74 4.33
N LEU A 517 -22.82 6.96 5.60
CA LEU A 517 -21.84 7.25 6.63
C LEU A 517 -21.72 6.12 7.65
N SER A 518 -22.14 4.91 7.29
CA SER A 518 -22.11 3.80 8.23
C SER A 518 -20.67 3.42 8.58
N LYS A 519 -20.49 2.99 9.83
CA LYS A 519 -19.22 2.44 10.30
C LYS A 519 -18.10 3.49 10.27
N CYS A 520 -18.44 4.73 10.60
CA CYS A 520 -17.47 5.81 10.71
C CYS A 520 -17.19 6.16 12.16
N GLN A 521 -17.63 5.32 13.10
CA GLN A 521 -17.33 5.47 14.53
C GLN A 521 -17.81 6.83 15.05
N LEU A 522 -18.85 7.36 14.42
CA LEU A 522 -19.38 8.65 14.81
C LEU A 522 -19.97 8.59 16.22
N GLU A 523 -19.62 9.59 17.05
CA GLU A 523 -20.18 9.70 18.38
C GLU A 523 -21.10 10.89 18.53
N GLN A 524 -20.97 11.90 17.69
CA GLN A 524 -21.85 13.05 17.71
C GLN A 524 -21.77 13.76 16.36
N ILE A 525 -22.70 14.69 16.15
CA ILE A 525 -22.85 15.40 14.89
C ILE A 525 -22.90 16.89 15.20
N SER A 526 -22.10 17.67 14.47
CA SER A 526 -22.07 19.12 14.68
C SER A 526 -23.36 19.76 14.18
N TRP A 527 -23.62 20.98 14.66
CA TRP A 527 -24.84 21.68 14.34
C TRP A 527 -24.83 22.12 12.87
N GLY A 528 -25.93 21.85 12.16
CA GLY A 528 -26.14 22.34 10.82
C GLY A 528 -25.58 21.50 9.70
N VAL A 529 -25.06 20.31 9.99
CA VAL A 529 -24.34 19.52 9.00
C VAL A 529 -25.24 19.11 7.83
N PHE A 530 -26.52 18.88 8.10
CA PHE A 530 -27.46 18.44 7.07
C PHE A 530 -28.41 19.54 6.60
N ASP A 531 -28.12 20.81 6.90
CA ASP A 531 -29.05 21.89 6.58
C ASP A 531 -29.26 22.04 5.08
N THR A 532 -28.28 21.68 4.27
CA THR A 532 -28.29 21.96 2.84
C THR A 532 -28.82 20.79 2.01
N LEU A 533 -28.93 19.60 2.60
CA LEU A 533 -29.27 18.38 1.86
C LEU A 533 -30.78 18.26 1.65
N HIS A 534 -31.34 19.23 0.94
CA HIS A 534 -32.75 19.28 0.63
C HIS A 534 -33.20 18.18 -0.33
N ARG A 535 -32.26 17.49 -0.98
CA ARG A 535 -32.59 16.46 -1.95
C ARG A 535 -32.11 15.08 -1.53
N LEU A 536 -31.50 14.95 -0.36
CA LEU A 536 -31.06 13.66 0.15
C LEU A 536 -32.24 12.72 0.29
N GLN A 537 -32.08 11.51 -0.22
CA GLN A 537 -33.13 10.50 -0.17
C GLN A 537 -32.78 9.27 0.66
N LEU A 538 -31.49 8.97 0.82
CA LEU A 538 -31.04 7.90 1.71
C LEU A 538 -29.90 8.43 2.57
N LEU A 539 -30.05 8.30 3.88
CA LEU A 539 -29.02 8.62 4.86
C LEU A 539 -28.79 7.38 5.70
N ASN A 540 -27.60 6.77 5.58
CA ASN A 540 -27.21 5.62 6.39
C ASN A 540 -26.18 6.08 7.40
N MET A 541 -26.55 6.08 8.68
CA MET A 541 -25.64 6.35 9.78
C MET A 541 -25.61 5.20 10.77
N SER A 542 -25.97 4.01 10.31
CA SER A 542 -25.95 2.82 11.16
C SER A 542 -24.51 2.43 11.49
N HIS A 543 -24.39 1.49 12.44
CA HIS A 543 -23.10 0.94 12.84
C HIS A 543 -22.12 2.04 13.23
N ASN A 544 -22.62 3.05 13.94
CA ASN A 544 -21.79 4.06 14.59
C ASN A 544 -21.98 3.92 16.10
N ASN A 545 -21.50 4.92 16.85
CA ASN A 545 -21.56 4.91 18.31
C ASN A 545 -22.31 6.13 18.83
N LEU A 546 -23.35 6.53 18.11
CA LEU A 546 -24.13 7.69 18.51
C LEU A 546 -24.85 7.41 19.81
N LEU A 547 -24.72 8.34 20.76
CA LEU A 547 -25.41 8.28 22.04
C LEU A 547 -26.66 9.13 22.07
N PHE A 548 -26.70 10.22 21.29
CA PHE A 548 -27.85 11.10 21.24
C PHE A 548 -28.05 11.58 19.83
N LEU A 549 -29.29 11.97 19.53
CA LEU A 549 -29.61 12.72 18.32
C LEU A 549 -29.99 14.14 18.70
N ASP A 550 -30.16 14.97 17.68
CA ASP A 550 -30.64 16.33 17.83
C ASP A 550 -31.69 16.58 16.76
N SER A 551 -32.84 17.11 17.18
CA SER A 551 -33.96 17.29 16.26
C SER A 551 -33.56 18.10 15.03
N SER A 552 -32.73 19.13 15.20
CA SER A 552 -32.41 20.06 14.13
C SER A 552 -31.71 19.41 12.95
N HIS A 553 -31.02 18.27 13.16
CA HIS A 553 -30.29 17.65 12.07
C HIS A 553 -31.20 17.15 10.97
N TYR A 554 -32.46 16.82 11.30
CA TYR A 554 -33.37 16.19 10.35
C TYR A 554 -34.54 17.09 9.98
N ASN A 555 -34.51 18.36 10.37
CA ASN A 555 -35.64 19.25 10.14
C ASN A 555 -35.77 19.68 8.68
N GLN A 556 -34.72 19.53 7.88
CA GLN A 556 -34.74 19.98 6.49
C GLN A 556 -34.44 18.85 5.51
N LEU A 557 -34.63 17.60 5.91
CA LEU A 557 -34.48 16.47 5.00
C LEU A 557 -35.81 16.17 4.31
N TYR A 558 -36.29 17.18 3.57
CA TYR A 558 -37.62 17.12 2.98
C TYR A 558 -37.76 16.00 1.96
N SER A 559 -36.67 15.54 1.37
CA SER A 559 -36.71 14.49 0.36
C SER A 559 -36.36 13.11 0.91
N LEU A 560 -36.12 13.01 2.21
CA LEU A 560 -35.57 11.79 2.80
C LEU A 560 -36.59 10.67 2.72
N LYS A 561 -36.20 9.54 2.11
CA LYS A 561 -37.05 8.36 2.03
C LYS A 561 -36.60 7.25 2.97
N GLU A 562 -35.29 7.05 3.11
CA GLU A 562 -34.75 5.99 3.94
C GLU A 562 -33.75 6.59 4.93
N LEU A 563 -33.89 6.21 6.19
CA LEU A 563 -33.03 6.68 7.27
C LEU A 563 -32.64 5.48 8.11
N ALA A 564 -31.35 5.22 8.21
CA ALA A 564 -30.83 4.05 8.94
C ALA A 564 -30.09 4.55 10.17
N LEU A 565 -30.67 4.28 11.35
CA LEU A 565 -30.06 4.62 12.62
C LEU A 565 -29.82 3.39 13.49
N ASP A 566 -29.89 2.20 12.91
CA ASP A 566 -29.76 0.97 13.67
C ASP A 566 -28.32 0.76 14.12
N THR A 567 -28.15 -0.16 15.07
CA THR A 567 -26.84 -0.58 15.57
C THR A 567 -26.00 0.62 16.00
N ASN A 568 -26.61 1.46 16.84
CA ASN A 568 -25.87 2.54 17.49
C ASN A 568 -25.92 2.33 19.00
N GLN A 569 -25.94 3.42 19.77
CA GLN A 569 -26.01 3.32 21.22
C GLN A 569 -27.11 4.21 21.79
N LEU A 570 -28.17 4.43 21.01
CA LEU A 570 -29.22 5.37 21.38
C LEU A 570 -30.14 4.77 22.43
N LYS A 571 -30.48 5.58 23.45
CA LYS A 571 -31.44 5.19 24.46
C LYS A 571 -32.75 5.95 24.34
N SER A 572 -32.80 7.02 23.55
CA SER A 572 -34.01 7.82 23.40
C SER A 572 -33.84 8.69 22.16
N VAL A 573 -34.91 9.39 21.80
CA VAL A 573 -34.86 10.42 20.76
C VAL A 573 -35.64 11.64 21.23
N PRO A 574 -35.19 12.82 20.79
CA PRO A 574 -35.96 14.03 21.11
C PRO A 574 -37.35 13.97 20.53
N ASP A 575 -38.33 14.49 21.28
CA ASP A 575 -39.71 14.50 20.85
C ASP A 575 -39.84 15.21 19.50
N GLY A 576 -40.58 14.60 18.58
CA GLY A 576 -40.82 15.19 17.29
C GLY A 576 -39.65 15.19 16.33
N ILE A 577 -38.64 14.33 16.55
CA ILE A 577 -37.46 14.35 15.71
C ILE A 577 -37.79 13.95 14.28
N PHE A 578 -38.74 13.04 14.09
CA PHE A 578 -39.10 12.53 12.76
C PHE A 578 -40.30 13.25 12.16
N ASP A 579 -40.74 14.37 12.74
CA ASP A 579 -42.05 14.93 12.39
C ASP A 579 -42.05 15.67 11.06
N ARG A 580 -40.89 16.13 10.57
CA ARG A 580 -40.83 16.83 9.30
C ARG A 580 -40.31 15.98 8.16
N LEU A 581 -40.03 14.70 8.42
CA LEU A 581 -39.59 13.77 7.38
C LEU A 581 -40.81 13.32 6.57
N THR A 582 -41.35 14.27 5.81
CA THR A 582 -42.62 14.06 5.09
C THR A 582 -42.50 13.09 3.93
N SER A 583 -41.29 12.69 3.56
CA SER A 583 -41.08 11.74 2.48
C SER A 583 -40.64 10.37 2.97
N LEU A 584 -40.56 10.16 4.29
CA LEU A 584 -39.99 8.94 4.82
C LEU A 584 -40.81 7.72 4.39
N GLN A 585 -40.09 6.67 3.99
CA GLN A 585 -40.69 5.40 3.62
C GLN A 585 -40.17 4.23 4.42
N LYS A 586 -38.89 4.23 4.80
CA LYS A 586 -38.28 3.15 5.54
C LYS A 586 -37.33 3.73 6.58
N ILE A 587 -37.38 3.20 7.81
CA ILE A 587 -36.50 3.64 8.88
C ILE A 587 -36.03 2.41 9.66
N TRP A 588 -34.75 2.40 10.02
CA TRP A 588 -34.13 1.34 10.80
C TRP A 588 -33.75 1.91 12.16
N LEU A 589 -34.26 1.29 13.23
CA LEU A 589 -33.94 1.72 14.59
C LEU A 589 -33.55 0.55 15.49
N HIS A 590 -33.42 -0.65 14.94
CA HIS A 590 -33.16 -1.83 15.76
C HIS A 590 -31.73 -1.81 16.30
N THR A 591 -31.44 -2.77 17.18
CA THR A 591 -30.12 -2.93 17.82
C THR A 591 -29.67 -1.62 18.47
N ASN A 592 -30.59 -1.01 19.22
CA ASN A 592 -30.29 0.14 20.07
C ASN A 592 -30.87 -0.13 21.45
N PRO A 593 -30.16 0.28 22.51
CA PRO A 593 -30.62 0.01 23.89
C PRO A 593 -31.68 1.00 24.35
N TRP A 594 -32.85 0.93 23.71
CA TRP A 594 -33.91 1.89 23.99
C TRP A 594 -34.39 1.79 25.43
N ASP A 595 -34.56 2.96 26.05
CA ASP A 595 -35.04 3.07 27.43
C ASP A 595 -36.55 3.28 27.37
N CYS A 596 -37.30 2.25 27.75
CA CYS A 596 -38.75 2.23 27.59
C CYS A 596 -39.50 2.70 28.83
N SER A 597 -38.82 3.42 29.73
CA SER A 597 -39.53 3.99 30.87
C SER A 597 -40.49 5.08 30.40
N CYS A 598 -41.64 5.16 31.05
CA CYS A 598 -42.57 6.23 30.70
C CYS A 598 -42.37 7.41 31.63
N PRO A 599 -42.63 8.66 31.16
CA PRO A 599 -43.15 9.01 29.84
C PRO A 599 -42.05 9.28 28.81
N ARG A 600 -40.84 8.78 29.06
CA ARG A 600 -39.71 9.11 28.20
C ARG A 600 -39.89 8.57 26.80
N ILE A 601 -40.39 7.34 26.67
CA ILE A 601 -40.46 6.65 25.38
C ILE A 601 -41.83 6.85 24.75
N ASP A 602 -42.57 7.86 25.22
CA ASP A 602 -43.94 8.04 24.73
C ASP A 602 -43.95 8.37 23.25
N TYR A 603 -43.24 9.43 22.85
CA TYR A 603 -43.26 9.86 21.45
C TYR A 603 -42.83 8.74 20.51
N LEU A 604 -41.71 8.08 20.83
CA LEU A 604 -41.16 7.07 19.94
C LEU A 604 -42.08 5.85 19.85
N SER A 605 -42.59 5.39 20.99
CA SER A 605 -43.50 4.25 20.98
C SER A 605 -44.76 4.55 20.16
N ARG A 606 -45.30 5.76 20.31
CA ARG A 606 -46.48 6.13 19.54
C ARG A 606 -46.12 6.31 18.06
N TRP A 607 -44.96 6.91 17.77
CA TRP A 607 -44.57 7.11 16.37
C TRP A 607 -44.30 5.79 15.67
N LEU A 608 -43.60 4.87 16.36
CA LEU A 608 -43.33 3.57 15.77
C LEU A 608 -44.60 2.76 15.55
N ASN A 609 -45.64 2.99 16.36
CA ASN A 609 -46.90 2.27 16.19
C ASN A 609 -47.71 2.83 15.03
N LYS A 610 -47.84 4.16 14.96
CA LYS A 610 -48.58 4.77 13.86
C LYS A 610 -47.87 4.55 12.52
N ASN A 611 -46.54 4.49 12.53
CA ASN A 611 -45.74 4.29 11.34
C ASN A 611 -45.09 2.90 11.33
N SER A 612 -45.83 1.89 11.80
CA SER A 612 -45.32 0.52 11.83
C SER A 612 -44.98 0.00 10.43
N GLN A 613 -45.58 0.57 9.39
CA GLN A 613 -45.26 0.13 8.03
C GLN A 613 -43.89 0.62 7.59
N LYS A 614 -43.37 1.68 8.22
CA LYS A 614 -42.09 2.25 7.83
C LYS A 614 -40.90 1.59 8.52
N GLU A 615 -41.09 1.07 9.74
CA GLU A 615 -39.98 0.50 10.47
C GLU A 615 -39.53 -0.82 9.84
N GLN A 616 -38.22 -0.93 9.61
CA GLN A 616 -37.59 -2.17 9.20
C GLN A 616 -36.84 -2.75 10.39
N GLY A 617 -36.96 -4.05 10.60
CA GLY A 617 -36.48 -4.60 11.84
C GLY A 617 -37.39 -4.18 12.98
N SER A 618 -36.95 -4.47 14.20
CA SER A 618 -37.76 -4.23 15.40
C SER A 618 -36.90 -3.55 16.46
N ALA A 619 -37.15 -2.28 16.71
CA ALA A 619 -36.60 -1.61 17.88
C ALA A 619 -37.17 -2.27 19.13
N LYS A 620 -36.28 -2.67 20.04
CA LYS A 620 -36.66 -3.43 21.22
C LYS A 620 -36.28 -2.67 22.49
N CYS A 621 -37.11 -2.84 23.52
CA CYS A 621 -36.77 -2.32 24.83
C CYS A 621 -35.57 -3.07 25.41
N SER A 622 -34.66 -2.32 26.02
CA SER A 622 -33.55 -2.94 26.72
C SER A 622 -34.06 -3.69 27.94
N GLY A 623 -33.42 -4.82 28.22
CA GLY A 623 -33.81 -5.64 29.36
C GLY A 623 -34.86 -6.67 29.05
N SER A 624 -36.04 -6.22 28.60
CA SER A 624 -37.15 -7.12 28.33
C SER A 624 -37.18 -7.63 26.89
N GLY A 625 -36.57 -6.92 25.96
CA GLY A 625 -36.65 -7.26 24.56
C GLY A 625 -37.98 -6.94 23.90
N LYS A 626 -38.87 -6.25 24.60
CA LYS A 626 -40.19 -5.96 24.05
C LYS A 626 -40.10 -4.95 22.93
N PRO A 627 -40.80 -5.15 21.81
CA PRO A 627 -40.79 -4.15 20.74
C PRO A 627 -41.31 -2.80 21.24
N VAL A 628 -40.65 -1.74 20.78
CA VAL A 628 -40.97 -0.39 21.27
C VAL A 628 -42.36 0.03 20.83
N ARG A 629 -42.80 -0.40 19.64
CA ARG A 629 -44.13 -0.05 19.14
C ARG A 629 -45.25 -0.56 20.02
N SER A 630 -44.98 -1.50 20.92
CA SER A 630 -46.00 -2.08 21.78
C SER A 630 -46.18 -1.33 23.10
N ILE A 631 -45.27 -0.45 23.46
CA ILE A 631 -45.34 0.26 24.73
C ILE A 631 -46.42 1.33 24.66
N ILE A 632 -47.31 1.34 25.65
CA ILE A 632 -48.35 2.35 25.78
C ILE A 632 -48.15 3.05 27.12
N CYS A 633 -47.76 4.31 27.07
CA CYS A 633 -47.58 5.01 28.33
C CYS A 633 -48.94 5.46 28.87
N PRO A 634 -49.13 5.45 30.20
CA PRO A 634 -50.38 5.84 30.88
C PRO A 634 -50.88 7.22 30.45
N GLN B 44 -9.74 -43.10 5.47
CA GLN B 44 -11.01 -43.81 5.30
C GLN B 44 -11.40 -43.88 3.84
N GLN B 45 -11.84 -42.74 3.29
CA GLN B 45 -12.24 -42.69 1.88
C GLN B 45 -11.05 -42.89 0.97
N TRP B 46 -9.87 -42.43 1.37
CA TRP B 46 -8.63 -42.57 0.61
C TRP B 46 -7.49 -42.17 1.52
N PHE B 47 -6.32 -42.77 1.28
CA PHE B 47 -5.13 -42.40 2.04
C PHE B 47 -3.89 -42.79 1.23
N CYS B 48 -2.80 -42.07 1.49
CA CYS B 48 -1.53 -42.38 0.86
C CYS B 48 -0.40 -42.04 1.83
N ASN B 49 0.70 -42.78 1.71
CA ASN B 49 1.89 -42.55 2.49
C ASN B 49 2.93 -41.83 1.64
N SER B 50 3.62 -40.87 2.25
CA SER B 50 4.69 -40.13 1.62
C SER B 50 5.97 -40.29 2.43
N SER B 51 7.05 -39.67 1.95
CA SER B 51 8.32 -39.77 2.66
C SER B 51 8.28 -38.98 3.97
N ASP B 52 7.52 -37.89 4.02
CA ASP B 52 7.39 -37.11 5.24
C ASP B 52 5.94 -36.83 5.64
N ALA B 53 4.97 -37.38 4.93
CA ALA B 53 3.57 -37.11 5.23
C ALA B 53 2.73 -38.36 5.02
N ILE B 54 1.67 -38.49 5.79
CA ILE B 54 0.59 -39.42 5.52
C ILE B 54 -0.70 -38.61 5.44
N ILE B 55 -1.44 -38.77 4.34
CA ILE B 55 -2.55 -37.90 3.99
C ILE B 55 -3.77 -38.76 3.72
N SER B 56 -4.92 -38.35 4.27
CA SER B 56 -6.17 -39.06 4.06
C SER B 56 -7.29 -38.05 4.06
N TYR B 57 -8.47 -38.51 3.65
CA TYR B 57 -9.65 -37.66 3.71
C TYR B 57 -10.89 -38.53 3.85
N SER B 58 -11.96 -37.90 4.33
CA SER B 58 -13.28 -38.51 4.36
C SER B 58 -14.31 -37.43 4.06
N TYR B 59 -15.55 -37.85 3.86
CA TYR B 59 -16.63 -36.89 3.71
C TYR B 59 -16.94 -36.24 5.06
N CYS B 60 -17.38 -34.99 4.99
CA CYS B 60 -17.73 -34.28 6.20
C CYS B 60 -18.97 -34.90 6.85
N ASP B 61 -19.12 -34.69 8.15
CA ASP B 61 -20.21 -35.30 8.88
C ASP B 61 -21.56 -34.87 8.33
N HIS B 62 -21.66 -33.63 7.86
CA HIS B 62 -22.93 -33.04 7.45
C HIS B 62 -23.15 -33.08 5.95
N LEU B 63 -22.24 -33.71 5.18
CA LEU B 63 -22.38 -33.73 3.73
C LEU B 63 -21.54 -34.86 3.17
N LYS B 64 -22.20 -35.81 2.49
CA LYS B 64 -21.53 -37.02 2.02
C LYS B 64 -21.68 -37.22 0.52
N PHE B 65 -21.89 -36.15 -0.24
CA PHE B 65 -21.94 -36.26 -1.69
C PHE B 65 -20.61 -36.82 -2.20
N PRO B 66 -20.63 -37.83 -3.06
CA PRO B 66 -19.39 -38.54 -3.41
C PRO B 66 -18.50 -37.78 -4.37
N ILE B 67 -17.20 -38.02 -4.23
CA ILE B 67 -16.15 -37.49 -5.10
C ILE B 67 -14.86 -38.23 -4.75
N SER B 68 -14.06 -38.57 -5.77
CA SER B 68 -12.83 -39.32 -5.57
C SER B 68 -11.64 -38.44 -5.96
N ILE B 69 -10.79 -38.13 -4.98
CA ILE B 69 -9.58 -37.37 -5.19
C ILE B 69 -8.38 -38.26 -4.89
N SER B 70 -7.35 -38.19 -5.74
CA SER B 70 -6.08 -38.83 -5.47
C SER B 70 -4.98 -37.98 -6.11
N SER B 71 -3.76 -38.15 -5.60
CA SER B 71 -2.63 -37.36 -6.06
C SER B 71 -1.53 -38.28 -6.54
N GLU B 72 -0.85 -37.87 -7.60
CA GLU B 72 0.23 -38.62 -8.22
C GLU B 72 1.45 -37.71 -8.34
N PRO B 73 2.44 -37.85 -7.44
CA PRO B 73 2.50 -38.84 -6.35
C PRO B 73 1.83 -38.37 -5.07
N CYS B 74 1.96 -39.15 -4.00
CA CYS B 74 1.50 -38.70 -2.70
C CYS B 74 2.25 -37.44 -2.28
N ILE B 75 1.51 -36.49 -1.68
CA ILE B 75 2.10 -35.19 -1.39
C ILE B 75 3.27 -35.34 -0.42
N ARG B 76 4.41 -34.79 -0.81
CA ARG B 76 5.57 -34.69 0.07
C ARG B 76 5.70 -33.23 0.49
N LEU B 77 5.55 -32.97 1.78
CA LEU B 77 5.46 -31.60 2.27
C LEU B 77 6.76 -30.82 2.11
N ARG B 78 7.87 -31.48 1.80
CA ARG B 78 9.10 -30.76 1.48
C ARG B 78 9.03 -30.12 0.10
N GLY B 79 8.13 -30.57 -0.76
CA GLY B 79 8.06 -30.09 -2.12
C GLY B 79 7.56 -31.16 -3.06
N THR B 80 6.51 -30.87 -3.85
CA THR B 80 5.89 -31.88 -4.68
C THR B 80 5.45 -31.27 -6.00
N ASN B 81 5.77 -31.96 -7.10
CA ASN B 81 5.21 -31.70 -8.41
C ASN B 81 4.43 -32.92 -8.84
N GLY B 82 3.22 -32.71 -9.38
CA GLY B 82 2.40 -33.84 -9.78
C GLY B 82 1.01 -33.48 -10.25
N PHE B 83 0.08 -34.41 -10.12
CA PHE B 83 -1.27 -34.25 -10.62
C PHE B 83 -2.29 -34.63 -9.55
N VAL B 84 -3.39 -33.90 -9.51
CA VAL B 84 -4.55 -34.23 -8.68
C VAL B 84 -5.62 -34.78 -9.60
N HIS B 85 -6.08 -36.00 -9.32
CA HIS B 85 -7.11 -36.66 -10.12
C HIS B 85 -8.46 -36.48 -9.42
N VAL B 86 -9.42 -35.90 -10.14
CA VAL B 86 -10.75 -35.64 -9.61
C VAL B 86 -11.75 -36.34 -10.51
N GLU B 87 -12.62 -37.15 -9.91
CA GLU B 87 -13.63 -37.91 -10.64
C GLU B 87 -14.91 -37.89 -9.83
N PHE B 88 -15.91 -37.13 -10.29
CA PHE B 88 -17.19 -37.06 -9.58
C PHE B 88 -18.27 -36.53 -10.53
N ILE B 89 -19.49 -36.54 -10.03
CA ILE B 89 -20.65 -36.02 -10.74
C ILE B 89 -21.21 -34.85 -9.94
N PRO B 90 -20.97 -33.61 -10.37
CA PRO B 90 -21.33 -32.45 -9.54
C PRO B 90 -22.83 -32.30 -9.35
N ARG B 91 -23.22 -32.01 -8.11
CA ARG B 91 -24.60 -31.72 -7.77
C ARG B 91 -25.04 -30.33 -8.20
N GLY B 92 -24.17 -29.60 -8.91
CA GLY B 92 -24.51 -28.28 -9.42
C GLY B 92 -23.51 -27.87 -10.46
N ASN B 93 -23.79 -26.74 -11.11
CA ASN B 93 -22.87 -26.21 -12.11
C ASN B 93 -21.58 -25.75 -11.45
N LEU B 94 -20.47 -25.94 -12.17
CA LEU B 94 -19.16 -25.55 -11.68
C LEU B 94 -18.68 -24.23 -12.26
N LYS B 95 -19.59 -23.47 -12.88
CA LYS B 95 -19.22 -22.21 -13.51
C LYS B 95 -18.61 -21.24 -12.52
N TYR B 96 -19.09 -21.25 -11.27
CA TYR B 96 -18.60 -20.35 -10.24
C TYR B 96 -18.12 -21.13 -9.03
N LEU B 97 -17.29 -22.14 -9.25
CA LEU B 97 -16.85 -23.03 -8.17
C LEU B 97 -15.83 -22.33 -7.28
N TYR B 98 -16.13 -22.26 -5.99
CA TYR B 98 -15.17 -21.77 -5.00
C TYR B 98 -15.19 -22.67 -3.78
N PHE B 99 -14.14 -22.58 -2.98
CA PHE B 99 -13.94 -23.42 -1.81
C PHE B 99 -13.88 -22.57 -0.54
N ASN B 100 -14.50 -23.07 0.51
CA ASN B 100 -14.26 -22.59 1.87
C ASN B 100 -13.30 -23.55 2.55
N LEU B 101 -12.19 -23.02 3.04
CA LEU B 101 -11.15 -23.84 3.68
C LEU B 101 -11.09 -23.50 5.16
N PHE B 102 -11.29 -24.51 6.00
CA PHE B 102 -11.19 -24.37 7.45
C PHE B 102 -10.02 -25.24 7.91
N ILE B 103 -8.87 -24.60 8.09
CA ILE B 103 -7.62 -25.29 8.44
C ILE B 103 -7.41 -25.18 9.93
N SER B 104 -6.86 -26.25 10.51
CA SER B 104 -6.37 -26.24 11.88
C SER B 104 -5.02 -26.94 11.92
N VAL B 105 -4.06 -26.32 12.59
CA VAL B 105 -2.69 -26.84 12.68
C VAL B 105 -2.39 -27.10 14.14
N ASN B 106 -2.22 -28.37 14.48
CA ASN B 106 -2.01 -28.81 15.86
C ASN B 106 -3.05 -28.20 16.78
N SER B 107 -4.33 -28.35 16.37
CA SER B 107 -5.51 -28.01 17.16
C SER B 107 -5.81 -26.52 17.16
N ILE B 108 -4.90 -25.69 16.67
CA ILE B 108 -5.13 -24.25 16.62
C ILE B 108 -5.80 -23.90 15.30
N GLU B 109 -6.91 -23.16 15.39
CA GLU B 109 -7.73 -22.86 14.23
C GLU B 109 -7.18 -21.65 13.47
N LEU B 110 -7.02 -21.81 12.16
CA LEU B 110 -6.69 -20.70 11.28
C LEU B 110 -7.96 -19.94 10.91
N PRO B 111 -7.83 -18.68 10.53
CA PRO B 111 -9.01 -17.95 10.01
C PRO B 111 -9.57 -18.63 8.77
N LYS B 112 -10.88 -18.54 8.62
CA LYS B 112 -11.54 -19.12 7.45
C LYS B 112 -11.09 -18.38 6.20
N ARG B 113 -10.92 -19.13 5.12
CA ARG B 113 -10.46 -18.57 3.86
C ARG B 113 -11.33 -19.06 2.71
N LYS B 114 -11.49 -18.20 1.72
CA LYS B 114 -12.27 -18.47 0.53
C LYS B 114 -11.34 -18.47 -0.68
N GLU B 115 -11.46 -19.48 -1.53
CA GLU B 115 -10.57 -19.64 -2.67
C GLU B 115 -11.40 -19.97 -3.91
N VAL B 116 -11.36 -19.09 -4.90
CA VAL B 116 -12.13 -19.24 -6.13
C VAL B 116 -11.32 -20.07 -7.12
N LEU B 117 -11.95 -21.09 -7.69
CA LEU B 117 -11.36 -21.90 -8.76
C LEU B 117 -11.89 -21.53 -10.14
N CYS B 118 -13.17 -21.18 -10.24
CA CYS B 118 -13.78 -20.73 -11.48
C CYS B 118 -14.41 -19.37 -11.24
N HIS B 119 -13.95 -18.36 -11.97
CA HIS B 119 -14.47 -17.01 -11.85
C HIS B 119 -15.72 -16.76 -12.69
N GLY B 120 -16.05 -17.67 -13.62
CA GLY B 120 -17.20 -17.53 -14.47
C GLY B 120 -16.93 -16.90 -15.82
N HIS B 121 -15.67 -16.65 -16.18
CA HIS B 121 -15.33 -15.98 -17.43
C HIS B 121 -13.90 -16.33 -17.83
N ASP B 122 -13.75 -17.06 -18.94
CA ASP B 122 -12.44 -17.40 -19.49
C ASP B 122 -11.56 -18.11 -18.47
N ASP B 123 -12.12 -19.08 -17.77
CA ASP B 123 -11.38 -19.75 -16.72
C ASP B 123 -10.33 -20.68 -17.32
N ASP B 124 -9.39 -21.10 -16.46
CA ASP B 124 -8.23 -21.87 -16.89
C ASP B 124 -8.45 -23.38 -16.89
N TYR B 125 -9.59 -23.86 -16.37
CA TYR B 125 -9.81 -25.28 -16.18
C TYR B 125 -10.98 -25.75 -17.02
N SER B 126 -10.80 -26.89 -17.70
CA SER B 126 -11.86 -27.43 -18.55
C SER B 126 -13.09 -27.80 -17.74
N PHE B 127 -12.92 -28.14 -16.47
CA PHE B 127 -14.07 -28.60 -15.68
C PHE B 127 -14.98 -27.45 -15.26
N CYS B 128 -14.52 -26.20 -15.38
CA CYS B 128 -15.39 -25.06 -15.09
C CYS B 128 -16.60 -25.01 -16.01
N ARG B 129 -16.49 -25.59 -17.21
CA ARG B 129 -17.60 -25.68 -18.13
C ARG B 129 -18.63 -26.74 -17.73
N ALA B 130 -18.28 -27.63 -16.81
CA ALA B 130 -19.15 -28.75 -16.47
C ALA B 130 -20.49 -28.27 -15.91
N LEU B 131 -21.54 -29.03 -16.20
CA LEU B 131 -22.88 -28.74 -15.72
C LEU B 131 -23.28 -29.70 -14.62
N LYS B 132 -24.37 -29.36 -13.94
CA LYS B 132 -24.95 -30.26 -12.95
C LYS B 132 -25.35 -31.57 -13.59
N GLY B 133 -24.88 -32.67 -13.00
CA GLY B 133 -25.18 -34.00 -13.50
C GLY B 133 -24.24 -34.53 -14.56
N GLU B 134 -23.21 -33.77 -14.93
CA GLU B 134 -22.27 -34.21 -15.95
C GLU B 134 -21.12 -34.99 -15.32
N THR B 135 -20.58 -35.95 -16.07
CA THR B 135 -19.41 -36.68 -15.61
C THR B 135 -18.16 -35.81 -15.72
N VAL B 136 -17.37 -35.78 -14.66
CA VAL B 136 -16.13 -35.00 -14.60
C VAL B 136 -14.98 -35.94 -14.31
N ASN B 137 -13.96 -35.92 -15.18
CA ASN B 137 -12.78 -36.77 -15.07
C ASN B 137 -11.60 -35.95 -15.56
N THR B 138 -10.89 -35.31 -14.64
CA THR B 138 -9.80 -34.41 -15.00
C THR B 138 -8.60 -34.68 -14.10
N SER B 139 -7.41 -34.33 -14.62
CA SER B 139 -6.15 -34.44 -13.88
C SER B 139 -5.51 -33.06 -13.86
N ILE B 140 -5.42 -32.46 -12.68
CA ILE B 140 -5.00 -31.07 -12.51
C ILE B 140 -3.54 -31.07 -12.08
N PRO B 141 -2.64 -30.43 -12.83
CA PRO B 141 -1.25 -30.33 -12.38
C PRO B 141 -1.11 -29.33 -11.24
N PHE B 142 -0.31 -29.70 -10.25
CA PHE B 142 -0.02 -28.82 -9.12
C PHE B 142 1.48 -28.86 -8.84
N SER B 143 1.93 -27.89 -8.04
CA SER B 143 3.35 -27.74 -7.73
C SER B 143 3.51 -26.79 -6.55
N PHE B 144 4.37 -27.15 -5.61
CA PHE B 144 4.69 -26.26 -4.50
C PHE B 144 6.03 -26.67 -3.90
N GLU B 145 6.68 -25.70 -3.26
CA GLU B 145 7.96 -25.85 -2.60
C GLU B 145 8.29 -24.55 -1.90
N GLY B 146 9.38 -24.56 -1.13
CA GLY B 146 9.85 -23.35 -0.47
C GLY B 146 9.11 -22.97 0.78
N ILE B 147 8.32 -23.86 1.34
CA ILE B 147 7.51 -23.59 2.54
C ILE B 147 7.89 -24.58 3.62
N LEU B 148 8.11 -24.07 4.83
CA LEU B 148 8.37 -24.92 5.99
C LEU B 148 7.04 -25.27 6.64
N PHE B 149 6.75 -26.55 6.73
CA PHE B 149 5.50 -26.93 7.38
C PHE B 149 5.77 -27.37 8.83
N PRO B 150 4.95 -26.93 9.77
CA PRO B 150 5.16 -27.32 11.16
C PRO B 150 4.99 -28.83 11.33
N LYS B 151 5.72 -29.39 12.30
CA LYS B 151 5.61 -30.81 12.58
C LYS B 151 4.34 -31.09 13.37
N GLY B 152 3.73 -32.23 13.10
CA GLY B 152 2.51 -32.59 13.80
C GLY B 152 1.35 -32.98 12.89
N HIS B 153 0.14 -32.56 13.26
CA HIS B 153 -1.08 -33.02 12.63
C HIS B 153 -1.95 -31.84 12.27
N TYR B 154 -2.59 -31.92 11.09
CA TYR B 154 -3.51 -30.89 10.63
C TYR B 154 -4.83 -31.50 10.22
N ARG B 155 -5.90 -30.74 10.41
CA ARG B 155 -7.18 -30.98 9.76
C ARG B 155 -7.43 -29.88 8.75
N CYS B 156 -7.99 -30.25 7.60
CA CYS B 156 -8.40 -29.27 6.59
C CYS B 156 -9.75 -29.67 6.04
N VAL B 157 -10.76 -28.85 6.28
CA VAL B 157 -12.10 -29.07 5.78
C VAL B 157 -12.30 -28.21 4.54
N ALA B 158 -12.54 -28.86 3.41
CA ALA B 158 -12.65 -28.20 2.11
C ALA B 158 -14.11 -28.27 1.65
N GLU B 159 -14.77 -27.11 1.64
CA GLU B 159 -16.20 -27.01 1.35
C GLU B 159 -16.35 -26.39 -0.04
N ALA B 160 -16.83 -27.18 -0.99
CA ALA B 160 -17.01 -26.74 -2.37
C ALA B 160 -18.38 -26.11 -2.54
N ILE B 161 -18.41 -24.86 -3.01
CA ILE B 161 -19.62 -24.09 -3.13
C ILE B 161 -19.83 -23.71 -4.60
N ALA B 162 -21.08 -23.80 -5.06
CA ALA B 162 -21.46 -23.31 -6.37
C ALA B 162 -21.85 -21.85 -6.24
N GLY B 163 -21.01 -20.96 -6.78
CA GLY B 163 -21.17 -19.54 -6.54
C GLY B 163 -22.52 -18.96 -6.96
N ASP B 164 -23.10 -19.49 -8.04
CA ASP B 164 -24.38 -18.96 -8.51
C ASP B 164 -25.50 -19.26 -7.52
N THR B 165 -25.62 -20.51 -7.09
CA THR B 165 -26.65 -20.90 -6.15
C THR B 165 -26.24 -20.72 -4.70
N GLU B 166 -24.94 -20.58 -4.43
CA GLU B 166 -24.39 -20.62 -3.07
C GLU B 166 -24.75 -21.92 -2.36
N GLU B 167 -24.92 -23.00 -3.12
CA GLU B 167 -25.23 -24.30 -2.58
C GLU B 167 -23.99 -25.18 -2.55
N LYS B 168 -23.93 -26.06 -1.55
CA LYS B 168 -22.75 -26.88 -1.33
C LYS B 168 -22.73 -28.06 -2.28
N LEU B 169 -21.59 -28.26 -2.94
CA LEU B 169 -21.44 -29.34 -3.91
C LEU B 169 -20.88 -30.61 -3.27
N PHE B 170 -19.92 -30.46 -2.36
CA PHE B 170 -19.36 -31.57 -1.60
C PHE B 170 -18.49 -30.98 -0.50
N CYS B 171 -18.03 -31.85 0.41
CA CYS B 171 -17.23 -31.42 1.56
C CYS B 171 -16.29 -32.55 1.92
N LEU B 172 -14.99 -32.25 1.98
CA LEU B 172 -13.96 -33.25 2.26
C LEU B 172 -13.23 -32.89 3.55
N ASN B 173 -12.90 -33.92 4.33
CA ASN B 173 -12.30 -33.77 5.65
C ASN B 173 -10.87 -34.33 5.58
N PHE B 174 -9.90 -33.44 5.41
CA PHE B 174 -8.52 -33.87 5.23
C PHE B 174 -7.80 -33.99 6.58
N THR B 175 -6.98 -35.03 6.71
CA THR B 175 -6.13 -35.23 7.88
C THR B 175 -4.70 -35.43 7.38
N ILE B 176 -3.83 -34.46 7.65
CA ILE B 176 -2.43 -34.51 7.26
C ILE B 176 -1.58 -34.72 8.51
N ILE B 177 -0.58 -35.60 8.40
CA ILE B 177 0.38 -35.83 9.46
C ILE B 177 1.77 -35.61 8.89
N HIS B 178 2.49 -34.66 9.47
CA HIS B 178 3.88 -34.39 9.12
C HIS B 178 4.79 -35.14 10.08
N ARG B 179 5.89 -35.67 9.54
CA ARG B 179 6.78 -36.63 10.21
C ARG B 179 6.13 -38.01 10.22
N PRO C 43 20.65 38.04 34.71
CA PRO C 43 20.62 38.68 33.39
C PRO C 43 20.41 37.66 32.26
N CYS C 44 20.94 36.45 32.45
CA CYS C 44 20.83 35.42 31.44
C CYS C 44 19.74 34.41 31.85
N ILE C 45 19.73 33.28 31.15
CA ILE C 45 18.80 32.18 31.41
C ILE C 45 19.59 31.00 31.95
N GLU C 46 19.06 30.36 33.00
CA GLU C 46 19.69 29.19 33.59
C GLU C 46 19.04 27.93 33.01
N VAL C 47 19.85 27.09 32.38
CA VAL C 47 19.39 25.83 31.80
C VAL C 47 19.74 24.66 32.70
N VAL C 48 21.02 24.53 33.06
CA VAL C 48 21.45 23.57 34.08
C VAL C 48 22.13 24.38 35.18
N PRO C 49 21.58 24.41 36.39
CA PRO C 49 22.18 25.20 37.46
C PRO C 49 23.66 24.92 37.65
N ASN C 50 24.45 25.99 37.64
CA ASN C 50 25.90 25.97 37.84
C ASN C 50 26.64 25.23 36.72
N ILE C 51 26.01 25.04 35.55
CA ILE C 51 26.65 24.27 34.48
C ILE C 51 26.47 24.96 33.14
N THR C 52 25.24 25.35 32.81
CA THR C 52 24.94 25.87 31.49
C THR C 52 24.03 27.08 31.59
N TYR C 53 24.44 28.18 30.97
CA TYR C 53 23.67 29.42 30.95
C TYR C 53 23.58 29.94 29.53
N GLN C 54 22.41 30.48 29.18
CA GLN C 54 22.06 30.91 27.83
C GLN C 54 21.91 32.43 27.84
N CYS C 55 22.92 33.11 27.30
CA CYS C 55 22.97 34.57 27.28
C CYS C 55 22.77 35.15 25.89
N MET C 56 22.12 34.40 24.99
CA MET C 56 21.91 34.87 23.63
C MET C 56 20.99 36.08 23.61
N ASP C 57 21.37 37.09 22.83
CA ASP C 57 20.56 38.26 22.53
C ASP C 57 20.02 38.90 23.82
N GLN C 58 20.94 39.27 24.71
CA GLN C 58 20.60 39.98 25.93
C GLN C 58 21.11 41.42 25.90
N LYS C 59 21.47 41.93 24.72
CA LYS C 59 22.01 43.28 24.56
C LYS C 59 23.23 43.50 25.45
N LEU C 60 23.93 42.41 25.77
CA LEU C 60 25.11 42.50 26.63
C LEU C 60 26.26 43.13 25.87
N SER C 61 26.94 44.08 26.52
CA SER C 61 28.17 44.65 25.97
C SER C 61 29.43 43.99 26.50
N LYS C 62 29.32 43.21 27.58
CA LYS C 62 30.48 42.51 28.13
C LYS C 62 30.03 41.19 28.76
N VAL C 63 31.01 40.34 29.05
CA VAL C 63 30.72 39.06 29.70
C VAL C 63 30.08 39.33 31.06
N PRO C 64 29.02 38.63 31.44
CA PRO C 64 28.37 38.90 32.73
C PRO C 64 29.32 38.68 33.89
N ASP C 65 29.29 39.59 34.86
CA ASP C 65 30.12 39.46 36.05
C ASP C 65 29.69 38.28 36.92
N ASP C 66 28.39 38.06 37.03
CA ASP C 66 27.83 37.21 38.08
C ASP C 66 27.30 35.88 37.55
N ILE C 67 28.13 35.13 36.85
CA ILE C 67 27.81 33.77 36.42
C ILE C 67 28.65 32.81 37.24
N PRO C 68 28.07 31.74 37.79
CA PRO C 68 28.84 30.81 38.62
C PRO C 68 30.12 30.33 37.94
N SER C 69 31.19 30.21 38.72
CA SER C 69 32.51 29.88 38.22
C SER C 69 32.68 28.41 37.87
N SER C 70 31.65 27.59 38.07
CA SER C 70 31.67 26.19 37.65
C SER C 70 31.01 25.96 36.31
N THR C 71 30.52 27.03 35.66
CA THR C 71 29.80 26.89 34.41
C THR C 71 30.69 26.27 33.35
N LYS C 72 30.11 25.36 32.55
CA LYS C 72 30.85 24.63 31.54
C LYS C 72 30.45 24.99 30.11
N ASN C 73 29.33 25.68 29.93
CA ASN C 73 28.91 26.10 28.59
C ASN C 73 28.17 27.43 28.72
N ILE C 74 28.60 28.43 27.95
CA ILE C 74 27.88 29.70 27.86
C ILE C 74 27.67 30.04 26.40
N ASP C 75 26.44 30.45 26.07
CA ASP C 75 26.09 30.92 24.72
C ASP C 75 25.93 32.43 24.82
N LEU C 76 26.87 33.16 24.23
CA LEU C 76 26.86 34.62 24.26
C LEU C 76 26.53 35.22 22.90
N SER C 77 25.91 34.44 22.03
CA SER C 77 25.69 34.87 20.65
C SER C 77 24.75 36.07 20.59
N PHE C 78 24.90 36.85 19.51
CA PHE C 78 24.00 37.95 19.18
C PHE C 78 23.95 39.02 20.27
N ASN C 79 25.09 39.26 20.93
CA ASN C 79 25.36 40.37 21.83
C ASN C 79 26.42 41.27 21.21
N PRO C 80 26.29 42.59 21.34
CA PRO C 80 27.29 43.49 20.73
C PRO C 80 28.52 43.67 21.60
N LEU C 81 29.29 42.58 21.75
CA LEU C 81 30.48 42.62 22.61
C LEU C 81 31.54 43.55 22.04
N LYS C 82 31.59 43.69 20.71
CA LYS C 82 32.47 44.63 20.02
C LYS C 82 33.95 44.31 20.21
N ILE C 83 34.37 44.11 21.46
CA ILE C 83 35.78 43.87 21.78
C ILE C 83 35.86 42.77 22.82
N LEU C 84 36.85 41.90 22.68
CA LEU C 84 37.19 40.91 23.70
C LEU C 84 38.47 41.36 24.39
N LYS C 85 38.34 41.95 25.57
CA LYS C 85 39.47 42.43 26.32
C LYS C 85 40.30 41.26 26.84
N SER C 86 41.36 41.57 27.58
CA SER C 86 42.19 40.53 28.16
C SER C 86 41.58 40.02 29.46
N TYR C 87 41.73 38.72 29.70
CA TYR C 87 41.17 38.07 30.88
C TYR C 87 39.67 38.27 30.99
N SER C 88 38.99 38.39 29.85
CA SER C 88 37.54 38.48 29.83
C SER C 88 36.91 37.33 30.59
N PHE C 89 37.38 36.11 30.32
CA PHE C 89 36.83 34.90 30.92
C PHE C 89 37.77 34.29 31.96
N SER C 90 38.58 35.13 32.60
CA SER C 90 39.45 34.66 33.67
C SER C 90 38.65 34.12 34.86
N ASN C 91 37.39 34.52 35.01
CA ASN C 91 36.54 34.03 36.09
C ASN C 91 35.94 32.66 35.80
N PHE C 92 35.97 32.20 34.55
CA PHE C 92 35.31 30.96 34.16
C PHE C 92 36.34 29.89 33.81
N SER C 93 37.07 29.44 34.84
CA SER C 93 38.16 28.49 34.63
C SER C 93 37.69 27.11 34.21
N GLU C 94 36.38 26.87 34.13
CA GLU C 94 35.85 25.55 33.81
C GLU C 94 35.13 25.49 32.48
N LEU C 95 35.10 26.59 31.72
CA LEU C 95 34.36 26.64 30.47
C LEU C 95 34.87 25.59 29.49
N GLN C 96 33.95 24.78 28.96
CA GLN C 96 34.25 23.83 27.90
C GLN C 96 33.69 24.25 26.55
N TRP C 97 32.65 25.08 26.54
CA TRP C 97 31.91 25.39 25.32
C TRP C 97 31.57 26.88 25.35
N LEU C 98 32.16 27.65 24.44
CA LEU C 98 31.99 29.10 24.39
C LEU C 98 31.52 29.50 23.01
N ASP C 99 30.29 30.02 22.92
CA ASP C 99 29.70 30.44 21.66
C ASP C 99 29.66 31.96 21.63
N LEU C 100 30.40 32.55 20.68
CA LEU C 100 30.43 33.99 20.49
C LEU C 100 29.96 34.39 19.09
N SER C 101 29.10 33.59 18.48
CA SER C 101 28.64 33.85 17.12
C SER C 101 27.96 35.22 17.04
N ARG C 102 28.20 35.92 15.93
CA ARG C 102 27.53 37.18 15.61
C ARG C 102 27.57 38.14 16.79
N CYS C 103 28.78 38.42 17.25
CA CYS C 103 28.98 39.28 18.41
C CYS C 103 29.64 40.61 18.05
N GLU C 104 29.70 40.95 16.77
CA GLU C 104 30.28 42.21 16.29
C GLU C 104 31.71 42.42 16.79
N ILE C 105 32.41 41.34 17.11
CA ILE C 105 33.75 41.43 17.67
C ILE C 105 34.71 41.89 16.57
N GLU C 106 35.27 43.09 16.74
CA GLU C 106 36.27 43.61 15.81
C GLU C 106 37.70 43.39 16.28
N THR C 107 37.90 43.12 17.57
CA THR C 107 39.24 43.04 18.14
C THR C 107 39.31 41.93 19.17
N ILE C 108 40.29 41.05 19.01
CA ILE C 108 40.69 40.10 20.06
C ILE C 108 41.97 40.65 20.66
N GLU C 109 41.90 41.11 21.91
CA GLU C 109 43.11 41.51 22.60
C GLU C 109 43.93 40.28 22.98
N ASP C 110 45.17 40.54 23.41
CA ASP C 110 46.05 39.44 23.78
C ASP C 110 45.61 38.82 25.11
N LYS C 111 45.71 37.50 25.19
CA LYS C 111 45.28 36.74 26.37
C LYS C 111 43.82 37.04 26.70
N ALA C 112 42.99 37.11 25.66
CA ALA C 112 41.54 37.23 25.88
C ALA C 112 40.99 35.97 26.53
N TRP C 113 41.52 34.80 26.15
CA TRP C 113 41.13 33.54 26.76
C TRP C 113 42.20 33.03 27.71
N HIS C 114 42.55 33.83 28.72
CA HIS C 114 43.66 33.45 29.59
C HIS C 114 43.29 32.28 30.49
N GLY C 115 42.23 32.42 31.27
CA GLY C 115 41.87 31.39 32.22
C GLY C 115 41.15 30.19 31.66
N LEU C 116 40.95 30.12 30.35
CA LEU C 116 40.13 29.08 29.74
C LEU C 116 40.98 27.87 29.34
N HIS C 117 41.55 27.22 30.36
CA HIS C 117 42.37 26.04 30.12
C HIS C 117 41.56 24.79 29.82
N HIS C 118 40.24 24.84 29.97
CA HIS C 118 39.38 23.70 29.69
C HIS C 118 38.46 23.94 28.50
N LEU C 119 38.69 24.99 27.73
CA LEU C 119 37.82 25.30 26.60
C LEU C 119 38.20 24.43 25.40
N SER C 120 37.27 23.56 24.99
CA SER C 120 37.49 22.67 23.86
C SER C 120 36.72 23.09 22.61
N ASN C 121 35.74 23.98 22.73
CA ASN C 121 34.94 24.43 21.60
C ASN C 121 34.81 25.94 21.65
N LEU C 122 35.30 26.62 20.62
CA LEU C 122 35.26 28.08 20.51
C LEU C 122 34.60 28.43 19.19
N ILE C 123 33.53 29.22 19.24
CA ILE C 123 32.74 29.55 18.07
C ILE C 123 32.78 31.06 17.89
N LEU C 124 33.38 31.51 16.78
CA LEU C 124 33.53 32.93 16.48
C LEU C 124 32.82 33.31 15.19
N THR C 125 31.82 32.54 14.79
CA THR C 125 31.17 32.71 13.49
C THR C 125 30.63 34.13 13.32
N GLY C 126 30.96 34.75 12.19
CA GLY C 126 30.34 36.01 11.81
C GLY C 126 30.86 37.23 12.54
N ASN C 127 32.07 37.17 13.12
CA ASN C 127 32.64 38.37 13.75
C ASN C 127 33.64 39.01 12.80
N PRO C 128 33.52 40.32 12.51
CA PRO C 128 34.47 40.97 11.57
C PRO C 128 35.81 41.25 12.21
N ILE C 129 36.60 40.18 12.39
CA ILE C 129 37.91 40.29 13.03
C ILE C 129 39.01 40.54 12.01
N GLN C 130 39.05 39.72 10.95
CA GLN C 130 39.98 39.87 9.83
C GLN C 130 41.43 39.62 10.22
N SER C 131 41.93 40.34 11.21
CA SER C 131 43.33 40.26 11.62
C SER C 131 43.44 39.66 13.01
N PHE C 132 43.85 38.39 13.07
CA PHE C 132 44.09 37.70 14.34
C PHE C 132 45.56 37.87 14.71
N SER C 133 45.83 38.74 15.68
CA SER C 133 47.20 39.04 16.06
C SER C 133 47.84 37.84 16.78
N PRO C 134 49.17 37.74 16.75
CA PRO C 134 49.85 36.68 17.51
C PRO C 134 49.46 36.73 18.98
N GLY C 135 49.25 35.55 19.57
CA GLY C 135 48.79 35.48 20.93
C GLY C 135 47.31 35.66 21.10
N SER C 136 46.55 35.74 20.00
CA SER C 136 45.10 35.80 20.09
C SER C 136 44.56 34.58 20.84
N PHE C 137 44.99 33.39 20.44
CA PHE C 137 44.52 32.14 21.04
C PHE C 137 45.43 31.65 22.16
N SER C 138 46.14 32.55 22.84
CA SER C 138 47.00 32.15 23.94
C SER C 138 46.14 31.76 25.15
N GLY C 139 46.37 30.56 25.67
CA GLY C 139 45.64 30.03 26.79
C GLY C 139 44.70 28.90 26.44
N LEU C 140 44.33 28.76 25.16
CA LEU C 140 43.42 27.70 24.73
C LEU C 140 44.18 26.38 24.55
N THR C 141 44.78 25.93 25.64
CA THR C 141 45.63 24.75 25.67
C THR C 141 44.84 23.45 25.59
N SER C 142 43.50 23.52 25.49
CA SER C 142 42.67 22.34 25.37
C SER C 142 41.73 22.40 24.17
N LEU C 143 41.78 23.45 23.37
CA LEU C 143 40.85 23.62 22.26
C LEU C 143 41.01 22.49 21.25
N GLU C 144 39.89 21.83 20.92
CA GLU C 144 39.87 20.82 19.88
C GLU C 144 39.00 21.19 18.69
N ASN C 145 38.22 22.28 18.78
CA ASN C 145 37.34 22.67 17.69
C ASN C 145 37.25 24.18 17.67
N LEU C 146 37.87 24.80 16.65
CA LEU C 146 37.84 26.24 16.46
C LEU C 146 37.02 26.54 15.21
N VAL C 147 35.98 27.36 15.37
CA VAL C 147 35.06 27.70 14.29
C VAL C 147 35.23 29.19 14.02
N ALA C 148 35.93 29.52 12.93
CA ALA C 148 36.17 30.90 12.53
C ALA C 148 35.48 31.23 11.22
N VAL C 149 34.25 30.73 11.05
CA VAL C 149 33.50 30.98 9.83
C VAL C 149 33.15 32.47 9.75
N GLU C 150 33.36 33.05 8.56
CA GLU C 150 33.00 34.44 8.29
C GLU C 150 33.64 35.41 9.28
N THR C 151 34.94 35.21 9.55
CA THR C 151 35.70 36.13 10.37
C THR C 151 36.58 37.05 9.54
N LYS C 152 36.26 37.21 8.25
CA LYS C 152 37.05 38.02 7.32
C LYS C 152 38.49 37.55 7.24
N LEU C 153 38.73 36.27 7.53
CA LEU C 153 40.07 35.71 7.45
C LEU C 153 40.54 35.68 6.00
N ALA C 154 41.70 36.26 5.75
CA ALA C 154 42.22 36.39 4.40
C ALA C 154 43.30 35.37 4.07
N SER C 155 43.86 34.69 5.08
CA SER C 155 44.93 33.71 4.87
C SER C 155 45.12 32.91 6.15
N LEU C 156 45.61 31.68 5.98
CA LEU C 156 45.96 30.83 7.11
C LEU C 156 47.40 31.03 7.58
N GLU C 157 48.25 31.66 6.75
CA GLU C 157 49.64 31.85 7.12
C GLU C 157 49.77 32.73 8.37
N SER C 158 48.96 33.79 8.45
CA SER C 158 48.93 34.66 9.63
C SER C 158 47.76 34.33 10.55
N PHE C 159 47.39 33.04 10.61
CA PHE C 159 46.40 32.58 11.59
C PHE C 159 47.16 31.97 12.76
N PRO C 160 47.22 32.64 13.92
CA PRO C 160 48.09 32.23 15.03
C PRO C 160 47.61 31.02 15.83
N ILE C 161 47.12 30.00 15.11
CA ILE C 161 46.68 28.75 15.73
C ILE C 161 47.82 27.73 15.82
N GLY C 162 49.06 28.15 15.58
CA GLY C 162 50.16 27.22 15.45
C GLY C 162 50.57 26.53 16.74
N GLN C 163 50.07 26.96 17.89
CA GLN C 163 50.41 26.34 19.16
C GLN C 163 49.25 25.53 19.76
N LEU C 164 48.10 25.49 19.09
CA LEU C 164 46.95 24.74 19.58
C LEU C 164 47.16 23.26 19.25
N ILE C 165 48.06 22.64 20.02
CA ILE C 165 48.47 21.27 19.75
C ILE C 165 47.30 20.30 19.83
N THR C 166 46.28 20.64 20.61
CA THR C 166 45.14 19.75 20.82
C THR C 166 44.08 19.84 19.73
N LEU C 167 44.23 20.75 18.77
CA LEU C 167 43.16 21.03 17.82
C LEU C 167 42.92 19.85 16.89
N LYS C 168 41.66 19.44 16.77
CA LYS C 168 41.25 18.34 15.90
C LYS C 168 40.49 18.79 14.66
N LYS C 169 39.64 19.81 14.79
CA LYS C 169 38.87 20.33 13.67
C LYS C 169 39.08 21.83 13.54
N LEU C 170 39.21 22.29 12.31
CA LEU C 170 39.37 23.72 12.00
C LEU C 170 38.37 24.09 10.91
N ASN C 171 37.48 25.03 11.21
CA ASN C 171 36.46 25.48 10.27
C ASN C 171 36.74 26.94 9.93
N VAL C 172 37.19 27.19 8.70
CA VAL C 172 37.48 28.54 8.23
C VAL C 172 36.64 28.82 6.99
N ALA C 173 35.45 28.26 6.94
CA ALA C 173 34.59 28.43 5.77
C ALA C 173 34.03 29.85 5.72
N HIS C 174 33.54 30.22 4.54
CA HIS C 174 32.93 31.54 4.29
C HIS C 174 33.92 32.66 4.62
N ASN C 175 35.14 32.55 4.11
CA ASN C 175 36.18 33.53 4.35
C ASN C 175 36.75 33.98 3.00
N PHE C 176 37.95 34.56 3.03
CA PHE C 176 38.61 35.11 1.85
C PHE C 176 39.95 34.43 1.60
N ILE C 177 40.04 33.14 1.94
CA ILE C 177 41.24 32.37 1.67
C ILE C 177 41.34 32.11 0.17
N HIS C 178 42.51 32.38 -0.41
CA HIS C 178 42.72 32.28 -1.85
C HIS C 178 43.61 31.10 -2.25
N SER C 179 43.95 30.21 -1.31
CA SER C 179 44.80 29.08 -1.63
C SER C 179 44.62 28.00 -0.57
N CYS C 180 44.65 26.74 -1.01
CA CYS C 180 44.55 25.60 -0.11
C CYS C 180 45.90 25.14 0.41
N LYS C 181 46.95 25.93 0.20
CA LYS C 181 48.26 25.57 0.74
C LYS C 181 48.22 25.61 2.25
N LEU C 182 48.65 24.51 2.87
CA LEU C 182 48.63 24.45 4.33
C LEU C 182 49.90 25.06 4.90
N PRO C 183 49.79 25.98 5.86
CA PRO C 183 50.99 26.66 6.37
C PRO C 183 51.96 25.70 7.03
N ALA C 184 53.18 26.19 7.25
CA ALA C 184 54.24 25.34 7.77
C ALA C 184 53.95 24.86 9.18
N TYR C 185 53.21 25.64 9.97
CA TYR C 185 52.96 25.26 11.36
C TYR C 185 52.05 24.04 11.48
N PHE C 186 51.47 23.56 10.39
CA PHE C 186 50.59 22.39 10.42
C PHE C 186 51.31 21.10 10.83
N SER C 187 52.63 21.13 11.00
CA SER C 187 53.35 19.96 11.49
C SER C 187 53.30 19.82 13.00
N ASN C 188 53.11 20.93 13.72
CA ASN C 188 52.98 20.86 15.18
C ASN C 188 51.58 20.42 15.61
N LEU C 189 50.60 20.44 14.71
CA LEU C 189 49.23 20.08 15.03
C LEU C 189 48.98 18.64 14.61
N THR C 190 49.37 17.71 15.47
CA THR C 190 49.23 16.29 15.15
C THR C 190 47.84 15.74 15.46
N ASN C 191 46.91 16.57 15.96
CA ASN C 191 45.56 16.12 16.21
C ASN C 191 44.56 16.61 15.17
N LEU C 192 44.94 17.53 14.28
CA LEU C 192 44.05 18.02 13.26
C LEU C 192 43.76 16.94 12.23
N VAL C 193 42.48 16.72 11.93
CA VAL C 193 42.08 15.68 10.98
C VAL C 193 41.02 16.21 10.02
N HIS C 194 40.59 17.46 10.21
CA HIS C 194 39.59 18.03 9.31
C HIS C 194 39.78 19.53 9.20
N VAL C 195 39.80 20.02 7.96
CA VAL C 195 39.87 21.45 7.67
C VAL C 195 38.72 21.78 6.73
N ASP C 196 37.89 22.73 7.13
CA ASP C 196 36.73 23.16 6.33
C ASP C 196 37.14 24.43 5.59
N LEU C 197 37.41 24.28 4.29
CA LEU C 197 37.79 25.40 3.43
C LEU C 197 36.66 25.82 2.50
N SER C 198 35.42 25.42 2.81
CA SER C 198 34.30 25.69 1.92
C SER C 198 34.06 27.18 1.77
N TYR C 199 33.44 27.55 0.64
CA TYR C 199 32.94 28.90 0.43
C TYR C 199 34.04 29.95 0.57
N ASN C 200 35.16 29.70 -0.10
CA ASN C 200 36.24 30.68 -0.15
C ASN C 200 36.49 31.10 -1.59
N TYR C 201 37.73 31.49 -1.90
CA TYR C 201 38.07 32.00 -3.23
C TYR C 201 39.24 31.24 -3.85
N ILE C 202 39.51 30.02 -3.39
CA ILE C 202 40.58 29.21 -4.00
C ILE C 202 40.22 28.94 -5.45
N GLN C 203 41.13 29.31 -6.36
CA GLN C 203 40.91 29.18 -7.80
C GLN C 203 41.86 28.22 -8.48
N THR C 204 43.12 28.13 -8.02
CA THR C 204 44.10 27.23 -8.59
C THR C 204 44.71 26.38 -7.49
N ILE C 205 45.14 25.18 -7.88
CA ILE C 205 45.80 24.24 -6.97
C ILE C 205 47.08 23.78 -7.66
N THR C 206 48.22 24.19 -7.12
CA THR C 206 49.52 23.86 -7.69
C THR C 206 50.18 22.74 -6.88
N VAL C 207 51.27 22.20 -7.43
CA VAL C 207 51.97 21.14 -6.73
C VAL C 207 52.62 21.66 -5.45
N ASN C 208 52.93 22.96 -5.39
CA ASN C 208 53.47 23.55 -4.17
C ASN C 208 52.41 23.81 -3.12
N ASP C 209 51.14 23.93 -3.53
CA ASP C 209 50.07 24.08 -2.57
C ASP C 209 49.94 22.83 -1.70
N LEU C 210 50.08 21.66 -2.30
CA LEU C 210 49.99 20.38 -1.60
C LEU C 210 51.34 19.84 -1.18
N GLN C 211 52.36 20.70 -1.16
CA GLN C 211 53.71 20.24 -0.83
C GLN C 211 53.79 19.75 0.62
N PHE C 212 53.11 20.45 1.54
CA PHE C 212 53.12 20.02 2.94
C PHE C 212 52.63 18.58 3.08
N LEU C 213 51.46 18.29 2.52
CA LEU C 213 50.95 16.92 2.55
C LEU C 213 51.94 15.95 1.92
N ARG C 214 52.62 16.39 0.86
CA ARG C 214 53.64 15.55 0.24
C ARG C 214 54.87 15.44 1.13
N GLU C 215 55.23 16.52 1.83
CA GLU C 215 56.48 16.56 2.60
C GLU C 215 56.61 15.36 3.53
N ASN C 216 55.56 15.07 4.29
CA ASN C 216 55.55 13.85 5.08
C ASN C 216 54.12 13.32 5.19
N PRO C 217 53.88 12.10 4.73
CA PRO C 217 52.49 11.66 4.54
C PRO C 217 51.95 10.80 5.68
N GLN C 218 52.30 11.13 6.93
CA GLN C 218 51.68 10.48 8.07
C GLN C 218 50.40 11.17 8.51
N VAL C 219 50.05 12.29 7.91
CA VAL C 219 48.91 13.08 8.34
C VAL C 219 47.63 12.48 7.77
N ASN C 220 46.66 12.20 8.64
CA ASN C 220 45.33 11.77 8.22
C ASN C 220 44.45 13.02 8.30
N LEU C 221 44.12 13.58 7.14
CA LEU C 221 43.41 14.84 7.04
C LEU C 221 42.30 14.75 6.00
N SER C 222 41.22 15.47 6.25
CA SER C 222 40.09 15.58 5.33
C SER C 222 39.93 17.04 4.94
N LEU C 223 39.77 17.29 3.64
CA LEU C 223 39.58 18.63 3.13
C LEU C 223 38.18 18.78 2.55
N ASP C 224 37.54 19.91 2.85
CA ASP C 224 36.22 20.26 2.32
C ASP C 224 36.43 21.51 1.48
N MET C 225 36.52 21.33 0.16
CA MET C 225 36.74 22.47 -0.74
C MET C 225 35.51 22.72 -1.59
N SER C 226 34.34 22.75 -0.95
CA SER C 226 33.10 23.02 -1.66
C SER C 226 32.95 24.50 -1.91
N LEU C 227 32.20 24.84 -2.96
CA LEU C 227 31.84 26.21 -3.32
C LEU C 227 33.07 27.09 -3.57
N ASN C 228 34.21 26.49 -3.92
CA ASN C 228 35.36 27.26 -4.35
C ASN C 228 35.41 27.26 -5.87
N PRO C 229 35.61 28.42 -6.50
CA PRO C 229 35.64 28.50 -7.97
C PRO C 229 36.95 27.97 -8.55
N ILE C 230 37.17 26.66 -8.39
CA ILE C 230 38.37 26.02 -8.92
C ILE C 230 38.21 25.85 -10.42
N ASP C 231 39.11 26.45 -11.20
CA ASP C 231 39.07 26.33 -12.65
C ASP C 231 40.37 25.83 -13.24
N PHE C 232 41.36 25.47 -12.42
CA PHE C 232 42.64 24.99 -12.92
C PHE C 232 43.37 24.27 -11.80
N ILE C 233 43.89 23.08 -12.11
CA ILE C 233 44.73 22.33 -11.19
C ILE C 233 46.02 21.99 -11.93
N GLN C 234 47.15 22.32 -11.33
CA GLN C 234 48.44 22.10 -11.98
C GLN C 234 48.69 20.62 -12.21
N ASP C 235 49.36 20.31 -13.31
CA ASP C 235 49.66 18.92 -13.66
C ASP C 235 50.50 18.27 -12.58
N GLN C 236 50.10 17.06 -12.18
CA GLN C 236 50.80 16.27 -11.16
C GLN C 236 50.92 17.05 -9.85
N ALA C 237 49.79 17.61 -9.40
CA ALA C 237 49.75 18.35 -8.15
C ALA C 237 49.35 17.47 -6.97
N PHE C 238 48.56 16.43 -7.21
CA PHE C 238 48.17 15.50 -6.17
C PHE C 238 48.99 14.21 -6.17
N GLN C 239 50.16 14.24 -6.82
CA GLN C 239 51.02 13.06 -6.83
C GLN C 239 51.61 12.85 -5.44
N GLY C 240 51.46 11.63 -4.92
CA GLY C 240 51.93 11.32 -3.59
C GLY C 240 51.09 11.89 -2.47
N ILE C 241 49.86 12.29 -2.77
CA ILE C 241 48.97 12.92 -1.80
C ILE C 241 47.95 11.89 -1.33
N LYS C 242 47.80 11.78 -0.01
CA LYS C 242 46.87 10.85 0.62
C LYS C 242 45.91 11.64 1.50
N LEU C 243 44.62 11.55 1.19
CA LEU C 243 43.58 12.21 1.96
C LEU C 243 42.57 11.18 2.44
N HIS C 244 41.82 11.54 3.48
CA HIS C 244 40.75 10.68 3.98
C HIS C 244 39.43 11.00 3.29
N GLU C 245 38.95 12.24 3.44
CA GLU C 245 37.73 12.69 2.82
C GLU C 245 38.00 13.97 2.03
N LEU C 246 37.55 13.99 0.78
CA LEU C 246 37.70 15.16 -0.08
C LEU C 246 36.33 15.51 -0.63
N THR C 247 35.86 16.70 -0.32
CA THR C 247 34.53 17.17 -0.71
C THR C 247 34.67 18.24 -1.78
N LEU C 248 34.12 17.97 -2.97
CA LEU C 248 34.17 18.88 -4.12
C LEU C 248 32.74 19.07 -4.60
N ARG C 249 32.01 20.00 -3.97
CA ARG C 249 30.63 20.26 -4.29
C ARG C 249 30.43 21.72 -4.67
N GLY C 250 29.78 21.95 -5.81
CA GLY C 250 29.48 23.30 -6.27
C GLY C 250 30.69 24.12 -6.68
N ASN C 251 31.66 23.49 -7.34
CA ASN C 251 32.90 24.17 -7.71
C ASN C 251 32.92 24.67 -9.14
N PHE C 252 32.16 24.04 -10.04
CA PHE C 252 32.41 24.16 -11.47
C PHE C 252 31.20 24.74 -12.20
N ASN C 253 31.49 25.55 -13.23
CA ASN C 253 30.47 26.14 -14.09
C ASN C 253 30.35 25.45 -15.43
N SER C 254 31.44 24.90 -15.97
CA SER C 254 31.42 24.26 -17.26
C SER C 254 31.87 22.80 -17.16
N SER C 255 31.46 22.02 -18.16
CA SER C 255 31.85 20.62 -18.23
C SER C 255 33.35 20.48 -18.47
N ASN C 256 33.92 21.35 -19.31
CA ASN C 256 35.31 21.21 -19.71
C ASN C 256 36.26 21.53 -18.56
N ILE C 257 35.95 22.59 -17.79
CA ILE C 257 36.78 22.93 -16.64
C ILE C 257 36.77 21.80 -15.63
N MET C 258 35.59 21.23 -15.36
CA MET C 258 35.50 20.14 -14.39
C MET C 258 36.24 18.90 -14.88
N LYS C 259 36.04 18.53 -16.15
CA LYS C 259 36.76 17.40 -16.72
C LYS C 259 38.27 17.61 -16.63
N THR C 260 38.73 18.84 -16.91
CA THR C 260 40.15 19.14 -16.88
C THR C 260 40.71 19.02 -15.47
N CYS C 261 40.01 19.60 -14.49
CA CYS C 261 40.48 19.59 -13.11
C CYS C 261 40.51 18.18 -12.54
N LEU C 262 39.46 17.38 -12.81
CA LEU C 262 39.42 16.01 -12.30
C LEU C 262 40.54 15.16 -12.87
N GLN C 263 40.95 15.44 -14.10
CA GLN C 263 42.10 14.74 -14.68
C GLN C 263 43.33 14.88 -13.81
N ASN C 264 43.58 16.10 -13.32
CA ASN C 264 44.79 16.42 -12.57
C ASN C 264 44.66 16.14 -11.07
N LEU C 265 43.72 15.28 -10.69
CA LEU C 265 43.73 14.64 -9.39
C LEU C 265 44.57 13.37 -9.39
N ALA C 266 45.13 13.00 -10.55
CA ALA C 266 45.82 11.72 -10.70
C ALA C 266 46.95 11.58 -9.68
N GLY C 267 47.05 10.39 -9.09
CA GLY C 267 48.01 10.11 -8.05
C GLY C 267 47.45 10.25 -6.65
N LEU C 268 46.27 10.85 -6.49
CA LEU C 268 45.67 11.02 -5.18
C LEU C 268 45.14 9.69 -4.66
N HIS C 269 45.18 9.53 -3.34
CA HIS C 269 44.66 8.35 -2.66
C HIS C 269 43.68 8.82 -1.60
N VAL C 270 42.40 8.88 -1.96
CA VAL C 270 41.34 9.25 -1.02
C VAL C 270 40.62 8.01 -0.56
N HIS C 271 40.10 8.07 0.67
CA HIS C 271 39.21 7.05 1.21
C HIS C 271 37.75 7.34 0.93
N ARG C 272 37.39 8.60 0.69
CA ARG C 272 36.00 8.96 0.41
C ARG C 272 35.98 10.24 -0.42
N LEU C 273 35.45 10.15 -1.63
CA LEU C 273 35.34 11.30 -2.52
C LEU C 273 33.87 11.67 -2.68
N ILE C 274 33.56 12.96 -2.55
CA ILE C 274 32.19 13.46 -2.61
C ILE C 274 32.12 14.48 -3.74
N LEU C 275 31.31 14.17 -4.76
CA LEU C 275 31.13 15.04 -5.91
C LEU C 275 29.66 15.41 -6.05
N GLY C 276 29.41 16.59 -6.62
CA GLY C 276 28.06 17.00 -6.93
C GLY C 276 27.93 18.51 -6.89
N GLU C 277 26.69 18.97 -7.06
CA GLU C 277 26.39 20.39 -7.08
C GLU C 277 25.25 20.71 -6.11
N PHE C 278 24.77 21.94 -6.13
CA PHE C 278 23.65 22.37 -5.31
C PHE C 278 22.57 22.96 -6.20
N LYS C 279 21.32 22.90 -5.72
CA LYS C 279 20.21 23.43 -6.50
C LYS C 279 20.26 24.95 -6.59
N ASP C 280 20.85 25.62 -5.61
CA ASP C 280 20.88 27.07 -5.55
C ASP C 280 22.28 27.64 -5.74
N GLU C 281 23.08 27.00 -6.60
CA GLU C 281 24.45 27.45 -6.83
C GLU C 281 24.83 27.16 -8.28
N ARG C 282 26.14 27.21 -8.54
CA ARG C 282 26.68 26.86 -9.85
C ARG C 282 26.20 25.48 -10.27
N ASN C 283 25.74 25.38 -11.51
CA ASN C 283 25.26 24.12 -12.06
C ASN C 283 25.88 23.90 -13.44
N LEU C 284 26.21 22.64 -13.73
CA LEU C 284 26.67 22.25 -15.05
C LEU C 284 25.45 22.07 -15.95
N GLU C 285 25.43 22.79 -17.08
CA GLU C 285 24.31 22.65 -18.00
C GLU C 285 24.20 21.24 -18.55
N ILE C 286 25.35 20.61 -18.82
CA ILE C 286 25.41 19.24 -19.33
C ILE C 286 26.46 18.49 -18.53
N PHE C 287 26.09 17.30 -18.05
CA PHE C 287 26.98 16.44 -17.27
C PHE C 287 26.88 15.04 -17.88
N GLU C 288 27.87 14.67 -18.68
CA GLU C 288 27.95 13.39 -19.36
C GLU C 288 28.97 12.50 -18.66
N PRO C 289 28.98 11.19 -18.93
CA PRO C 289 29.91 10.31 -18.20
C PRO C 289 31.38 10.59 -18.50
N SER C 290 31.71 11.25 -19.61
CA SER C 290 33.11 11.49 -19.94
C SER C 290 33.78 12.49 -19.01
N ILE C 291 33.01 13.22 -18.21
CA ILE C 291 33.60 14.14 -17.24
C ILE C 291 34.46 13.38 -16.25
N MET C 292 34.03 12.20 -15.84
CA MET C 292 34.68 11.47 -14.76
C MET C 292 35.87 10.64 -15.23
N GLU C 293 36.13 10.58 -16.54
CA GLU C 293 37.40 10.07 -17.02
C GLU C 293 38.52 10.91 -16.42
N GLY C 294 39.42 10.25 -15.70
CA GLY C 294 40.37 10.92 -14.84
C GLY C 294 40.28 10.49 -13.40
N LEU C 295 39.10 10.03 -12.96
CA LEU C 295 39.02 9.29 -11.71
C LEU C 295 39.62 7.90 -11.84
N CYS C 296 39.92 7.47 -13.06
CA CYS C 296 40.58 6.19 -13.25
C CYS C 296 42.02 6.23 -12.73
N ASP C 297 42.62 7.41 -12.62
CA ASP C 297 43.98 7.56 -12.13
C ASP C 297 44.02 8.05 -10.69
N VAL C 298 42.90 7.98 -9.97
CA VAL C 298 42.85 8.25 -8.54
C VAL C 298 42.27 7.02 -7.85
N THR C 299 42.85 6.67 -6.71
CA THR C 299 42.45 5.47 -5.96
C THR C 299 41.38 5.86 -4.95
N ILE C 300 40.17 5.35 -5.15
CA ILE C 300 39.00 5.75 -4.36
C ILE C 300 38.44 4.52 -3.66
N ASP C 301 38.27 4.63 -2.34
CA ASP C 301 37.66 3.56 -1.55
C ASP C 301 36.15 3.69 -1.50
N GLU C 302 35.65 4.91 -1.30
CA GLU C 302 34.22 5.17 -1.23
C GLU C 302 33.88 6.37 -2.09
N PHE C 303 32.81 6.26 -2.87
CA PHE C 303 32.38 7.30 -3.79
C PHE C 303 30.96 7.73 -3.45
N ARG C 304 30.74 9.03 -3.31
CA ARG C 304 29.43 9.56 -2.98
C ARG C 304 29.06 10.66 -3.97
N LEU C 305 27.99 10.45 -4.71
CA LEU C 305 27.47 11.44 -5.65
C LEU C 305 26.26 12.11 -5.01
N THR C 306 26.21 13.43 -5.08
CA THR C 306 25.07 14.18 -4.57
C THR C 306 24.28 14.75 -5.74
N TYR C 307 23.41 15.72 -5.45
CA TYR C 307 22.51 16.27 -6.46
C TYR C 307 23.29 16.77 -7.66
N THR C 308 22.76 16.47 -8.85
CA THR C 308 23.35 16.90 -10.10
C THR C 308 22.25 17.49 -10.97
N ASN C 309 22.48 18.70 -11.49
CA ASN C 309 21.51 19.36 -12.36
C ASN C 309 21.18 18.48 -13.57
N ASP C 310 22.21 18.05 -14.28
CA ASP C 310 22.05 17.14 -15.42
C ASP C 310 22.64 15.79 -15.03
N PHE C 311 21.84 14.74 -15.16
CA PHE C 311 22.27 13.41 -14.76
C PHE C 311 21.75 12.37 -15.73
N SER C 312 22.58 11.36 -16.00
CA SER C 312 22.20 10.23 -16.83
C SER C 312 22.44 8.93 -16.06
N ASP C 313 21.70 7.89 -16.45
CA ASP C 313 21.73 6.64 -15.69
C ASP C 313 23.04 5.88 -15.85
N ASP C 314 23.80 6.14 -16.91
CA ASP C 314 25.06 5.45 -17.13
C ASP C 314 26.25 6.16 -16.48
N ILE C 315 25.99 7.12 -15.59
CA ILE C 315 27.07 7.77 -14.87
C ILE C 315 27.54 6.91 -13.70
N VAL C 316 26.62 6.23 -13.02
CA VAL C 316 26.98 5.37 -11.89
C VAL C 316 27.50 4.01 -12.33
N LYS C 317 27.39 3.68 -13.62
CA LYS C 317 27.94 2.45 -14.15
C LYS C 317 29.27 2.68 -14.86
N PHE C 318 29.93 3.81 -14.58
CA PHE C 318 31.18 4.15 -15.24
C PHE C 318 32.27 3.16 -14.88
N HIS C 319 33.20 2.96 -15.83
CA HIS C 319 34.23 1.93 -15.63
C HIS C 319 35.27 2.33 -14.61
N CYS C 320 35.45 3.62 -14.33
CA CYS C 320 36.41 4.04 -13.31
C CYS C 320 35.91 3.83 -11.89
N LEU C 321 34.65 3.43 -11.71
CA LEU C 321 34.08 3.14 -10.41
C LEU C 321 34.13 1.64 -10.10
N ALA C 322 34.94 0.88 -10.83
CA ALA C 322 34.86 -0.58 -10.77
C ALA C 322 35.38 -1.11 -9.44
N ASN C 323 36.55 -0.66 -9.01
CA ASN C 323 37.13 -1.14 -7.76
C ASN C 323 36.67 -0.33 -6.55
N VAL C 324 35.69 0.57 -6.72
CA VAL C 324 35.12 1.29 -5.59
C VAL C 324 34.52 0.28 -4.62
N SER C 325 34.85 0.43 -3.34
CA SER C 325 34.41 -0.52 -2.32
C SER C 325 33.02 -0.17 -1.78
N ALA C 326 32.71 1.12 -1.66
CA ALA C 326 31.41 1.57 -1.20
C ALA C 326 30.91 2.66 -2.14
N MET C 327 29.74 2.41 -2.75
CA MET C 327 29.12 3.34 -3.68
C MET C 327 27.85 3.89 -3.05
N SER C 328 27.66 5.20 -3.13
CA SER C 328 26.50 5.85 -2.52
C SER C 328 26.00 6.98 -3.41
N LEU C 329 24.69 7.21 -3.35
CA LEU C 329 23.99 8.22 -4.13
C LEU C 329 22.98 8.91 -3.23
N ALA C 330 22.89 10.23 -3.34
CA ALA C 330 22.00 11.02 -2.49
C ALA C 330 21.48 12.21 -3.27
N GLY C 331 20.16 12.33 -3.35
CA GLY C 331 19.53 13.39 -4.11
C GLY C 331 19.67 13.28 -5.60
N VAL C 332 20.10 12.13 -6.11
CA VAL C 332 20.42 11.97 -7.52
C VAL C 332 19.15 11.70 -8.30
N SER C 333 19.09 12.24 -9.53
CA SER C 333 17.91 12.05 -10.37
C SER C 333 18.00 10.74 -11.15
N ILE C 334 18.58 9.70 -10.53
CA ILE C 334 18.64 8.41 -11.21
C ILE C 334 17.24 7.80 -11.25
N LYS C 335 16.87 7.27 -12.41
CA LYS C 335 15.56 6.67 -12.61
C LYS C 335 15.60 5.17 -12.84
N TYR C 336 16.71 4.64 -13.35
CA TYR C 336 16.86 3.20 -13.52
C TYR C 336 18.29 2.81 -13.15
N LEU C 337 18.43 1.65 -12.53
CA LEU C 337 19.74 1.12 -12.13
C LEU C 337 19.71 -0.37 -12.44
N GLU C 338 20.13 -0.72 -13.65
CA GLU C 338 20.20 -2.11 -14.07
C GLU C 338 21.41 -2.29 -14.98
N ASP C 339 21.68 -3.56 -15.31
CA ASP C 339 22.81 -3.94 -16.16
C ASP C 339 24.13 -3.39 -15.62
N VAL C 340 24.36 -3.64 -14.34
CA VAL C 340 25.59 -3.23 -13.67
C VAL C 340 26.64 -4.33 -13.86
N PRO C 341 27.85 -3.99 -14.28
CA PRO C 341 28.84 -5.03 -14.60
C PRO C 341 29.13 -5.91 -13.39
N LYS C 342 29.31 -7.21 -13.66
CA LYS C 342 29.53 -8.17 -12.59
C LYS C 342 30.95 -8.12 -12.04
N HIS C 343 31.90 -7.54 -12.77
CA HIS C 343 33.26 -7.43 -12.27
C HIS C 343 33.41 -6.30 -11.26
N PHE C 344 32.37 -5.49 -11.05
CA PHE C 344 32.45 -4.42 -10.06
C PHE C 344 32.63 -5.01 -8.67
N LYS C 345 33.46 -4.35 -7.86
CA LYS C 345 33.82 -4.82 -6.53
C LYS C 345 32.98 -4.16 -5.44
N TRP C 346 31.83 -3.58 -5.77
CA TRP C 346 31.01 -2.90 -4.79
C TRP C 346 30.66 -3.82 -3.63
N GLN C 347 30.99 -3.38 -2.42
CA GLN C 347 30.60 -4.11 -1.20
C GLN C 347 29.44 -3.48 -0.45
N SER C 348 29.12 -2.22 -0.73
CA SER C 348 27.96 -1.57 -0.13
C SER C 348 27.40 -0.57 -1.14
N LEU C 349 26.07 -0.48 -1.20
CA LEU C 349 25.39 0.39 -2.15
C LEU C 349 24.29 1.13 -1.42
N SER C 350 24.28 2.46 -1.54
CA SER C 350 23.36 3.31 -0.80
C SER C 350 22.65 4.26 -1.76
N ILE C 351 21.33 4.12 -1.85
CA ILE C 351 20.52 4.97 -2.71
C ILE C 351 19.54 5.71 -1.80
N ILE C 352 19.80 7.01 -1.59
CA ILE C 352 19.02 7.81 -0.65
C ILE C 352 18.42 9.00 -1.39
N ARG C 353 17.11 9.21 -1.20
CA ARG C 353 16.40 10.36 -1.76
C ARG C 353 16.53 10.45 -3.27
N CYS C 354 16.44 9.31 -3.95
CA CYS C 354 16.55 9.28 -5.39
C CYS C 354 15.16 9.10 -6.01
N GLN C 355 15.14 8.95 -7.33
CA GLN C 355 13.90 8.95 -8.10
C GLN C 355 13.76 7.68 -8.93
N LEU C 356 14.16 6.54 -8.37
CA LEU C 356 14.05 5.27 -9.09
C LEU C 356 12.60 4.97 -9.44
N LYS C 357 12.36 4.65 -10.72
CA LYS C 357 11.03 4.28 -11.19
C LYS C 357 10.78 2.78 -11.14
N GLN C 358 11.83 1.97 -11.06
CA GLN C 358 11.71 0.53 -10.99
C GLN C 358 12.80 -0.01 -10.07
N PHE C 359 12.48 -1.10 -9.36
CA PHE C 359 13.43 -1.65 -8.40
C PHE C 359 14.68 -2.13 -9.12
N PRO C 360 15.86 -1.86 -8.58
CA PRO C 360 17.10 -2.14 -9.32
C PRO C 360 17.30 -3.63 -9.56
N THR C 361 17.91 -3.95 -10.71
CA THR C 361 18.23 -5.33 -11.04
C THR C 361 19.69 -5.56 -10.69
N LEU C 362 19.92 -5.87 -9.41
CA LEU C 362 21.27 -6.04 -8.89
C LEU C 362 21.66 -7.51 -8.89
N ASP C 363 22.89 -7.77 -9.32
CA ASP C 363 23.42 -9.13 -9.36
C ASP C 363 24.84 -9.22 -8.83
N LEU C 364 25.34 -8.16 -8.20
CA LEU C 364 26.73 -8.10 -7.75
C LEU C 364 27.01 -9.20 -6.73
N PRO C 365 28.00 -10.08 -6.97
CA PRO C 365 28.25 -11.18 -6.04
C PRO C 365 29.06 -10.79 -4.81
N PHE C 366 29.53 -9.53 -4.74
CA PHE C 366 30.31 -9.06 -3.60
C PHE C 366 29.55 -8.11 -2.69
N LEU C 367 28.45 -7.55 -3.16
CA LEU C 367 27.66 -6.59 -2.38
C LEU C 367 27.17 -7.24 -1.10
N LYS C 368 27.65 -6.74 0.04
CA LYS C 368 27.24 -7.23 1.35
C LYS C 368 26.17 -6.38 2.02
N SER C 369 25.97 -5.15 1.56
CA SER C 369 25.05 -4.23 2.20
C SER C 369 24.35 -3.38 1.13
N LEU C 370 23.01 -3.40 1.15
CA LEU C 370 22.22 -2.63 0.21
C LEU C 370 21.26 -1.74 0.99
N THR C 371 21.29 -0.44 0.71
CA THR C 371 20.39 0.54 1.30
C THR C 371 19.70 1.30 0.19
N LEU C 372 18.36 1.26 0.17
CA LEU C 372 17.55 2.02 -0.78
C LEU C 372 16.39 2.60 0.01
N THR C 373 16.45 3.89 0.31
CA THR C 373 15.49 4.52 1.22
C THR C 373 15.11 5.90 0.70
N MET C 374 13.91 6.34 1.13
CA MET C 374 13.37 7.66 0.82
C MET C 374 13.26 7.90 -0.69
N ASN C 375 13.03 6.84 -1.45
CA ASN C 375 12.86 6.97 -2.90
C ASN C 375 11.58 7.74 -3.20
N LYS C 376 11.61 8.52 -4.28
CA LYS C 376 10.46 9.30 -4.68
C LYS C 376 9.39 8.42 -5.29
N GLY C 377 8.14 8.72 -4.98
CA GLY C 377 7.03 7.94 -5.50
C GLY C 377 6.87 6.59 -4.84
N SER C 378 6.50 5.58 -5.62
CA SER C 378 6.35 4.22 -5.12
C SER C 378 6.79 3.23 -6.19
N ILE C 379 7.48 2.18 -5.76
CA ILE C 379 7.92 1.11 -6.65
C ILE C 379 7.63 -0.22 -5.98
N SER C 380 7.54 -1.26 -6.80
CA SER C 380 7.25 -2.61 -6.33
C SER C 380 8.54 -3.43 -6.32
N PHE C 381 8.67 -4.28 -5.30
CA PHE C 381 9.89 -5.06 -5.13
C PHE C 381 10.07 -6.03 -6.30
N LYS C 382 11.32 -6.21 -6.70
CA LYS C 382 11.71 -7.12 -7.78
C LYS C 382 12.81 -8.04 -7.27
N LYS C 383 12.70 -9.32 -7.60
CA LYS C 383 13.63 -10.31 -7.07
C LYS C 383 15.05 -9.97 -7.46
N VAL C 384 15.98 -10.16 -6.51
CA VAL C 384 17.40 -9.92 -6.71
C VAL C 384 18.15 -11.21 -6.41
N ALA C 385 19.48 -11.19 -6.68
CA ALA C 385 20.34 -12.36 -6.53
C ALA C 385 21.71 -11.86 -6.04
N LEU C 386 21.82 -11.64 -4.73
CA LEU C 386 23.02 -11.08 -4.12
C LEU C 386 23.54 -12.07 -3.08
N PRO C 387 24.35 -13.05 -3.50
CA PRO C 387 24.73 -14.14 -2.58
C PRO C 387 25.60 -13.70 -1.41
N SER C 388 26.14 -12.48 -1.42
CA SER C 388 26.90 -11.95 -0.29
C SER C 388 26.08 -11.05 0.61
N LEU C 389 24.84 -10.73 0.23
CA LEU C 389 24.03 -9.75 0.95
C LEU C 389 23.76 -10.22 2.38
N SER C 390 24.13 -9.37 3.34
CA SER C 390 23.86 -9.62 4.75
C SER C 390 23.14 -8.49 5.45
N TYR C 391 22.95 -7.35 4.79
CA TYR C 391 22.27 -6.20 5.38
C TYR C 391 21.40 -5.56 4.32
N LEU C 392 20.10 -5.50 4.55
CA LEU C 392 19.15 -4.97 3.58
C LEU C 392 18.25 -3.95 4.27
N ASP C 393 18.29 -2.70 3.78
CA ASP C 393 17.46 -1.61 4.26
C ASP C 393 16.67 -1.07 3.08
N LEU C 394 15.35 -1.32 3.08
CA LEU C 394 14.46 -0.87 2.02
C LEU C 394 13.32 -0.02 2.60
N SER C 395 13.60 0.73 3.66
CA SER C 395 12.54 1.45 4.36
C SER C 395 12.20 2.77 3.67
N ARG C 396 11.03 3.31 4.04
CA ARG C 396 10.61 4.66 3.66
C ARG C 396 10.59 4.85 2.15
N ASN C 397 10.08 3.85 1.43
CA ASN C 397 10.04 3.89 -0.03
C ASN C 397 8.64 3.81 -0.60
N ALA C 398 7.60 3.66 0.23
CA ALA C 398 6.25 3.32 -0.24
C ALA C 398 6.30 2.08 -1.14
N LEU C 399 7.14 1.12 -0.75
CA LEU C 399 7.35 -0.08 -1.54
C LEU C 399 6.23 -1.07 -1.29
N SER C 400 5.86 -1.80 -2.34
CA SER C 400 4.95 -2.94 -2.21
C SER C 400 5.73 -4.21 -2.50
N PHE C 401 5.49 -5.23 -1.69
CA PHE C 401 6.23 -6.49 -1.72
C PHE C 401 5.22 -7.63 -1.84
N SER C 402 5.29 -8.37 -2.95
CA SER C 402 4.43 -9.52 -3.19
C SER C 402 5.24 -10.79 -3.02
N GLY C 403 4.77 -11.69 -2.17
CA GLY C 403 5.43 -12.96 -1.98
C GLY C 403 6.58 -12.94 -0.99
N CYS C 404 6.43 -12.22 0.11
CA CYS C 404 7.42 -12.17 1.17
C CYS C 404 7.20 -13.27 2.19
N CYS C 405 8.29 -13.90 2.63
CA CYS C 405 9.64 -13.73 2.08
C CYS C 405 10.32 -15.08 2.02
N SER C 406 11.23 -15.27 1.07
CA SER C 406 11.94 -16.54 0.97
C SER C 406 13.29 -16.31 0.33
N TYR C 407 14.09 -17.38 0.27
CA TYR C 407 15.43 -17.29 -0.30
C TYR C 407 15.41 -16.78 -1.73
N SER C 408 14.46 -17.27 -2.54
CA SER C 408 14.41 -16.94 -3.95
C SER C 408 14.08 -15.49 -4.23
N ASP C 409 13.83 -14.67 -3.19
CA ASP C 409 13.63 -13.25 -3.37
C ASP C 409 14.93 -12.47 -3.33
N LEU C 410 15.99 -13.03 -2.75
CA LEU C 410 17.21 -12.28 -2.48
C LEU C 410 18.45 -13.04 -2.96
N GLY C 411 18.41 -14.37 -2.86
CA GLY C 411 19.55 -15.17 -3.28
C GLY C 411 20.68 -15.23 -2.30
N THR C 412 20.43 -14.94 -1.02
CA THR C 412 21.45 -14.96 0.01
C THR C 412 21.05 -15.91 1.14
N ASN C 413 22.06 -16.55 1.74
CA ASN C 413 21.87 -17.41 2.89
C ASN C 413 22.52 -16.83 4.15
N SER C 414 22.89 -15.56 4.12
CA SER C 414 23.55 -14.92 5.26
C SER C 414 22.93 -13.57 5.61
N LEU C 415 21.68 -13.35 5.23
CA LEU C 415 20.98 -12.10 5.57
C LEU C 415 20.73 -12.06 7.07
N ARG C 416 21.20 -11.00 7.72
CA ARG C 416 21.03 -10.82 9.16
C ARG C 416 20.16 -9.64 9.54
N HIS C 417 19.94 -8.69 8.62
CA HIS C 417 19.22 -7.46 8.93
C HIS C 417 18.30 -7.13 7.76
N LEU C 418 17.00 -7.09 8.02
CA LEU C 418 16.00 -6.78 6.99
C LEU C 418 15.09 -5.69 7.52
N ASP C 419 15.08 -4.54 6.83
CA ASP C 419 14.27 -3.38 7.21
C ASP C 419 13.32 -3.06 6.07
N LEU C 420 12.05 -3.40 6.25
CA LEU C 420 10.99 -3.10 5.30
C LEU C 420 9.98 -2.11 5.87
N SER C 421 10.39 -1.32 6.87
CA SER C 421 9.47 -0.45 7.58
C SER C 421 9.10 0.76 6.74
N PHE C 422 8.01 1.42 7.13
CA PHE C 422 7.54 2.64 6.48
C PHE C 422 7.38 2.44 4.97
N ASN C 423 6.80 1.32 4.59
CA ASN C 423 6.53 1.00 3.19
C ASN C 423 5.02 0.80 2.99
N GLY C 424 4.65 0.33 1.81
CA GLY C 424 3.26 0.07 1.50
C GLY C 424 2.78 -1.28 1.99
N ALA C 425 2.23 -2.09 1.10
CA ALA C 425 1.68 -3.39 1.43
C ALA C 425 2.72 -4.47 1.18
N ILE C 426 2.98 -5.29 2.20
CA ILE C 426 3.87 -6.44 2.08
C ILE C 426 2.99 -7.68 2.23
N ILE C 427 2.77 -8.39 1.13
CA ILE C 427 1.91 -9.57 1.10
C ILE C 427 2.75 -10.79 1.47
N MET C 428 2.46 -11.37 2.63
CA MET C 428 3.19 -12.54 3.10
C MET C 428 2.70 -13.79 2.39
N SER C 429 3.63 -14.57 1.84
CA SER C 429 3.29 -15.83 1.19
C SER C 429 4.27 -16.95 1.51
N ALA C 430 5.39 -16.67 2.15
CA ALA C 430 6.33 -17.70 2.57
C ALA C 430 6.81 -17.38 3.98
N ASN C 431 7.50 -18.34 4.59
CA ASN C 431 7.95 -18.17 5.97
C ASN C 431 9.47 -18.21 6.08
N PHE C 432 10.15 -17.41 5.27
CA PHE C 432 11.59 -17.16 5.41
C PHE C 432 12.41 -18.45 5.30
N MET C 433 11.94 -19.38 4.48
CA MET C 433 12.72 -20.56 4.16
C MET C 433 13.98 -20.16 3.38
N GLY C 434 15.14 -20.44 3.95
CA GLY C 434 16.40 -20.02 3.37
C GLY C 434 17.03 -18.84 4.07
N LEU C 435 16.26 -18.12 4.88
CA LEU C 435 16.75 -16.93 5.56
C LEU C 435 16.77 -17.14 7.07
N GLU C 436 17.27 -18.30 7.52
CA GLU C 436 17.23 -18.64 8.93
C GLU C 436 18.26 -17.88 9.76
N GLU C 437 19.27 -17.29 9.13
CA GLU C 437 20.24 -16.49 9.86
C GLU C 437 19.72 -15.09 10.19
N LEU C 438 18.48 -14.78 9.84
CA LEU C 438 17.93 -13.45 10.07
C LEU C 438 17.80 -13.17 11.56
N GLN C 439 18.32 -12.01 11.98
CA GLN C 439 18.32 -11.63 13.39
C GLN C 439 17.55 -10.35 13.69
N HIS C 440 17.32 -9.49 12.70
CA HIS C 440 16.63 -8.23 12.90
C HIS C 440 15.64 -8.02 11.76
N LEU C 441 14.35 -7.99 12.09
CA LEU C 441 13.29 -7.86 11.11
C LEU C 441 12.36 -6.75 11.54
N ASP C 442 12.14 -5.77 10.66
CA ASP C 442 11.38 -4.57 10.98
C ASP C 442 10.32 -4.32 9.91
N PHE C 443 9.05 -4.29 10.33
CA PHE C 443 7.94 -4.01 9.43
C PHE C 443 7.15 -2.76 9.80
N GLN C 444 7.63 -1.97 10.76
CA GLN C 444 6.92 -0.82 11.31
C GLN C 444 6.23 0.05 10.26
N HIS C 445 4.97 0.38 10.49
CA HIS C 445 4.18 1.29 9.66
C HIS C 445 4.06 0.85 8.21
N SER C 446 4.40 -0.39 7.90
CA SER C 446 4.01 -1.00 6.64
C SER C 446 2.71 -1.78 6.86
N THR C 447 2.04 -2.12 5.77
CA THR C 447 0.78 -2.86 5.83
C THR C 447 1.07 -4.33 5.55
N LEU C 448 1.09 -5.13 6.61
CA LEU C 448 1.26 -6.57 6.48
C LEU C 448 -0.05 -7.21 6.04
N LYS C 449 0.02 -8.06 5.02
CA LYS C 449 -1.13 -8.80 4.52
C LYS C 449 -0.91 -10.27 4.77
N ARG C 450 -1.91 -10.94 5.35
CA ARG C 450 -1.95 -12.38 5.53
C ARG C 450 -0.91 -12.88 6.53
N VAL C 451 -0.45 -12.02 7.43
CA VAL C 451 0.55 -12.45 8.40
C VAL C 451 -0.08 -13.34 9.47
N THR C 452 -1.38 -13.18 9.73
CA THR C 452 -2.08 -13.94 10.75
C THR C 452 -2.85 -15.14 10.19
N GLU C 453 -2.51 -15.55 8.96
CA GLU C 453 -3.16 -16.69 8.32
C GLU C 453 -2.24 -17.89 8.22
N PHE C 454 -1.02 -17.80 8.73
CA PHE C 454 -0.12 -18.95 8.89
C PHE C 454 1.05 -18.49 9.75
N SER C 455 1.94 -19.43 10.06
CA SER C 455 3.14 -19.12 10.84
C SER C 455 4.18 -18.57 9.87
N ALA C 456 4.13 -17.25 9.64
CA ALA C 456 4.99 -16.60 8.66
C ALA C 456 6.42 -16.46 9.12
N PHE C 457 6.72 -16.68 10.40
CA PHE C 457 8.08 -16.56 10.91
C PHE C 457 8.61 -17.89 11.41
N LEU C 458 8.07 -19.01 10.89
CA LEU C 458 8.39 -20.32 11.43
C LEU C 458 9.88 -20.65 11.30
N SER C 459 10.52 -20.17 10.24
CA SER C 459 11.94 -20.48 10.03
C SER C 459 12.88 -19.60 10.85
N LEU C 460 12.40 -18.52 11.45
CA LEU C 460 13.28 -17.52 12.06
C LEU C 460 13.63 -17.89 13.49
N GLU C 461 14.28 -19.05 13.62
CA GLU C 461 14.66 -19.56 14.94
C GLU C 461 15.78 -18.76 15.59
N LYS C 462 16.51 -17.95 14.82
CA LYS C 462 17.57 -17.11 15.36
C LYS C 462 17.16 -15.65 15.50
N LEU C 463 15.92 -15.30 15.13
CA LEU C 463 15.48 -13.91 15.16
C LEU C 463 15.49 -13.38 16.59
N LEU C 464 16.11 -12.20 16.77
CA LEU C 464 16.18 -11.54 18.06
C LEU C 464 15.27 -10.32 18.17
N TYR C 465 15.01 -9.63 17.06
CA TYR C 465 14.28 -8.37 17.05
C TYR C 465 13.20 -8.45 15.98
N LEU C 466 11.94 -8.26 16.39
CA LEU C 466 10.81 -8.24 15.47
C LEU C 466 9.97 -7.01 15.78
N ASP C 467 9.70 -6.20 14.76
CA ASP C 467 8.91 -4.98 14.90
C ASP C 467 7.78 -5.03 13.88
N ILE C 468 6.55 -5.26 14.36
CA ILE C 468 5.38 -5.24 13.51
C ILE C 468 4.41 -4.20 14.03
N SER C 469 4.94 -3.13 14.61
CA SER C 469 4.10 -2.06 15.13
C SER C 469 3.39 -1.35 13.99
N TYR C 470 2.11 -1.01 14.23
CA TYR C 470 1.33 -0.19 13.31
C TYR C 470 1.28 -0.79 11.91
N THR C 471 1.12 -2.11 11.85
CA THR C 471 1.02 -2.82 10.57
C THR C 471 -0.42 -3.14 10.20
N ASN C 472 -1.39 -2.56 10.91
CA ASN C 472 -2.81 -2.84 10.71
C ASN C 472 -3.07 -4.34 10.68
N THR C 473 -2.60 -5.02 11.72
CA THR C 473 -2.71 -6.47 11.85
C THR C 473 -3.71 -6.79 12.94
N LYS C 474 -4.79 -7.48 12.57
CA LYS C 474 -5.76 -8.01 13.53
C LYS C 474 -5.41 -9.47 13.77
N ILE C 475 -4.86 -9.75 14.96
CA ILE C 475 -4.33 -11.07 15.26
C ILE C 475 -5.49 -12.03 15.50
N ASP C 476 -5.52 -13.11 14.73
CA ASP C 476 -6.58 -14.11 14.80
C ASP C 476 -6.02 -15.52 14.69
N PHE C 477 -4.78 -15.72 15.09
CA PHE C 477 -4.12 -17.02 14.97
C PHE C 477 -3.13 -17.16 16.11
N ASP C 478 -3.38 -18.14 16.99
CA ASP C 478 -2.52 -18.35 18.14
C ASP C 478 -1.11 -18.77 17.76
N GLY C 479 -0.92 -19.36 16.58
CA GLY C 479 0.40 -19.76 16.15
C GLY C 479 1.17 -18.72 15.37
N ILE C 480 0.77 -17.45 15.47
CA ILE C 480 1.33 -16.42 14.60
C ILE C 480 2.83 -16.23 14.84
N PHE C 481 3.29 -16.47 16.07
CA PHE C 481 4.70 -16.28 16.43
C PHE C 481 5.43 -17.61 16.64
N LEU C 482 4.92 -18.70 16.09
CA LEU C 482 5.59 -19.99 16.22
C LEU C 482 6.89 -19.97 15.46
N GLY C 483 7.97 -20.42 16.10
CA GLY C 483 9.30 -20.44 15.52
C GLY C 483 10.22 -19.37 16.06
N LEU C 484 9.68 -18.36 16.74
CA LEU C 484 10.49 -17.26 17.25
C LEU C 484 10.98 -17.55 18.66
N THR C 485 11.77 -18.62 18.77
CA THR C 485 12.24 -19.11 20.06
C THR C 485 13.45 -18.36 20.59
N SER C 486 14.17 -17.61 19.74
CA SER C 486 15.25 -16.75 20.21
C SER C 486 14.84 -15.31 20.37
N LEU C 487 13.58 -14.97 20.08
CA LEU C 487 13.12 -13.58 20.05
C LEU C 487 13.31 -12.93 21.41
N ASN C 488 14.01 -11.80 21.40
CA ASN C 488 14.21 -10.99 22.61
C ASN C 488 13.27 -9.80 22.68
N THR C 489 13.06 -9.12 21.54
CA THR C 489 12.28 -7.89 21.50
C THR C 489 11.11 -8.06 20.54
N LEU C 490 9.91 -7.76 21.03
CA LEU C 490 8.69 -7.85 20.22
C LEU C 490 7.93 -6.55 20.38
N LYS C 491 7.92 -5.74 19.32
CA LYS C 491 7.18 -4.48 19.27
C LYS C 491 5.99 -4.66 18.35
N MET C 492 4.78 -4.67 18.92
CA MET C 492 3.55 -4.85 18.15
C MET C 492 2.50 -3.83 18.54
N ALA C 493 2.93 -2.63 18.93
CA ALA C 493 2.00 -1.57 19.28
C ALA C 493 1.21 -1.12 18.06
N GLY C 494 0.01 -0.60 18.30
CA GLY C 494 -0.80 -0.03 17.25
C GLY C 494 -1.58 -1.03 16.41
N ASN C 495 -1.78 -2.24 16.92
CA ASN C 495 -2.50 -3.30 16.22
C ASN C 495 -3.80 -3.59 16.97
N SER C 496 -4.30 -4.81 16.86
CA SER C 496 -5.55 -5.19 17.50
C SER C 496 -5.58 -6.71 17.63
N PHE C 497 -6.62 -7.21 18.29
CA PHE C 497 -6.78 -8.64 18.51
C PHE C 497 -8.23 -9.03 18.26
N LYS C 498 -8.42 -10.30 17.92
CA LYS C 498 -9.76 -10.85 17.79
C LYS C 498 -10.52 -10.68 19.10
N ASP C 499 -11.65 -9.98 19.05
CA ASP C 499 -12.51 -9.73 20.21
C ASP C 499 -11.81 -8.92 21.30
N ASN C 500 -10.77 -8.16 20.93
CA ASN C 500 -10.01 -7.33 21.87
C ASN C 500 -9.49 -8.13 23.05
N THR C 501 -9.12 -9.39 22.78
CA THR C 501 -8.65 -10.31 23.81
C THR C 501 -7.21 -10.72 23.49
N LEU C 502 -6.30 -10.45 24.43
CA LEU C 502 -4.91 -10.86 24.26
C LEU C 502 -4.83 -12.38 24.35
N SER C 503 -4.67 -13.03 23.21
CA SER C 503 -4.66 -14.48 23.13
C SER C 503 -3.29 -15.04 23.54
N ASN C 504 -3.16 -16.36 23.43
CA ASN C 504 -1.95 -17.06 23.86
C ASN C 504 -1.00 -17.20 22.68
N VAL C 505 -0.34 -16.09 22.34
CA VAL C 505 0.55 -16.04 21.18
C VAL C 505 2.03 -16.04 21.58
N PHE C 506 2.33 -16.10 22.87
CA PHE C 506 3.71 -16.06 23.34
C PHE C 506 4.15 -17.38 23.95
N ALA C 507 3.51 -18.49 23.55
CA ALA C 507 3.82 -19.77 24.19
C ALA C 507 5.18 -20.32 23.76
N ASN C 508 5.64 -19.94 22.57
CA ASN C 508 6.92 -20.41 22.04
C ASN C 508 7.99 -19.31 22.06
N THR C 509 7.75 -18.20 22.74
CA THR C 509 8.72 -17.12 22.82
C THR C 509 9.21 -16.93 24.25
N THR C 510 9.90 -17.95 24.78
CA THR C 510 10.27 -17.97 26.19
C THR C 510 11.44 -17.07 26.52
N ASN C 511 12.19 -16.59 25.52
CA ASN C 511 13.32 -15.70 25.75
C ASN C 511 12.94 -14.22 25.61
N LEU C 512 11.66 -13.91 25.59
CA LEU C 512 11.21 -12.53 25.44
C LEU C 512 11.63 -11.71 26.65
N THR C 513 12.22 -10.54 26.40
CA THR C 513 12.55 -9.59 27.45
C THR C 513 11.89 -8.23 27.26
N PHE C 514 11.34 -7.95 26.07
CA PHE C 514 10.76 -6.65 25.76
C PHE C 514 9.50 -6.91 24.94
N LEU C 515 8.33 -6.61 25.53
CA LEU C 515 7.04 -6.84 24.88
C LEU C 515 6.23 -5.55 24.95
N ASP C 516 6.00 -4.93 23.80
CA ASP C 516 5.23 -3.68 23.72
C ASP C 516 3.88 -4.01 23.07
N LEU C 517 2.82 -3.90 23.88
CA LEU C 517 1.46 -4.15 23.41
C LEU C 517 0.59 -2.90 23.52
N SER C 518 1.20 -1.73 23.55
CA SER C 518 0.44 -0.50 23.71
C SER C 518 -0.41 -0.23 22.46
N LYS C 519 -1.49 0.53 22.66
CA LYS C 519 -2.36 0.96 21.56
C LYS C 519 -2.87 -0.23 20.74
N CYS C 520 -3.26 -1.29 21.44
CA CYS C 520 -3.79 -2.49 20.79
C CYS C 520 -5.27 -2.70 21.09
N GLN C 521 -5.91 -1.74 21.77
CA GLN C 521 -7.34 -1.78 22.04
C GLN C 521 -7.74 -3.01 22.86
N LEU C 522 -6.85 -3.49 23.71
CA LEU C 522 -7.15 -4.66 24.51
C LEU C 522 -8.20 -4.32 25.56
N GLU C 523 -9.11 -5.26 25.79
CA GLU C 523 -10.11 -5.14 26.84
C GLU C 523 -10.12 -6.33 27.80
N GLN C 524 -9.63 -7.49 27.38
CA GLN C 524 -9.48 -8.64 28.26
C GLN C 524 -8.14 -9.29 27.98
N ILE C 525 -7.73 -10.18 28.87
CA ILE C 525 -6.48 -10.93 28.72
C ILE C 525 -6.74 -12.38 29.10
N SER C 526 -6.53 -13.29 28.15
CA SER C 526 -6.79 -14.70 28.39
C SER C 526 -5.88 -15.24 29.48
N TRP C 527 -6.33 -16.32 30.11
CA TRP C 527 -5.59 -16.91 31.22
C TRP C 527 -4.32 -17.59 30.72
N GLY C 528 -3.24 -17.42 31.47
CA GLY C 528 -1.98 -18.08 31.20
C GLY C 528 -1.15 -17.49 30.08
N VAL C 529 -1.38 -16.23 29.71
CA VAL C 529 -0.75 -15.70 28.51
C VAL C 529 0.74 -15.45 28.74
N PHE C 530 1.13 -15.06 29.96
CA PHE C 530 2.51 -14.71 30.28
C PHE C 530 3.23 -15.80 31.07
N ASP C 531 2.67 -17.02 31.13
CA ASP C 531 3.24 -18.05 31.99
C ASP C 531 4.59 -18.53 31.49
N THR C 532 4.87 -18.41 30.19
CA THR C 532 6.14 -18.86 29.63
C THR C 532 7.18 -17.75 29.56
N LEU C 533 6.84 -16.53 29.94
CA LEU C 533 7.74 -15.39 29.80
C LEU C 533 8.56 -15.22 31.09
N HIS C 534 9.46 -16.19 31.30
CA HIS C 534 10.21 -16.25 32.54
C HIS C 534 11.28 -15.15 32.65
N ARG C 535 11.70 -14.57 31.53
CA ARG C 535 12.73 -13.54 31.53
C ARG C 535 12.20 -12.16 31.21
N LEU C 536 10.87 -12.00 31.11
CA LEU C 536 10.28 -10.73 30.71
C LEU C 536 10.75 -9.60 31.62
N GLN C 537 11.20 -8.51 31.00
CA GLN C 537 11.75 -7.37 31.74
C GLN C 537 11.00 -6.07 31.50
N LEU C 538 10.38 -5.90 30.33
CA LEU C 538 9.57 -4.72 30.05
C LEU C 538 8.25 -5.16 29.42
N LEU C 539 7.15 -4.68 29.99
CA LEU C 539 5.81 -5.02 29.51
C LEU C 539 5.02 -3.72 29.42
N ASN C 540 4.65 -3.33 28.20
CA ASN C 540 3.87 -2.12 27.96
C ASN C 540 2.49 -2.51 27.47
N MET C 541 1.49 -2.32 28.33
CA MET C 541 0.09 -2.46 27.95
C MET C 541 -0.66 -1.15 28.16
N SER C 542 0.04 -0.02 28.06
CA SER C 542 -0.59 1.28 28.17
C SER C 542 -1.41 1.57 26.92
N HIS C 543 -2.24 2.61 27.00
CA HIS C 543 -3.09 3.06 25.89
C HIS C 543 -3.92 1.91 25.33
N ASN C 544 -4.50 1.11 26.23
CA ASN C 544 -5.49 0.11 25.89
C ASN C 544 -6.80 0.47 26.60
N ASN C 545 -7.73 -0.49 26.65
CA ASN C 545 -9.04 -0.27 27.24
C ASN C 545 -9.34 -1.24 28.37
N LEU C 546 -8.31 -1.75 29.04
CA LEU C 546 -8.50 -2.72 30.11
C LEU C 546 -9.35 -2.12 31.23
N LEU C 547 -10.38 -2.85 31.65
CA LEU C 547 -11.20 -2.42 32.77
C LEU C 547 -10.76 -3.04 34.09
N PHE C 548 -10.27 -4.28 34.04
CA PHE C 548 -9.82 -4.99 35.21
C PHE C 548 -8.48 -5.64 34.92
N LEU C 549 -7.80 -6.03 35.99
CA LEU C 549 -6.55 -6.78 35.91
C LEU C 549 -6.72 -8.11 36.65
N ASP C 550 -5.90 -9.08 36.27
CA ASP C 550 -5.95 -10.42 36.82
C ASP C 550 -4.62 -10.73 37.48
N SER C 551 -4.64 -11.04 38.78
CA SER C 551 -3.43 -11.35 39.52
C SER C 551 -2.65 -12.51 38.92
N SER C 552 -3.32 -13.43 38.22
CA SER C 552 -2.63 -14.60 37.67
C SER C 552 -1.60 -14.21 36.62
N HIS C 553 -1.80 -13.08 35.94
CA HIS C 553 -0.86 -12.69 34.90
C HIS C 553 0.46 -12.20 35.48
N TYR C 554 0.44 -11.65 36.69
CA TYR C 554 1.60 -10.97 37.24
C TYR C 554 2.11 -11.61 38.53
N ASN C 555 1.82 -12.90 38.77
CA ASN C 555 2.25 -13.54 40.00
C ASN C 555 3.52 -14.37 39.83
N GLN C 556 4.09 -14.42 38.63
CA GLN C 556 5.36 -15.11 38.40
C GLN C 556 6.35 -14.23 37.64
N LEU C 557 6.04 -12.95 37.45
CA LEU C 557 6.91 -12.04 36.72
C LEU C 557 8.04 -11.54 37.61
N TYR C 558 8.79 -12.45 38.23
CA TYR C 558 9.88 -12.06 39.10
C TYR C 558 10.95 -11.28 38.36
N SER C 559 11.02 -11.43 37.03
CA SER C 559 12.05 -10.76 36.23
C SER C 559 11.64 -9.34 35.82
N LEU C 560 10.36 -9.02 35.90
CA LEU C 560 9.85 -7.78 35.34
C LEU C 560 10.51 -6.57 35.98
N LYS C 561 11.07 -5.69 35.14
CA LYS C 561 11.71 -4.46 35.60
C LYS C 561 10.90 -3.22 35.31
N GLU C 562 10.14 -3.17 34.22
CA GLU C 562 9.31 -2.02 33.90
C GLU C 562 7.93 -2.52 33.48
N LEU C 563 6.89 -1.89 34.01
CA LEU C 563 5.51 -2.25 33.70
C LEU C 563 4.70 -0.98 33.49
N ALA C 564 4.13 -0.83 32.30
CA ALA C 564 3.34 0.34 31.94
C ALA C 564 1.88 -0.08 31.81
N LEU C 565 1.04 0.43 32.72
CA LEU C 565 -0.40 0.21 32.68
C LEU C 565 -1.18 1.51 32.57
N ASP C 566 -0.50 2.62 32.24
CA ASP C 566 -1.14 3.93 32.20
C ASP C 566 -2.09 4.05 31.02
N THR C 567 -2.96 5.06 31.08
CA THR C 567 -3.90 5.39 30.01
C THR C 567 -4.74 4.17 29.63
N ASN C 568 -5.25 3.49 30.65
CA ASN C 568 -6.27 2.46 30.52
C ASN C 568 -7.56 2.99 31.15
N GLN C 569 -8.41 2.09 31.62
CA GLN C 569 -9.65 2.48 32.29
C GLN C 569 -9.85 1.73 33.60
N LEU C 570 -8.77 1.25 34.20
CA LEU C 570 -8.84 0.57 35.48
C LEU C 570 -9.38 1.51 36.54
N LYS C 571 -10.33 1.01 37.34
CA LYS C 571 -10.79 1.70 38.55
C LYS C 571 -10.25 1.08 39.82
N SER C 572 -9.73 -0.14 39.76
CA SER C 572 -9.16 -0.80 40.93
C SER C 572 -8.21 -1.88 40.46
N VAL C 573 -7.52 -2.49 41.41
CA VAL C 573 -6.69 -3.67 41.16
C VAL C 573 -6.97 -4.70 42.25
N PRO C 574 -6.82 -5.99 41.97
CA PRO C 574 -6.97 -6.98 43.04
C PRO C 574 -5.89 -6.79 44.10
N ASP C 575 -6.27 -7.03 45.35
CA ASP C 575 -5.32 -6.90 46.44
C ASP C 575 -4.15 -7.87 46.26
N GLY C 576 -2.95 -7.32 46.28
CA GLY C 576 -1.75 -8.14 46.16
C GLY C 576 -1.37 -8.47 44.73
N ILE C 577 -1.77 -7.64 43.77
CA ILE C 577 -1.44 -7.95 42.39
C ILE C 577 0.03 -7.72 42.10
N PHE C 578 0.65 -6.74 42.75
CA PHE C 578 2.03 -6.36 42.46
C PHE C 578 3.03 -6.92 43.47
N ASP C 579 2.61 -7.89 44.28
CA ASP C 579 3.46 -8.37 45.37
C ASP C 579 4.56 -9.32 44.92
N ARG C 580 4.52 -9.80 43.68
CA ARG C 580 5.55 -10.70 43.18
C ARG C 580 6.56 -10.03 42.26
N LEU C 581 6.45 -8.71 42.05
CA LEU C 581 7.34 -8.01 41.13
C LEU C 581 8.64 -7.66 41.85
N THR C 582 9.44 -8.69 42.09
CA THR C 582 10.64 -8.54 42.92
C THR C 582 11.75 -7.77 42.22
N SER C 583 11.72 -7.66 40.90
CA SER C 583 12.72 -6.92 40.16
C SER C 583 12.25 -5.53 39.73
N LEU C 584 11.01 -5.16 40.09
CA LEU C 584 10.41 -3.93 39.57
C LEU C 584 11.28 -2.71 39.86
N GLN C 585 11.38 -1.85 38.87
CA GLN C 585 12.11 -0.59 38.95
C GLN C 585 11.23 0.61 38.60
N LYS C 586 10.39 0.48 37.59
CA LYS C 586 9.50 1.56 37.19
C LYS C 586 8.11 0.99 36.90
N ILE C 587 7.08 1.77 37.19
CA ILE C 587 5.72 1.38 36.88
C ILE C 587 4.92 2.64 36.57
N TRP C 588 4.10 2.55 35.52
CA TRP C 588 3.22 3.64 35.09
C TRP C 588 1.78 3.25 35.34
N LEU C 589 1.04 4.09 36.06
CA LEU C 589 -0.37 3.86 36.34
C LEU C 589 -1.22 5.11 36.17
N HIS C 590 -0.63 6.21 35.69
CA HIS C 590 -1.36 7.46 35.56
C HIS C 590 -2.43 7.36 34.49
N THR C 591 -3.31 8.36 34.48
CA THR C 591 -4.40 8.46 33.50
C THR C 591 -5.32 7.23 33.55
N ASN C 592 -5.59 6.75 34.77
CA ASN C 592 -6.63 5.78 35.06
C ASN C 592 -7.62 6.40 36.04
N PRO C 593 -8.92 6.13 35.89
CA PRO C 593 -9.92 6.70 36.83
C PRO C 593 -10.00 5.91 38.13
N TRP C 594 -8.95 6.02 38.95
CA TRP C 594 -8.86 5.22 40.16
C TRP C 594 -9.93 5.61 41.17
N ASP C 595 -10.63 4.60 41.70
CA ASP C 595 -11.64 4.80 42.74
C ASP C 595 -10.93 4.78 44.09
N CYS C 596 -10.94 5.93 44.77
CA CYS C 596 -10.23 6.08 46.04
C CYS C 596 -11.16 5.97 47.24
N SER C 597 -12.18 5.13 47.15
CA SER C 597 -13.05 4.84 48.29
C SER C 597 -12.48 3.70 49.11
N CYS C 598 -12.64 3.79 50.42
CA CYS C 598 -12.08 2.76 51.29
C CYS C 598 -13.13 1.71 51.63
N PRO C 599 -12.74 0.45 51.86
CA PRO C 599 -11.35 -0.04 51.83
C PRO C 599 -10.92 -0.59 50.46
N ARG C 600 -11.44 -0.04 49.38
CA ARG C 600 -11.10 -0.56 48.06
C ARG C 600 -9.71 -0.14 47.61
N ILE C 601 -9.32 1.10 47.89
CA ILE C 601 -8.08 1.65 47.39
C ILE C 601 -6.97 1.44 48.43
N ASP C 602 -7.25 0.59 49.42
CA ASP C 602 -6.32 0.45 50.55
C ASP C 602 -5.01 -0.17 50.12
N TYR C 603 -5.06 -1.31 49.41
CA TYR C 603 -3.83 -1.97 48.98
C TYR C 603 -3.03 -1.09 48.04
N LEU C 604 -3.69 -0.45 47.08
CA LEU C 604 -2.97 0.32 46.08
C LEU C 604 -2.34 1.56 46.68
N SER C 605 -3.06 2.24 47.59
CA SER C 605 -2.53 3.44 48.20
C SER C 605 -1.28 3.13 49.02
N ARG C 606 -1.31 2.06 49.82
CA ARG C 606 -0.16 1.70 50.62
C ARG C 606 1.00 1.25 49.74
N TRP C 607 0.71 0.51 48.68
CA TRP C 607 1.77 0.00 47.81
C TRP C 607 2.44 1.14 47.04
N LEU C 608 1.63 2.09 46.54
CA LEU C 608 2.22 3.23 45.83
C LEU C 608 3.03 4.12 46.76
N ASN C 609 2.60 4.25 48.02
CA ASN C 609 3.35 5.04 48.98
C ASN C 609 4.67 4.36 49.33
N LYS C 610 4.63 3.05 49.58
CA LYS C 610 5.84 2.29 49.91
C LYS C 610 6.82 2.28 48.74
N ASN C 611 6.32 2.27 47.51
CA ASN C 611 7.19 2.21 46.34
C ASN C 611 7.02 3.49 45.51
N SER C 612 7.09 4.64 46.18
CA SER C 612 6.91 5.91 45.49
C SER C 612 8.09 6.25 44.58
N GLN C 613 9.25 5.62 44.78
CA GLN C 613 10.40 5.88 43.92
C GLN C 613 10.33 5.10 42.61
N LYS C 614 9.34 4.21 42.46
CA LYS C 614 9.18 3.45 41.23
C LYS C 614 8.04 3.97 40.35
N GLU C 615 7.03 4.62 40.95
CA GLU C 615 5.92 5.14 40.17
C GLU C 615 6.41 6.26 39.24
N GLN C 616 6.23 6.05 37.94
CA GLN C 616 6.50 7.07 36.94
C GLN C 616 5.20 7.77 36.59
N GLY C 617 5.14 9.07 36.82
CA GLY C 617 3.91 9.81 36.69
C GLY C 617 3.25 10.04 38.03
N SER C 618 1.92 10.21 37.99
CA SER C 618 1.16 10.45 39.21
C SER C 618 -0.24 9.90 39.00
N ALA C 619 -0.52 8.74 39.60
CA ALA C 619 -1.86 8.19 39.59
C ALA C 619 -2.75 9.02 40.50
N LYS C 620 -3.87 9.51 39.97
CA LYS C 620 -4.75 10.40 40.70
C LYS C 620 -6.13 9.76 40.87
N CYS C 621 -6.86 10.29 41.85
CA CYS C 621 -8.21 9.83 42.11
C CYS C 621 -9.20 10.51 41.17
N SER C 622 -10.31 9.81 40.91
CA SER C 622 -11.35 10.38 40.06
C SER C 622 -11.96 11.62 40.69
N GLY C 623 -12.32 11.53 41.98
CA GLY C 623 -12.97 12.64 42.66
C GLY C 623 -12.04 13.78 43.01
N SER C 624 -11.19 13.55 44.02
CA SER C 624 -10.37 14.63 44.55
C SER C 624 -9.20 14.99 43.65
N GLY C 625 -8.80 14.10 42.75
CA GLY C 625 -7.62 14.33 41.94
C GLY C 625 -6.32 14.33 42.72
N LYS C 626 -6.35 13.96 44.00
CA LYS C 626 -5.15 13.85 44.81
C LYS C 626 -4.43 12.54 44.51
N PRO C 627 -3.10 12.51 44.70
CA PRO C 627 -2.34 11.30 44.40
C PRO C 627 -2.82 10.11 45.23
N VAL C 628 -2.85 8.94 44.58
CA VAL C 628 -3.32 7.73 45.24
C VAL C 628 -2.39 7.34 46.38
N ARG C 629 -1.09 7.62 46.24
CA ARG C 629 -0.13 7.29 47.29
C ARG C 629 -0.33 8.10 48.55
N SER C 630 -1.00 9.25 48.47
CA SER C 630 -1.25 10.09 49.63
C SER C 630 -2.54 9.76 50.34
N ILE C 631 -3.26 8.74 49.90
CA ILE C 631 -4.54 8.36 50.48
C ILE C 631 -4.30 7.37 51.61
N ILE C 632 -5.00 7.58 52.72
CA ILE C 632 -4.88 6.75 53.90
C ILE C 632 -6.28 6.30 54.30
N CYS C 633 -6.48 4.96 54.41
CA CYS C 633 -7.82 4.48 54.71
C CYS C 633 -8.07 4.40 56.21
N PRO C 634 -9.34 4.49 56.62
CA PRO C 634 -9.65 4.44 58.06
C PRO C 634 -9.14 3.16 58.72
N THR C 635 -8.79 3.30 59.99
CA THR C 635 -8.25 2.21 60.79
C THR C 635 -9.23 1.05 60.90
N GLN D 44 2.81 43.80 5.66
CA GLN D 44 3.92 44.53 6.24
C GLN D 44 5.24 44.30 5.49
N GLN D 45 5.95 43.24 5.89
CA GLN D 45 7.36 43.06 5.53
C GLN D 45 7.59 43.15 4.02
N TRP D 46 6.70 42.57 3.23
CA TRP D 46 6.88 42.53 1.79
C TRP D 46 5.57 42.16 1.12
N PHE D 47 5.29 42.80 -0.01
CA PHE D 47 4.07 42.52 -0.76
C PHE D 47 4.38 42.57 -2.25
N CYS D 48 3.63 41.77 -3.01
CA CYS D 48 3.62 41.85 -4.46
C CYS D 48 2.29 41.30 -4.95
N ASN D 49 1.80 41.88 -6.05
CA ASN D 49 0.61 41.37 -6.70
C ASN D 49 0.97 40.90 -8.10
N SER D 50 0.49 39.71 -8.45
CA SER D 50 0.65 39.12 -9.77
C SER D 50 -0.65 39.27 -10.55
N SER D 51 -0.78 38.50 -11.63
CA SER D 51 -1.98 38.59 -12.44
C SER D 51 -3.21 38.11 -11.69
N ASP D 52 -3.05 37.06 -10.87
CA ASP D 52 -4.20 36.45 -10.20
C ASP D 52 -3.99 36.30 -8.69
N ALA D 53 -3.02 36.99 -8.11
CA ALA D 53 -2.76 36.81 -6.68
C ALA D 53 -2.13 38.07 -6.07
N ILE D 54 -2.55 38.37 -4.84
CA ILE D 54 -1.90 39.35 -3.99
C ILE D 54 -1.22 38.58 -2.86
N ILE D 55 0.09 38.73 -2.74
CA ILE D 55 0.90 37.94 -1.81
C ILE D 55 1.70 38.87 -0.94
N SER D 56 1.56 38.71 0.38
CA SER D 56 2.32 39.48 1.35
C SER D 56 2.62 38.58 2.54
N TYR D 57 3.49 39.07 3.43
CA TYR D 57 3.78 38.34 4.66
C TYR D 57 4.22 39.32 5.73
N SER D 58 4.30 38.80 6.95
CA SER D 58 4.81 39.54 8.10
C SER D 58 5.34 38.51 9.08
N TYR D 59 6.05 38.99 10.09
CA TYR D 59 6.52 38.10 11.14
C TYR D 59 5.35 37.68 12.03
N CYS D 60 5.44 36.48 12.58
CA CYS D 60 4.45 36.01 13.52
C CYS D 60 4.47 36.87 14.79
N ASP D 61 3.32 36.93 15.45
CA ASP D 61 3.21 37.76 16.65
C ASP D 61 4.16 37.30 17.74
N HIS D 62 4.42 35.99 17.82
CA HIS D 62 5.23 35.42 18.88
C HIS D 62 6.70 35.27 18.52
N LEU D 63 7.11 35.74 17.35
CA LEU D 63 8.49 35.53 16.90
C LEU D 63 8.79 36.53 15.78
N LYS D 64 9.71 37.46 16.04
CA LYS D 64 10.00 38.55 15.12
C LYS D 64 11.45 38.53 14.63
N PHE D 65 12.11 37.38 14.68
CA PHE D 65 13.47 37.28 14.18
C PHE D 65 13.50 37.68 12.70
N PRO D 66 14.45 38.53 12.28
CA PRO D 66 14.40 39.08 10.93
C PRO D 66 14.84 38.09 9.86
N ILE D 67 14.24 38.26 8.68
CA ILE D 67 14.58 37.49 7.49
C ILE D 67 13.92 38.17 6.29
N SER D 68 14.66 38.26 5.18
CA SER D 68 14.17 38.91 3.96
C SER D 68 13.91 37.85 2.90
N ILE D 69 12.63 37.67 2.55
CA ILE D 69 12.21 36.71 1.53
C ILE D 69 11.42 37.46 0.48
N SER D 70 11.80 37.27 -0.79
CA SER D 70 11.13 37.88 -1.92
C SER D 70 10.95 36.83 -3.02
N SER D 71 10.28 37.21 -4.10
CA SER D 71 9.94 36.28 -5.17
C SER D 71 10.09 36.96 -6.52
N GLU D 72 10.70 36.27 -7.46
CA GLU D 72 10.91 36.77 -8.82
C GLU D 72 10.51 35.68 -9.81
N PRO D 73 9.37 35.80 -10.50
CA PRO D 73 8.43 36.92 -10.40
C PRO D 73 7.45 36.75 -9.26
N CYS D 74 6.48 37.65 -9.16
CA CYS D 74 5.41 37.49 -8.19
C CYS D 74 4.60 36.24 -8.54
N ILE D 75 4.28 35.44 -7.52
CA ILE D 75 3.72 34.11 -7.74
C ILE D 75 2.34 34.24 -8.38
N ARG D 76 2.19 33.66 -9.57
CA ARG D 76 0.90 33.51 -10.23
C ARG D 76 0.37 32.11 -9.96
N LEU D 77 -0.78 32.03 -9.29
CA LEU D 77 -1.29 30.73 -8.86
C LEU D 77 -1.71 29.83 -10.02
N ARG D 78 -1.91 30.41 -11.22
CA ARG D 78 -2.12 29.58 -12.40
C ARG D 78 -0.91 28.72 -12.72
N GLY D 79 0.27 29.13 -12.26
CA GLY D 79 1.49 28.39 -12.49
C GLY D 79 2.68 29.33 -12.58
N THR D 80 3.79 28.98 -11.94
CA THR D 80 4.92 29.90 -11.86
C THR D 80 6.24 29.15 -11.89
N ASN D 81 7.20 29.70 -12.63
CA ASN D 81 8.60 29.30 -12.54
C ASN D 81 9.42 30.51 -12.14
N GLY D 82 10.36 30.31 -11.21
CA GLY D 82 11.21 31.41 -10.81
C GLY D 82 12.17 31.13 -9.67
N PHE D 83 12.43 32.14 -8.85
CA PHE D 83 13.39 32.02 -7.75
C PHE D 83 12.82 32.65 -6.50
N VAL D 84 13.14 32.06 -5.36
CA VAL D 84 12.90 32.68 -4.06
C VAL D 84 14.24 33.25 -3.58
N HIS D 85 14.23 34.52 -3.21
CA HIS D 85 15.42 35.20 -2.71
C HIS D 85 15.34 35.27 -1.19
N VAL D 86 16.30 34.63 -0.53
CA VAL D 86 16.34 34.56 0.93
C VAL D 86 17.63 35.22 1.41
N GLU D 87 17.52 36.08 2.41
CA GLU D 87 18.65 36.86 2.89
C GLU D 87 18.44 37.10 4.39
N PHE D 88 19.22 36.41 5.23
CA PHE D 88 19.05 36.52 6.67
C PHE D 88 20.26 35.92 7.37
N ILE D 89 20.34 36.19 8.67
CA ILE D 89 21.36 35.64 9.56
C ILE D 89 20.66 34.70 10.53
N PRO D 90 20.76 33.39 10.35
CA PRO D 90 19.96 32.46 11.16
C PRO D 90 20.39 32.44 12.62
N ARG D 91 19.41 32.31 13.51
CA ARG D 91 19.64 32.17 14.93
C ARG D 91 20.12 30.77 15.32
N GLY D 92 20.31 29.88 14.34
CA GLY D 92 20.78 28.53 14.62
C GLY D 92 21.36 27.91 13.36
N ASN D 93 21.95 26.73 13.54
CA ASN D 93 22.48 25.99 12.41
C ASN D 93 21.33 25.47 11.55
N LEU D 94 21.54 25.48 10.23
CA LEU D 94 20.53 25.01 9.29
C LEU D 94 20.73 23.57 8.88
N LYS D 95 21.64 22.84 9.54
CA LYS D 95 21.94 21.47 9.18
C LYS D 95 20.69 20.59 9.14
N TYR D 96 19.76 20.82 10.08
CA TYR D 96 18.53 20.04 10.12
C TYR D 96 17.32 20.96 10.05
N LEU D 97 17.26 21.81 9.03
CA LEU D 97 16.18 22.78 8.91
C LEU D 97 14.92 22.11 8.38
N TYR D 98 13.81 22.29 9.09
CA TYR D 98 12.49 21.89 8.61
C TYR D 98 11.48 22.95 9.00
N PHE D 99 10.25 22.80 8.50
CA PHE D 99 9.20 23.79 8.67
C PHE D 99 7.95 23.14 9.23
N ASN D 100 7.25 23.89 10.08
CA ASN D 100 5.86 23.59 10.44
C ASN D 100 4.97 24.56 9.66
N LEU D 101 4.03 24.01 8.89
CA LEU D 101 3.13 24.81 8.08
C LEU D 101 1.72 24.69 8.64
N PHE D 102 1.12 25.83 8.98
CA PHE D 102 -0.25 25.91 9.48
C PHE D 102 -1.06 26.69 8.44
N ILE D 103 -1.86 25.98 7.66
CA ILE D 103 -2.57 26.57 6.53
C ILE D 103 -4.06 26.66 6.86
N SER D 104 -4.65 27.81 6.52
CA SER D 104 -6.10 27.97 6.50
C SER D 104 -6.51 28.51 5.15
N VAL D 105 -7.57 27.93 4.57
CA VAL D 105 -8.08 28.30 3.26
C VAL D 105 -9.51 28.76 3.42
N ASN D 106 -9.77 30.03 3.12
CA ASN D 106 -11.08 30.65 3.33
C ASN D 106 -11.56 30.40 4.76
N SER D 107 -10.64 30.61 5.70
CA SER D 107 -10.86 30.50 7.15
C SER D 107 -11.06 29.08 7.63
N ILE D 108 -10.85 28.07 6.79
CA ILE D 108 -10.95 26.67 7.19
C ILE D 108 -9.55 26.14 7.43
N GLU D 109 -9.35 25.52 8.60
CA GLU D 109 -8.01 25.09 8.99
C GLU D 109 -7.68 23.74 8.36
N LEU D 110 -6.53 23.68 7.69
CA LEU D 110 -5.96 22.42 7.23
C LEU D 110 -5.12 21.79 8.33
N PRO D 111 -4.92 20.47 8.29
CA PRO D 111 -4.09 19.83 9.31
C PRO D 111 -2.66 20.35 9.26
N LYS D 112 -2.02 20.34 10.43
CA LYS D 112 -0.64 20.80 10.52
C LYS D 112 0.27 19.94 9.66
N ARG D 113 1.20 20.60 8.97
CA ARG D 113 2.17 19.96 8.08
CA ARG D 113 2.15 19.88 8.15
C ARG D 113 3.57 20.14 8.63
N LYS D 114 4.47 19.22 8.26
CA LYS D 114 5.88 19.33 8.58
C LYS D 114 6.66 19.01 7.32
N GLU D 115 7.58 19.90 6.95
CA GLU D 115 8.32 19.78 5.70
C GLU D 115 9.81 19.96 5.95
N VAL D 116 10.60 19.00 5.49
CA VAL D 116 12.02 18.94 5.75
C VAL D 116 12.77 19.50 4.53
N LEU D 117 13.60 20.52 4.77
CA LEU D 117 14.47 21.07 3.74
C LEU D 117 15.88 20.47 3.81
N CYS D 118 16.47 20.42 5.00
CA CYS D 118 17.80 19.89 5.20
C CYS D 118 17.69 18.62 6.05
N HIS D 119 18.05 17.48 5.46
CA HIS D 119 17.98 16.22 6.19
C HIS D 119 19.23 15.98 7.05
N GLY D 120 20.31 16.70 6.79
CA GLY D 120 21.53 16.55 7.55
C GLY D 120 22.59 15.68 6.92
N HIS D 121 22.37 15.17 5.70
CA HIS D 121 23.36 14.35 5.01
C HIS D 121 23.23 14.56 3.51
N ASP D 122 24.29 15.08 2.88
CA ASP D 122 24.34 15.26 1.43
C ASP D 122 23.10 15.98 0.91
N ASP D 123 22.81 17.13 1.50
CA ASP D 123 21.59 17.86 1.16
C ASP D 123 21.73 18.58 -0.16
N ASP D 124 20.59 18.95 -0.74
CA ASP D 124 20.55 19.52 -2.08
C ASP D 124 20.91 21.00 -2.12
N TYR D 125 20.79 21.71 -1.00
CA TYR D 125 20.95 23.16 -0.98
C TYR D 125 22.21 23.56 -0.25
N SER D 126 22.87 24.60 -0.77
CA SER D 126 24.11 25.09 -0.17
C SER D 126 23.86 25.67 1.22
N PHE D 127 22.69 26.26 1.46
CA PHE D 127 22.46 26.91 2.74
C PHE D 127 22.29 25.93 3.90
N CYS D 128 22.15 24.63 3.62
CA CYS D 128 22.11 23.66 4.70
C CYS D 128 23.43 23.62 5.47
N ARG D 129 24.51 24.12 4.88
CA ARG D 129 25.80 24.17 5.55
C ARG D 129 25.95 25.37 6.47
N ALA D 130 25.06 26.35 6.36
CA ALA D 130 25.21 27.59 7.12
C ALA D 130 25.14 27.33 8.61
N LEU D 131 25.92 28.09 9.37
CA LEU D 131 25.94 27.97 10.82
C LEU D 131 25.16 29.12 11.45
N LYS D 132 24.94 29.01 12.76
CA LYS D 132 24.34 30.10 13.51
C LYS D 132 25.21 31.35 13.42
N GLY D 133 24.59 32.47 13.03
CA GLY D 133 25.30 33.72 12.91
C GLY D 133 25.94 33.98 11.56
N GLU D 134 25.98 32.99 10.69
CA GLU D 134 26.58 33.14 9.36
C GLU D 134 25.57 33.73 8.38
N THR D 135 26.03 34.68 7.57
CA THR D 135 25.15 35.30 6.59
C THR D 135 24.69 34.28 5.55
N VAL D 136 23.40 34.32 5.25
CA VAL D 136 22.80 33.49 4.20
C VAL D 136 22.17 34.42 3.17
N ASN D 137 22.63 34.31 1.94
CA ASN D 137 22.03 35.04 0.82
C ASN D 137 22.00 34.08 -0.36
N THR D 138 20.80 33.72 -0.81
CA THR D 138 20.68 32.63 -1.77
C THR D 138 19.40 32.80 -2.58
N SER D 139 19.41 32.23 -3.79
CA SER D 139 18.25 32.22 -4.67
C SER D 139 17.89 30.77 -4.97
N ILE D 140 16.67 30.38 -4.60
CA ILE D 140 16.22 28.99 -4.68
C ILE D 140 15.28 28.87 -5.88
N PRO D 141 15.62 28.05 -6.88
CA PRO D 141 14.69 27.81 -7.98
C PRO D 141 13.47 27.02 -7.53
N PHE D 142 12.29 27.47 -7.98
CA PHE D 142 11.04 26.79 -7.68
C PHE D 142 10.17 26.77 -8.93
N SER D 143 9.22 25.84 -8.95
CA SER D 143 8.33 25.65 -10.09
C SER D 143 7.12 24.85 -9.65
N PHE D 144 5.92 25.30 -10.05
CA PHE D 144 4.70 24.59 -9.74
C PHE D 144 3.64 24.95 -10.77
N GLU D 145 2.80 23.96 -11.11
CA GLU D 145 1.75 24.13 -12.10
C GLU D 145 0.80 22.95 -11.99
N GLY D 146 -0.37 23.09 -12.61
CA GLY D 146 -1.31 21.99 -12.74
C GLY D 146 -2.25 21.79 -11.58
N ILE D 147 -2.24 22.67 -10.58
CA ILE D 147 -3.09 22.55 -9.39
C ILE D 147 -4.14 23.64 -9.43
N LEU D 148 -5.35 23.30 -9.02
CA LEU D 148 -6.46 24.25 -8.96
C LEU D 148 -6.58 24.82 -7.55
N PHE D 149 -6.34 26.14 -7.42
CA PHE D 149 -6.44 26.83 -6.14
C PHE D 149 -7.81 27.47 -6.00
N PRO D 150 -8.49 27.27 -4.87
CA PRO D 150 -9.81 27.87 -4.71
C PRO D 150 -9.73 29.39 -4.65
N LYS D 151 -10.79 30.04 -5.12
CA LYS D 151 -10.89 31.48 -5.00
C LYS D 151 -11.00 31.88 -3.52
N GLY D 152 -10.57 33.10 -3.22
CA GLY D 152 -10.63 33.62 -1.87
C GLY D 152 -9.26 33.98 -1.34
N HIS D 153 -9.12 33.90 -0.02
CA HIS D 153 -7.90 34.28 0.66
C HIS D 153 -7.42 33.14 1.56
N TYR D 154 -6.11 32.94 1.59
CA TYR D 154 -5.50 31.93 2.45
C TYR D 154 -4.57 32.59 3.45
N ARG D 155 -4.40 31.91 4.58
CA ARG D 155 -3.37 32.23 5.55
C ARG D 155 -2.43 31.03 5.66
N CYS D 156 -1.13 31.31 5.71
CA CYS D 156 -0.13 30.26 5.93
C CYS D 156 0.97 30.84 6.80
N VAL D 157 1.07 30.35 8.03
CA VAL D 157 2.18 30.66 8.90
C VAL D 157 3.19 29.54 8.75
N ALA D 158 4.42 29.90 8.37
CA ALA D 158 5.50 28.94 8.19
C ALA D 158 6.48 29.13 9.34
N GLU D 159 6.75 28.05 10.07
CA GLU D 159 7.60 28.08 11.26
C GLU D 159 8.84 27.27 10.99
N ALA D 160 10.00 27.92 10.96
CA ALA D 160 11.27 27.25 10.70
C ALA D 160 11.88 26.75 12.00
N ILE D 161 12.24 25.48 12.02
CA ILE D 161 12.80 24.82 13.20
C ILE D 161 14.17 24.27 12.84
N ALA D 162 15.11 24.38 13.78
CA ALA D 162 16.39 23.68 13.70
C ALA D 162 16.21 22.32 14.38
N GLY D 163 16.17 21.26 13.59
CA GLY D 163 15.85 19.95 14.10
C GLY D 163 16.79 19.44 15.18
N ASP D 164 18.04 19.91 15.21
CA ASP D 164 18.97 19.44 16.22
C ASP D 164 18.67 20.02 17.59
N THR D 165 18.18 21.26 17.66
CA THR D 165 17.82 21.90 18.90
C THR D 165 16.32 22.04 19.12
N GLU D 166 15.51 21.83 18.07
CA GLU D 166 14.06 22.05 18.11
C GLU D 166 13.72 23.49 18.48
N GLU D 167 14.66 24.40 18.26
CA GLU D 167 14.44 25.81 18.55
C GLU D 167 13.99 26.54 17.30
N LYS D 168 13.02 27.44 17.46
CA LYS D 168 12.47 28.16 16.32
C LYS D 168 13.47 29.18 15.81
N LEU D 169 13.71 29.17 14.49
CA LEU D 169 14.65 30.10 13.89
C LEU D 169 13.96 31.36 13.39
N PHE D 170 12.79 31.23 12.79
CA PHE D 170 11.96 32.37 12.44
C PHE D 170 10.53 31.88 12.21
N CYS D 171 9.64 32.81 11.85
CA CYS D 171 8.24 32.50 11.67
C CYS D 171 7.62 33.58 10.79
N LEU D 172 7.00 33.16 9.69
CA LEU D 172 6.39 34.09 8.75
C LEU D 172 4.89 33.88 8.70
N ASN D 173 4.17 34.95 8.37
CA ASN D 173 2.71 34.97 8.35
C ASN D 173 2.27 35.44 6.97
N PHE D 174 2.19 34.52 6.02
CA PHE D 174 1.82 34.86 4.66
C PHE D 174 0.32 35.09 4.54
N THR D 175 -0.06 35.94 3.59
CA THR D 175 -1.48 36.22 3.32
C THR D 175 -1.65 36.27 1.80
N ILE D 176 -2.35 35.28 1.25
CA ILE D 176 -2.54 35.14 -0.19
C ILE D 176 -3.98 35.48 -0.52
N ILE D 177 -4.18 36.35 -1.51
CA ILE D 177 -5.50 36.67 -2.04
C ILE D 177 -5.55 36.21 -3.49
N HIS D 178 -6.49 35.32 -3.80
CA HIS D 178 -6.66 34.80 -5.15
C HIS D 178 -7.93 35.40 -5.75
N ARG D 179 -7.77 36.09 -6.88
CA ARG D 179 -8.88 36.82 -7.48
C ARG D 179 -9.26 36.23 -8.83
#